data_2LLW
#
_entry.id   2LLW
#
_entity_poly.entity_id   1
_entity_poly.type   'polypeptide(L)'
_entity_poly.pdbx_seq_one_letter_code
;QPGTSNETPEETYQRAMKDPEVAAIMQDPVMQSILQQAQQNPAALQEHMKNPEVFKKIQTLIAAGIIRTGR
;
_entity_poly.pdbx_strand_id   A
#
# COMPACT_ATOMS: atom_id res chain seq x y z
N GLN A 1 3.34 22.74 9.75
CA GLN A 1 4.03 22.39 10.99
C GLN A 1 4.22 20.88 11.09
N PRO A 2 5.43 20.41 11.23
CA PRO A 2 5.70 18.94 11.30
C PRO A 2 4.98 18.27 12.48
N GLY A 3 4.83 19.01 13.57
CA GLY A 3 4.16 18.47 14.75
C GLY A 3 2.71 18.10 14.44
N THR A 4 2.03 18.98 13.71
CA THR A 4 0.64 18.73 13.34
C THR A 4 0.53 18.16 11.93
N SER A 5 1.56 17.41 11.53
CA SER A 5 1.57 16.82 10.19
C SER A 5 0.35 15.94 9.96
N ASN A 6 -0.05 15.81 8.70
CA ASN A 6 -1.20 14.99 8.35
C ASN A 6 -1.40 14.97 6.84
N GLU A 7 -1.11 16.09 6.18
CA GLU A 7 -1.24 16.17 4.72
C GLU A 7 0.09 15.91 4.04
N THR A 8 0.99 15.30 4.77
CA THR A 8 2.32 14.97 4.27
C THR A 8 2.47 13.46 4.03
N PRO A 9 1.98 12.95 2.92
CA PRO A 9 2.12 11.49 2.61
C PRO A 9 3.56 11.03 2.72
N GLU A 10 4.49 11.96 2.48
CA GLU A 10 5.91 11.64 2.55
C GLU A 10 6.28 11.15 3.93
N GLU A 11 5.64 11.71 4.96
CA GLU A 11 5.93 11.32 6.33
C GLU A 11 5.50 9.87 6.55
N THR A 12 4.33 9.52 6.02
CA THR A 12 3.81 8.17 6.17
C THR A 12 4.78 7.15 5.59
N TYR A 13 5.32 7.46 4.42
CA TYR A 13 6.25 6.55 3.77
C TYR A 13 7.46 6.25 4.65
N GLN A 14 8.06 7.29 5.23
CA GLN A 14 9.23 7.09 6.09
C GLN A 14 8.89 6.14 7.25
N ARG A 15 7.75 6.34 7.88
CA ARG A 15 7.35 5.50 9.00
C ARG A 15 7.28 4.04 8.55
N ALA A 16 6.62 3.81 7.42
CA ALA A 16 6.47 2.46 6.90
C ALA A 16 7.83 1.87 6.53
N MET A 17 8.75 2.73 6.11
CA MET A 17 10.08 2.29 5.72
C MET A 17 10.79 1.63 6.89
N LYS A 18 10.47 2.06 8.10
CA LYS A 18 11.09 1.49 9.29
C LYS A 18 10.58 0.09 9.54
N ASP A 19 9.38 -0.21 9.05
CA ASP A 19 8.79 -1.53 9.23
C ASP A 19 9.40 -2.53 8.22
N PRO A 20 10.02 -3.58 8.69
CA PRO A 20 10.66 -4.59 7.79
C PRO A 20 9.67 -5.24 6.83
N GLU A 21 8.42 -5.39 7.27
CA GLU A 21 7.41 -6.02 6.42
C GLU A 21 7.08 -5.12 5.25
N VAL A 22 7.09 -3.82 5.49
CA VAL A 22 6.78 -2.86 4.45
C VAL A 22 7.87 -2.86 3.39
N ALA A 23 9.12 -2.83 3.82
CA ALA A 23 10.24 -2.80 2.87
C ALA A 23 10.20 -4.00 1.93
N ALA A 24 10.00 -5.17 2.52
CA ALA A 24 9.97 -6.41 1.73
C ALA A 24 8.85 -6.41 0.68
N ILE A 25 7.65 -6.01 1.09
CA ILE A 25 6.51 -6.00 0.18
C ILE A 25 6.66 -4.93 -0.92
N MET A 26 7.07 -3.73 -0.54
CA MET A 26 7.22 -2.64 -1.51
C MET A 26 8.22 -3.03 -2.60
N GLN A 27 9.18 -3.86 -2.23
CA GLN A 27 10.19 -4.32 -3.19
C GLN A 27 9.62 -5.43 -4.08
N ASP A 28 8.39 -5.82 -3.84
CA ASP A 28 7.74 -6.87 -4.63
C ASP A 28 6.89 -6.24 -5.75
N PRO A 29 7.18 -6.56 -7.00
CA PRO A 29 6.43 -6.00 -8.17
C PRO A 29 4.96 -6.43 -8.23
N VAL A 30 4.60 -7.43 -7.43
CA VAL A 30 3.23 -7.95 -7.46
C VAL A 30 2.22 -6.84 -7.16
N MET A 31 2.53 -5.98 -6.20
CA MET A 31 1.59 -4.93 -5.84
C MET A 31 1.39 -3.95 -6.98
N GLN A 32 2.45 -3.64 -7.71
CA GLN A 32 2.33 -2.72 -8.84
C GLN A 32 1.31 -3.24 -9.83
N SER A 33 1.40 -4.53 -10.14
CA SER A 33 0.48 -5.17 -11.08
C SER A 33 -0.97 -5.07 -10.59
N ILE A 34 -1.19 -5.26 -9.29
CA ILE A 34 -2.55 -5.20 -8.75
C ILE A 34 -3.17 -3.83 -9.00
N LEU A 35 -2.42 -2.78 -8.68
CA LEU A 35 -2.91 -1.42 -8.87
C LEU A 35 -3.32 -1.18 -10.32
N GLN A 36 -2.46 -1.56 -11.25
CA GLN A 36 -2.76 -1.37 -12.67
C GLN A 36 -4.06 -2.09 -13.05
N GLN A 37 -4.17 -3.34 -12.64
CA GLN A 37 -5.36 -4.12 -12.95
C GLN A 37 -6.61 -3.46 -12.38
N ALA A 38 -6.49 -2.89 -11.19
CA ALA A 38 -7.62 -2.22 -10.55
C ALA A 38 -8.17 -1.10 -11.43
N GLN A 39 -7.27 -0.42 -12.14
CA GLN A 39 -7.69 0.66 -13.02
C GLN A 39 -8.54 0.08 -14.14
N GLN A 40 -8.09 -1.06 -14.68
CA GLN A 40 -8.81 -1.73 -15.75
C GLN A 40 -10.13 -2.29 -15.25
N ASN A 41 -10.16 -2.71 -13.98
CA ASN A 41 -11.38 -3.27 -13.40
C ASN A 41 -11.26 -3.29 -11.87
N PRO A 42 -12.27 -2.83 -11.16
CA PRO A 42 -12.24 -2.78 -9.67
C PRO A 42 -12.13 -4.17 -9.04
N ALA A 43 -12.67 -5.18 -9.70
CA ALA A 43 -12.65 -6.54 -9.18
C ALA A 43 -11.22 -7.13 -9.20
N ALA A 44 -10.36 -6.55 -10.03
CA ALA A 44 -8.99 -7.05 -10.14
C ALA A 44 -8.28 -7.04 -8.78
N LEU A 45 -8.31 -5.90 -8.10
CA LEU A 45 -7.65 -5.81 -6.80
C LEU A 45 -8.39 -6.64 -5.75
N GLN A 46 -9.71 -6.79 -5.93
CA GLN A 46 -10.50 -7.55 -4.96
C GLN A 46 -9.97 -8.98 -4.82
N GLU A 47 -9.83 -9.69 -5.94
CA GLU A 47 -9.35 -11.07 -5.89
C GLU A 47 -7.95 -11.12 -5.31
N HIS A 48 -7.20 -10.04 -5.49
CA HIS A 48 -5.85 -9.98 -4.95
C HIS A 48 -5.87 -9.97 -3.43
N MET A 49 -6.79 -9.22 -2.85
CA MET A 49 -6.91 -9.14 -1.40
C MET A 49 -7.27 -10.51 -0.83
N LYS A 50 -8.09 -11.25 -1.56
CA LYS A 50 -8.51 -12.57 -1.11
C LYS A 50 -7.33 -13.54 -1.10
N ASN A 51 -6.45 -13.40 -2.08
CA ASN A 51 -5.27 -14.27 -2.18
C ASN A 51 -4.44 -14.16 -0.89
N PRO A 52 -4.01 -15.28 -0.34
CA PRO A 52 -3.24 -15.27 0.94
C PRO A 52 -1.89 -14.52 0.85
N GLU A 53 -1.17 -14.73 -0.25
CA GLU A 53 0.13 -14.08 -0.40
C GLU A 53 -0.05 -12.58 -0.60
N VAL A 54 -0.99 -12.22 -1.46
CA VAL A 54 -1.24 -10.82 -1.73
C VAL A 54 -1.96 -10.18 -0.55
N PHE A 55 -2.81 -10.94 0.13
CA PHE A 55 -3.56 -10.42 1.27
C PHE A 55 -2.61 -9.79 2.28
N LYS A 56 -1.59 -10.53 2.69
CA LYS A 56 -0.62 -10.01 3.66
C LYS A 56 0.09 -8.77 3.12
N LYS A 57 0.44 -8.81 1.83
CA LYS A 57 1.15 -7.69 1.20
C LYS A 57 0.30 -6.43 1.15
N ILE A 58 -0.89 -6.55 0.61
CA ILE A 58 -1.79 -5.41 0.47
C ILE A 58 -2.08 -4.76 1.83
N GLN A 59 -2.49 -5.58 2.80
CA GLN A 59 -2.82 -5.06 4.14
C GLN A 59 -1.64 -4.33 4.80
N THR A 60 -0.43 -4.87 4.67
CA THR A 60 0.73 -4.26 5.30
C THR A 60 0.90 -2.79 4.90
N LEU A 61 0.86 -2.50 3.60
CA LEU A 61 1.04 -1.12 3.17
C LEU A 61 -0.14 -0.23 3.59
N ILE A 62 -1.34 -0.79 3.63
CA ILE A 62 -2.51 0.00 4.03
C ILE A 62 -2.35 0.49 5.47
N ALA A 63 -2.04 -0.44 6.37
CA ALA A 63 -1.85 -0.10 7.77
C ALA A 63 -0.73 0.92 7.92
N ALA A 64 0.28 0.80 7.06
CA ALA A 64 1.41 1.71 7.08
C ALA A 64 1.04 3.09 6.53
N GLY A 65 -0.18 3.23 5.99
CA GLY A 65 -0.62 4.50 5.44
C GLY A 65 0.12 4.85 4.15
N ILE A 66 0.65 3.83 3.48
CA ILE A 66 1.38 4.06 2.24
C ILE A 66 0.43 4.10 1.04
N ILE A 67 -0.69 3.39 1.16
CA ILE A 67 -1.66 3.34 0.08
C ILE A 67 -3.06 3.64 0.62
N ARG A 68 -3.83 4.41 -0.14
CA ARG A 68 -5.18 4.76 0.26
C ARG A 68 -6.20 3.87 -0.45
N THR A 69 -6.99 3.14 0.33
CA THR A 69 -7.99 2.25 -0.24
C THR A 69 -9.40 2.63 0.20
N GLY A 70 -9.57 3.88 0.62
CA GLY A 70 -10.89 4.34 1.07
C GLY A 70 -11.73 4.79 -0.11
N ARG A 71 -12.93 5.31 0.18
CA ARG A 71 -13.83 5.77 -0.86
C ARG A 71 -14.69 6.92 -0.35
N GLN A 1 4.53 26.72 5.38
CA GLN A 1 4.55 26.82 6.83
C GLN A 1 4.25 25.47 7.48
N PRO A 2 5.26 24.74 7.92
CA PRO A 2 5.07 23.38 8.50
C PRO A 2 4.21 23.43 9.77
N GLY A 3 3.40 22.39 9.96
CA GLY A 3 2.52 22.32 11.14
C GLY A 3 1.67 21.06 11.11
N THR A 4 0.66 21.01 11.98
CA THR A 4 -0.24 19.86 12.03
C THR A 4 -1.37 20.01 11.03
N SER A 5 -1.84 21.25 10.85
CA SER A 5 -2.90 21.53 9.88
C SER A 5 -2.40 21.29 8.45
N ASN A 6 -1.13 21.61 8.21
CA ASN A 6 -0.53 21.42 6.89
C ASN A 6 -0.51 19.94 6.49
N GLU A 7 -0.35 19.07 7.49
CA GLU A 7 -0.31 17.62 7.25
C GLU A 7 0.91 17.25 6.41
N THR A 8 1.37 16.00 6.56
CA THR A 8 2.60 15.56 5.90
C THR A 8 2.51 14.06 5.58
N PRO A 9 2.10 13.72 4.37
CA PRO A 9 2.17 12.30 3.89
C PRO A 9 3.61 11.76 3.91
N GLU A 10 4.58 12.66 3.77
CA GLU A 10 5.99 12.27 3.80
C GLU A 10 6.35 11.61 5.14
N GLU A 11 5.73 12.09 6.21
CA GLU A 11 5.99 11.56 7.54
C GLU A 11 5.49 10.12 7.65
N THR A 12 4.32 9.86 7.05
CA THR A 12 3.74 8.52 7.08
C THR A 12 4.67 7.51 6.40
N TYR A 13 5.24 7.90 5.26
CA TYR A 13 6.16 7.02 4.52
C TYR A 13 7.37 6.66 5.38
N GLN A 14 7.97 7.65 6.04
CA GLN A 14 9.15 7.41 6.88
C GLN A 14 8.84 6.38 7.97
N ARG A 15 7.68 6.52 8.61
CA ARG A 15 7.28 5.59 9.67
C ARG A 15 7.24 4.16 9.12
N ALA A 16 6.56 3.99 7.98
CA ALA A 16 6.44 2.69 7.35
C ALA A 16 7.81 2.13 6.95
N MET A 17 8.72 3.03 6.57
CA MET A 17 10.06 2.63 6.12
C MET A 17 10.83 1.93 7.23
N LYS A 18 10.57 2.31 8.48
CA LYS A 18 11.20 1.65 9.61
C LYS A 18 10.64 0.25 9.82
N ASP A 19 9.42 0.02 9.33
CA ASP A 19 8.81 -1.31 9.39
C ASP A 19 9.33 -2.18 8.22
N PRO A 20 10.13 -3.19 8.51
CA PRO A 20 10.79 -3.99 7.42
C PRO A 20 9.78 -4.63 6.46
N GLU A 21 8.57 -4.89 6.95
CA GLU A 21 7.54 -5.51 6.12
C GLU A 21 7.12 -4.55 5.00
N VAL A 22 7.16 -3.25 5.29
CA VAL A 22 6.81 -2.24 4.29
C VAL A 22 7.83 -2.25 3.15
N ALA A 23 9.11 -2.25 3.51
CA ALA A 23 10.18 -2.17 2.51
C ALA A 23 10.10 -3.34 1.54
N ALA A 24 9.92 -4.54 2.10
CA ALA A 24 9.92 -5.76 1.29
C ALA A 24 8.76 -5.76 0.30
N ILE A 25 7.57 -5.39 0.78
CA ILE A 25 6.36 -5.43 -0.05
C ILE A 25 6.42 -4.37 -1.16
N MET A 26 7.04 -3.22 -0.87
CA MET A 26 7.16 -2.16 -1.86
C MET A 26 7.94 -2.64 -3.09
N GLN A 27 8.93 -3.50 -2.84
CA GLN A 27 9.57 -4.23 -3.93
C GLN A 27 8.70 -5.42 -4.33
N ASP A 28 9.19 -6.25 -5.24
CA ASP A 28 8.44 -7.43 -5.71
C ASP A 28 7.24 -6.96 -6.57
N PRO A 29 7.11 -7.47 -7.77
CA PRO A 29 6.31 -6.80 -8.84
C PRO A 29 4.80 -6.86 -8.61
N VAL A 30 4.36 -7.71 -7.68
CA VAL A 30 2.94 -8.07 -7.57
C VAL A 30 2.06 -6.81 -7.43
N MET A 31 2.43 -5.92 -6.53
CA MET A 31 1.57 -4.79 -6.20
C MET A 31 1.38 -3.86 -7.40
N GLN A 32 2.43 -3.67 -8.19
CA GLN A 32 2.32 -2.87 -9.42
C GLN A 32 1.28 -3.47 -10.35
N SER A 33 1.30 -4.80 -10.46
CA SER A 33 0.31 -5.51 -11.28
C SER A 33 -1.12 -5.27 -10.80
N ILE A 34 -1.33 -5.29 -9.48
CA ILE A 34 -2.68 -5.12 -8.92
C ILE A 34 -3.23 -3.75 -9.29
N LEU A 35 -2.44 -2.71 -9.08
CA LEU A 35 -2.87 -1.33 -9.35
C LEU A 35 -3.28 -1.17 -10.82
N GLN A 36 -2.41 -1.59 -11.73
CA GLN A 36 -2.70 -1.46 -13.17
C GLN A 36 -3.98 -2.20 -13.52
N GLN A 37 -4.08 -3.46 -13.10
CA GLN A 37 -5.22 -4.32 -13.45
C GLN A 37 -6.53 -3.71 -12.96
N ALA A 38 -6.51 -3.12 -11.77
CA ALA A 38 -7.71 -2.52 -11.19
C ALA A 38 -8.21 -1.35 -12.02
N GLN A 39 -7.28 -0.59 -12.61
CA GLN A 39 -7.65 0.55 -13.44
C GLN A 39 -8.39 0.08 -14.69
N GLN A 40 -7.87 -0.97 -15.31
CA GLN A 40 -8.53 -1.58 -16.46
C GLN A 40 -9.76 -2.39 -16.03
N ASN A 41 -9.73 -2.90 -14.80
CA ASN A 41 -10.80 -3.76 -14.32
C ASN A 41 -10.76 -3.86 -12.78
N PRO A 42 -11.52 -3.05 -12.08
CA PRO A 42 -11.31 -2.83 -10.61
C PRO A 42 -11.54 -4.09 -9.77
N ALA A 43 -12.21 -5.10 -10.35
CA ALA A 43 -12.54 -6.31 -9.60
C ALA A 43 -11.28 -7.09 -9.22
N ALA A 44 -10.26 -7.04 -10.08
CA ALA A 44 -9.02 -7.76 -9.83
C ALA A 44 -8.39 -7.36 -8.50
N LEU A 45 -8.56 -6.10 -8.11
CA LEU A 45 -7.91 -5.61 -6.89
C LEU A 45 -8.53 -6.28 -5.66
N GLN A 46 -9.85 -6.49 -5.71
CA GLN A 46 -10.56 -7.13 -4.60
C GLN A 46 -10.05 -8.56 -4.39
N GLU A 47 -10.05 -9.36 -5.47
CA GLU A 47 -9.61 -10.76 -5.37
C GLU A 47 -8.16 -10.85 -4.90
N HIS A 48 -7.37 -9.82 -5.19
CA HIS A 48 -5.99 -9.76 -4.72
C HIS A 48 -5.93 -9.71 -3.19
N MET A 49 -6.74 -8.85 -2.59
CA MET A 49 -6.75 -8.70 -1.14
C MET A 49 -7.18 -10.01 -0.47
N LYS A 50 -8.11 -10.72 -1.09
CA LYS A 50 -8.55 -12.02 -0.57
C LYS A 50 -7.44 -13.07 -0.73
N ASN A 51 -6.68 -12.96 -1.82
CA ASN A 51 -5.56 -13.88 -2.06
C ASN A 51 -4.54 -13.82 -0.90
N PRO A 52 -4.06 -14.96 -0.44
CA PRO A 52 -3.28 -15.01 0.85
C PRO A 52 -1.97 -14.23 0.79
N GLU A 53 -1.20 -14.45 -0.29
CA GLU A 53 0.12 -13.83 -0.40
C GLU A 53 -0.03 -12.32 -0.58
N VAL A 54 -1.00 -11.92 -1.40
CA VAL A 54 -1.25 -10.51 -1.64
C VAL A 54 -1.93 -9.91 -0.40
N PHE A 55 -2.74 -10.71 0.29
CA PHE A 55 -3.44 -10.24 1.50
C PHE A 55 -2.45 -9.64 2.50
N LYS A 56 -1.34 -10.34 2.73
CA LYS A 56 -0.30 -9.83 3.61
C LYS A 56 0.27 -8.51 3.08
N LYS A 57 0.55 -8.48 1.78
CA LYS A 57 1.19 -7.32 1.15
C LYS A 57 0.28 -6.08 1.21
N ILE A 58 -0.94 -6.23 0.71
CA ILE A 58 -1.89 -5.11 0.63
C ILE A 58 -2.16 -4.55 2.03
N GLN A 59 -2.38 -5.44 3.00
CA GLN A 59 -2.69 -5.00 4.37
C GLN A 59 -1.57 -4.15 4.96
N THR A 60 -0.31 -4.59 4.77
CA THR A 60 0.83 -3.94 5.40
C THR A 60 0.88 -2.45 5.06
N LEU A 61 0.81 -2.12 3.77
CA LEU A 61 0.99 -0.74 3.36
C LEU A 61 -0.18 0.15 3.80
N ILE A 62 -1.39 -0.42 3.81
CA ILE A 62 -2.57 0.34 4.23
C ILE A 62 -2.47 0.71 5.72
N ALA A 63 -2.11 -0.25 6.55
CA ALA A 63 -1.91 -0.01 7.98
C ALA A 63 -0.80 1.01 8.22
N ALA A 64 0.20 1.01 7.32
CA ALA A 64 1.31 1.94 7.40
C ALA A 64 0.92 3.36 6.97
N GLY A 65 -0.31 3.53 6.46
CA GLY A 65 -0.77 4.85 6.03
C GLY A 65 -0.07 5.30 4.74
N ILE A 66 0.38 4.33 3.94
CA ILE A 66 1.08 4.65 2.69
C ILE A 66 0.10 4.73 1.53
N ILE A 67 -0.98 3.92 1.60
CA ILE A 67 -1.93 3.84 0.50
C ILE A 67 -3.35 4.08 1.04
N ARG A 68 -4.15 4.83 0.28
CA ARG A 68 -5.51 5.16 0.70
C ARG A 68 -6.52 4.20 0.08
N THR A 69 -7.24 3.47 0.93
CA THR A 69 -8.27 2.55 0.45
C THR A 69 -9.54 2.71 1.29
N GLY A 70 -10.66 2.27 0.74
CA GLY A 70 -11.94 2.36 1.44
C GLY A 70 -13.00 1.51 0.76
N ARG A 71 -14.26 1.71 1.16
CA ARG A 71 -15.39 0.95 0.59
C ARG A 71 -15.21 -0.54 0.84
N GLN A 1 10.83 24.97 -8.14
CA GLN A 1 9.97 23.84 -8.48
C GLN A 1 9.47 23.13 -7.23
N PRO A 2 8.29 22.55 -7.26
CA PRO A 2 7.75 21.79 -6.10
C PRO A 2 8.31 20.36 -6.04
N GLY A 3 8.33 19.79 -4.84
CA GLY A 3 8.82 18.43 -4.67
C GLY A 3 9.45 18.24 -3.28
N THR A 4 8.59 18.09 -2.27
CA THR A 4 9.07 17.87 -0.90
C THR A 4 9.23 16.37 -0.62
N SER A 5 10.01 16.04 0.39
CA SER A 5 10.24 14.65 0.76
C SER A 5 10.33 14.48 2.28
N ASN A 6 9.58 15.31 3.01
CA ASN A 6 9.58 15.24 4.47
C ASN A 6 8.33 15.91 5.05
N GLU A 7 7.22 15.82 4.31
CA GLU A 7 5.96 16.43 4.74
C GLU A 7 4.81 15.96 3.86
N THR A 8 3.60 16.45 4.14
CA THR A 8 2.41 16.02 3.39
C THR A 8 2.24 14.49 3.49
N PRO A 9 1.27 13.89 2.81
CA PRO A 9 1.10 12.40 2.83
C PRO A 9 2.38 11.64 2.49
N GLU A 10 3.32 12.32 1.82
CA GLU A 10 4.64 11.74 1.58
C GLU A 10 5.32 11.35 2.89
N GLU A 11 4.92 12.02 3.99
CA GLU A 11 5.41 11.65 5.31
C GLU A 11 4.89 10.26 5.69
N THR A 12 3.66 9.95 5.27
CA THR A 12 3.09 8.63 5.51
C THR A 12 3.96 7.54 4.89
N TYR A 13 4.37 7.76 3.63
CA TYR A 13 5.22 6.81 2.94
C TYR A 13 6.53 6.55 3.69
N GLN A 14 7.29 7.61 3.98
CA GLN A 14 8.62 7.44 4.59
C GLN A 14 8.52 6.72 5.95
N ARG A 15 7.50 7.04 6.73
CA ARG A 15 7.30 6.38 8.02
C ARG A 15 7.13 4.88 7.82
N ALA A 16 6.27 4.51 6.87
CA ALA A 16 6.05 3.10 6.56
C ALA A 16 7.34 2.43 6.06
N MET A 17 8.15 3.19 5.32
CA MET A 17 9.40 2.67 4.77
C MET A 17 10.36 2.22 5.88
N LYS A 18 10.26 2.84 7.04
CA LYS A 18 11.09 2.45 8.19
C LYS A 18 10.57 1.14 8.81
N ASP A 19 9.29 0.86 8.62
CA ASP A 19 8.70 -0.37 9.14
C ASP A 19 9.09 -1.57 8.26
N PRO A 20 9.73 -2.58 8.81
CA PRO A 20 10.42 -3.62 7.99
C PRO A 20 9.45 -4.38 7.08
N GLU A 21 8.22 -4.58 7.55
CA GLU A 21 7.25 -5.38 6.78
C GLU A 21 6.86 -4.65 5.51
N VAL A 22 6.67 -3.34 5.63
CA VAL A 22 6.28 -2.52 4.48
C VAL A 22 7.39 -2.54 3.42
N ALA A 23 8.63 -2.32 3.86
CA ALA A 23 9.76 -2.24 2.94
C ALA A 23 9.85 -3.50 2.08
N ALA A 24 9.80 -4.64 2.76
CA ALA A 24 9.99 -5.93 2.08
C ALA A 24 8.89 -6.19 1.04
N ILE A 25 7.66 -5.90 1.43
CA ILE A 25 6.50 -6.20 0.57
C ILE A 25 6.47 -5.28 -0.65
N MET A 26 6.75 -3.99 -0.46
CA MET A 26 6.72 -3.03 -1.56
C MET A 26 7.74 -3.39 -2.65
N GLN A 27 8.79 -4.12 -2.26
CA GLN A 27 9.67 -4.72 -3.25
C GLN A 27 8.99 -5.92 -3.88
N ASP A 28 9.61 -6.50 -4.92
CA ASP A 28 9.02 -7.63 -5.64
C ASP A 28 7.80 -7.15 -6.46
N PRO A 29 7.74 -7.47 -7.74
CA PRO A 29 6.92 -6.68 -8.71
C PRO A 29 5.40 -6.89 -8.56
N VAL A 30 5.00 -7.92 -7.79
CA VAL A 30 3.60 -8.33 -7.73
C VAL A 30 2.70 -7.14 -7.39
N MET A 31 3.08 -6.37 -6.38
CA MET A 31 2.20 -5.35 -5.85
C MET A 31 2.04 -4.21 -6.85
N GLN A 32 3.08 -3.93 -7.64
CA GLN A 32 2.99 -2.90 -8.68
C GLN A 32 1.89 -3.24 -9.68
N SER A 33 1.86 -4.49 -10.14
CA SER A 33 0.85 -4.93 -11.09
C SER A 33 -0.57 -4.81 -10.51
N ILE A 34 -0.74 -5.19 -9.24
CA ILE A 34 -2.05 -5.15 -8.61
C ILE A 34 -2.58 -3.71 -8.56
N LEU A 35 -1.72 -2.77 -8.16
CA LEU A 35 -2.11 -1.36 -8.07
C LEU A 35 -2.55 -0.81 -9.42
N GLN A 36 -1.74 -1.04 -10.45
CA GLN A 36 -2.06 -0.56 -11.81
C GLN A 36 -3.43 -1.07 -12.25
N GLN A 37 -3.64 -2.38 -12.11
CA GLN A 37 -4.90 -3.00 -12.52
C GLN A 37 -6.09 -2.40 -11.77
N ALA A 38 -5.87 -2.05 -10.50
CA ALA A 38 -6.92 -1.46 -9.67
C ALA A 38 -7.37 -0.11 -10.24
N GLN A 39 -6.43 0.65 -10.80
CA GLN A 39 -6.75 1.96 -11.37
C GLN A 39 -7.62 1.80 -12.61
N GLN A 40 -7.23 0.84 -13.46
CA GLN A 40 -8.01 0.55 -14.67
C GLN A 40 -9.35 -0.09 -14.30
N ASN A 41 -9.35 -0.90 -13.25
CA ASN A 41 -10.57 -1.56 -12.80
C ASN A 41 -10.45 -1.95 -11.32
N PRO A 42 -11.37 -1.53 -10.48
CA PRO A 42 -11.22 -1.69 -8.99
C PRO A 42 -11.34 -3.16 -8.54
N ALA A 43 -11.80 -4.03 -9.45
CA ALA A 43 -12.01 -5.44 -9.10
C ALA A 43 -10.69 -6.18 -8.94
N ALA A 44 -9.64 -5.70 -9.61
CA ALA A 44 -8.38 -6.44 -9.68
C ALA A 44 -7.77 -6.66 -8.31
N LEU A 45 -7.61 -5.57 -7.54
CA LEU A 45 -6.99 -5.68 -6.23
C LEU A 45 -7.85 -6.49 -5.27
N GLN A 46 -9.17 -6.47 -5.49
CA GLN A 46 -10.09 -7.22 -4.63
C GLN A 46 -9.80 -8.73 -4.71
N GLU A 47 -9.76 -9.26 -5.93
CA GLU A 47 -9.52 -10.69 -6.11
C GLU A 47 -8.13 -11.08 -5.60
N HIS A 48 -7.21 -10.12 -5.63
CA HIS A 48 -5.87 -10.32 -5.07
C HIS A 48 -5.92 -10.50 -3.56
N MET A 49 -6.72 -9.66 -2.88
CA MET A 49 -6.84 -9.73 -1.43
C MET A 49 -7.44 -11.08 -0.98
N LYS A 50 -8.23 -11.70 -1.85
CA LYS A 50 -8.79 -13.02 -1.56
C LYS A 50 -7.67 -14.06 -1.53
N ASN A 51 -6.70 -13.91 -2.42
CA ASN A 51 -5.52 -14.78 -2.44
C ASN A 51 -4.71 -14.62 -1.14
N PRO A 52 -4.22 -15.70 -0.56
CA PRO A 52 -3.64 -15.68 0.81
C PRO A 52 -2.28 -14.96 0.86
N GLU A 53 -1.40 -15.27 -0.10
CA GLU A 53 -0.07 -14.67 -0.11
C GLU A 53 -0.17 -13.17 -0.37
N VAL A 54 -1.09 -12.78 -1.25
CA VAL A 54 -1.31 -11.38 -1.53
C VAL A 54 -2.03 -10.73 -0.36
N PHE A 55 -2.91 -11.49 0.30
CA PHE A 55 -3.67 -10.96 1.44
C PHE A 55 -2.74 -10.35 2.49
N LYS A 56 -1.65 -11.07 2.82
CA LYS A 56 -0.65 -10.55 3.74
C LYS A 56 -0.03 -9.26 3.21
N LYS A 57 0.36 -9.28 1.94
CA LYS A 57 1.07 -8.14 1.34
C LYS A 57 0.19 -6.89 1.29
N ILE A 58 -0.99 -7.02 0.70
CA ILE A 58 -1.91 -5.90 0.51
C ILE A 58 -2.24 -5.26 1.87
N GLN A 59 -2.57 -6.10 2.86
CA GLN A 59 -2.96 -5.60 4.18
C GLN A 59 -1.86 -4.74 4.83
N THR A 60 -0.61 -5.20 4.71
CA THR A 60 0.52 -4.52 5.37
C THR A 60 0.59 -3.04 4.96
N LEU A 61 0.57 -2.78 3.65
CA LEU A 61 0.73 -1.41 3.16
C LEU A 61 -0.46 -0.54 3.57
N ILE A 62 -1.66 -1.13 3.57
CA ILE A 62 -2.87 -0.37 3.92
C ILE A 62 -2.82 0.07 5.38
N ALA A 63 -2.40 -0.84 6.26
CA ALA A 63 -2.22 -0.50 7.69
C ALA A 63 -1.19 0.61 7.85
N ALA A 64 -0.20 0.64 6.97
CA ALA A 64 0.81 1.71 6.97
C ALA A 64 0.25 3.03 6.42
N GLY A 65 -0.98 3.01 5.89
CA GLY A 65 -1.59 4.22 5.35
C GLY A 65 -0.98 4.62 4.01
N ILE A 66 -0.36 3.65 3.32
CA ILE A 66 0.22 3.91 2.00
C ILE A 66 -0.83 3.72 0.91
N ILE A 67 -1.77 2.79 1.13
CA ILE A 67 -2.77 2.45 0.14
C ILE A 67 -4.17 2.58 0.74
N ARG A 68 -5.13 3.04 -0.08
CA ARG A 68 -6.49 3.24 0.40
C ARG A 68 -7.50 2.72 -0.61
N THR A 69 -8.57 2.10 -0.10
CA THR A 69 -9.63 1.58 -0.96
C THR A 69 -10.99 2.10 -0.51
N GLY A 70 -12.02 1.84 -1.31
CA GLY A 70 -13.37 2.30 -0.98
C GLY A 70 -13.66 3.66 -1.60
N ARG A 71 -14.57 4.41 -0.97
CA ARG A 71 -14.95 5.73 -1.48
C ARG A 71 -15.35 6.65 -0.32
N GLN A 1 19.67 19.92 -4.07
CA GLN A 1 20.22 19.07 -3.03
C GLN A 1 19.20 17.99 -2.62
N PRO A 2 19.32 16.78 -3.14
CA PRO A 2 18.33 15.70 -2.84
C PRO A 2 18.34 15.31 -1.36
N GLY A 3 17.16 15.01 -0.83
CA GLY A 3 17.04 14.62 0.58
C GLY A 3 15.58 14.32 0.93
N THR A 4 15.35 14.00 2.21
CA THR A 4 13.99 13.70 2.67
C THR A 4 13.80 14.18 4.10
N SER A 5 12.54 14.42 4.48
CA SER A 5 12.22 14.88 5.82
C SER A 5 10.76 14.58 6.16
N ASN A 6 10.44 14.58 7.45
CA ASN A 6 9.06 14.31 7.89
C ASN A 6 8.14 15.46 7.47
N GLU A 7 7.32 15.21 6.46
CA GLU A 7 6.43 16.24 5.93
C GLU A 7 5.44 15.64 4.94
N THR A 8 4.30 16.32 4.75
CA THR A 8 3.26 15.86 3.81
C THR A 8 2.92 14.37 3.99
N PRO A 9 2.04 13.84 3.16
CA PRO A 9 1.89 12.35 3.01
C PRO A 9 3.23 11.64 2.80
N GLU A 10 4.23 12.37 2.31
CA GLU A 10 5.59 11.82 2.22
C GLU A 10 6.08 11.35 3.60
N GLU A 11 5.56 11.98 4.66
CA GLU A 11 5.89 11.57 6.02
C GLU A 11 5.33 10.16 6.29
N THR A 12 4.13 9.90 5.80
CA THR A 12 3.50 8.59 5.96
C THR A 12 4.37 7.49 5.32
N TYR A 13 4.88 7.78 4.13
CA TYR A 13 5.73 6.82 3.42
C TYR A 13 6.96 6.46 4.25
N GLN A 14 7.65 7.47 4.77
CA GLN A 14 8.86 7.23 5.58
C GLN A 14 8.56 6.36 6.79
N ARG A 15 7.43 6.62 7.45
CA ARG A 15 7.04 5.82 8.62
C ARG A 15 6.92 4.35 8.24
N ALA A 16 6.24 4.09 7.12
CA ALA A 16 6.08 2.73 6.62
C ALA A 16 7.43 2.10 6.29
N MET A 17 8.35 2.91 5.78
CA MET A 17 9.67 2.44 5.37
C MET A 17 10.45 1.88 6.56
N LYS A 18 10.17 2.39 7.76
CA LYS A 18 10.78 1.85 8.97
C LYS A 18 10.21 0.47 9.30
N ASP A 19 9.00 0.20 8.82
CA ASP A 19 8.39 -1.12 9.00
C ASP A 19 8.94 -2.12 7.97
N PRO A 20 9.64 -3.16 8.41
CA PRO A 20 10.37 -4.07 7.47
C PRO A 20 9.45 -4.69 6.42
N GLU A 21 8.19 -4.94 6.80
CA GLU A 21 7.25 -5.59 5.90
C GLU A 21 6.92 -4.70 4.71
N VAL A 22 6.82 -3.40 4.96
CA VAL A 22 6.53 -2.43 3.91
C VAL A 22 7.68 -2.39 2.90
N ALA A 23 8.91 -2.35 3.41
CA ALA A 23 10.09 -2.28 2.55
C ALA A 23 10.12 -3.48 1.60
N ALA A 24 9.82 -4.65 2.13
CA ALA A 24 9.87 -5.89 1.35
C ALA A 24 8.90 -5.85 0.17
N ILE A 25 7.67 -5.38 0.42
CA ILE A 25 6.64 -5.37 -0.62
C ILE A 25 7.00 -4.40 -1.74
N MET A 26 7.40 -3.17 -1.37
CA MET A 26 7.69 -2.15 -2.38
C MET A 26 8.85 -2.56 -3.28
N GLN A 27 9.77 -3.36 -2.75
CA GLN A 27 10.85 -3.93 -3.55
C GLN A 27 10.40 -5.21 -4.28
N ASP A 28 9.14 -5.59 -4.11
CA ASP A 28 8.61 -6.79 -4.73
C ASP A 28 7.45 -6.41 -5.68
N PRO A 29 7.46 -6.87 -6.90
CA PRO A 29 6.66 -6.24 -8.00
C PRO A 29 5.15 -6.51 -7.87
N VAL A 30 4.77 -7.46 -7.02
CA VAL A 30 3.40 -7.99 -7.02
C VAL A 30 2.39 -6.87 -6.80
N MET A 31 2.53 -6.14 -5.70
CA MET A 31 1.51 -5.18 -5.30
C MET A 31 1.43 -4.01 -6.28
N GLN A 32 2.56 -3.67 -6.90
CA GLN A 32 2.57 -2.61 -7.92
C GLN A 32 1.62 -2.96 -9.06
N SER A 33 1.72 -4.19 -9.56
CA SER A 33 0.87 -4.64 -10.66
C SER A 33 -0.61 -4.66 -10.26
N ILE A 34 -0.90 -5.07 -9.03
CA ILE A 34 -2.29 -5.17 -8.57
C ILE A 34 -2.95 -3.79 -8.55
N LEU A 35 -2.24 -2.80 -8.01
CA LEU A 35 -2.77 -1.42 -7.95
C LEU A 35 -3.07 -0.90 -9.35
N GLN A 36 -2.13 -1.11 -10.28
CA GLN A 36 -2.32 -0.67 -11.67
C GLN A 36 -3.59 -1.28 -12.25
N GLN A 37 -3.74 -2.59 -12.09
CA GLN A 37 -4.91 -3.30 -12.64
C GLN A 37 -6.21 -2.76 -12.05
N ALA A 38 -6.18 -2.39 -10.77
CA ALA A 38 -7.36 -1.84 -10.10
C ALA A 38 -7.82 -0.54 -10.75
N GLN A 39 -6.86 0.25 -11.23
CA GLN A 39 -7.20 1.49 -11.93
C GLN A 39 -7.90 1.19 -13.25
N GLN A 40 -7.37 0.20 -13.97
CA GLN A 40 -7.98 -0.24 -15.22
C GLN A 40 -9.33 -0.91 -14.96
N ASN A 41 -9.43 -1.63 -13.84
CA ASN A 41 -10.67 -2.34 -13.51
C ASN A 41 -10.68 -2.71 -12.03
N PRO A 42 -11.71 -2.34 -11.30
CA PRO A 42 -11.69 -2.42 -9.80
C PRO A 42 -11.69 -3.86 -9.27
N ALA A 43 -12.04 -4.82 -10.14
CA ALA A 43 -12.15 -6.22 -9.72
C ALA A 43 -10.77 -6.83 -9.44
N ALA A 44 -9.72 -6.24 -10.01
CA ALA A 44 -8.39 -6.86 -10.00
C ALA A 44 -7.86 -7.02 -8.59
N LEU A 45 -7.85 -5.93 -7.83
CA LEU A 45 -7.29 -5.96 -6.48
C LEU A 45 -8.16 -6.81 -5.54
N GLN A 46 -9.47 -6.86 -5.83
CA GLN A 46 -10.39 -7.64 -4.99
C GLN A 46 -9.98 -9.11 -4.96
N GLU A 47 -9.81 -9.72 -6.14
CA GLU A 47 -9.45 -11.13 -6.22
C GLU A 47 -8.07 -11.37 -5.58
N HIS A 48 -7.23 -10.34 -5.60
CA HIS A 48 -5.92 -10.41 -4.97
C HIS A 48 -6.05 -10.49 -3.45
N MET A 49 -6.94 -9.68 -2.88
CA MET A 49 -7.12 -9.62 -1.43
C MET A 49 -7.61 -10.97 -0.89
N LYS A 50 -8.39 -11.69 -1.70
CA LYS A 50 -8.92 -12.99 -1.27
C LYS A 50 -7.78 -14.01 -1.16
N ASN A 51 -6.78 -13.88 -2.02
CA ASN A 51 -5.60 -14.76 -1.98
C ASN A 51 -4.79 -14.50 -0.71
N PRO A 52 -4.33 -15.54 -0.04
CA PRO A 52 -3.72 -15.39 1.33
C PRO A 52 -2.38 -14.66 1.29
N GLU A 53 -1.54 -14.99 0.32
CA GLU A 53 -0.20 -14.40 0.25
C GLU A 53 -0.30 -12.91 -0.07
N VAL A 54 -1.18 -12.58 -1.01
CA VAL A 54 -1.40 -11.19 -1.36
C VAL A 54 -2.16 -10.48 -0.24
N PHE A 55 -3.04 -11.21 0.46
CA PHE A 55 -3.82 -10.62 1.56
C PHE A 55 -2.89 -9.96 2.58
N LYS A 56 -1.83 -10.66 2.98
CA LYS A 56 -0.85 -10.11 3.92
C LYS A 56 -0.20 -8.85 3.36
N LYS A 57 0.26 -8.91 2.12
CA LYS A 57 0.99 -7.80 1.50
C LYS A 57 0.10 -6.56 1.35
N ILE A 58 -1.08 -6.75 0.75
CA ILE A 58 -2.00 -5.64 0.51
C ILE A 58 -2.33 -4.91 1.82
N GLN A 59 -2.69 -5.68 2.85
CA GLN A 59 -3.03 -5.10 4.15
C GLN A 59 -1.87 -4.29 4.73
N THR A 60 -0.64 -4.77 4.51
CA THR A 60 0.55 -4.12 5.08
C THR A 60 0.62 -2.64 4.69
N LEU A 61 0.52 -2.36 3.39
CA LEU A 61 0.67 -0.98 2.92
C LEU A 61 -0.51 -0.12 3.37
N ILE A 62 -1.70 -0.72 3.45
CA ILE A 62 -2.89 0.03 3.87
C ILE A 62 -2.75 0.50 5.32
N ALA A 63 -2.38 -0.43 6.21
CA ALA A 63 -2.17 -0.11 7.62
C ALA A 63 -1.09 0.95 7.81
N ALA A 64 -0.10 0.93 6.92
CA ALA A 64 0.99 1.91 6.96
C ALA A 64 0.52 3.29 6.47
N GLY A 65 -0.70 3.38 5.94
CA GLY A 65 -1.22 4.66 5.45
C GLY A 65 -0.57 5.07 4.13
N ILE A 66 -0.09 4.09 3.37
CA ILE A 66 0.52 4.37 2.06
C ILE A 66 -0.54 4.34 0.96
N ILE A 67 -1.64 3.62 1.19
CA ILE A 67 -2.67 3.45 0.19
C ILE A 67 -4.01 3.95 0.73
N ARG A 68 -4.84 4.50 -0.14
CA ARG A 68 -6.15 5.04 0.27
C ARG A 68 -7.24 4.63 -0.72
N THR A 69 -8.41 4.27 -0.19
CA THR A 69 -9.53 3.88 -1.03
C THR A 69 -10.70 4.84 -0.83
N GLY A 70 -11.67 4.79 -1.75
CA GLY A 70 -12.84 5.65 -1.67
C GLY A 70 -13.74 5.48 -2.89
N ARG A 71 -13.47 6.26 -3.94
CA ARG A 71 -14.27 6.19 -5.15
C ARG A 71 -13.41 6.54 -6.37
N GLN A 1 24.85 4.57 8.47
CA GLN A 1 23.86 4.40 9.53
C GLN A 1 22.69 5.38 9.34
N PRO A 2 21.53 4.93 8.92
CA PRO A 2 20.36 5.83 8.71
C PRO A 2 19.86 6.44 10.03
N GLY A 3 19.31 7.65 9.94
CA GLY A 3 18.79 8.34 11.12
C GLY A 3 17.47 9.02 10.81
N THR A 4 16.79 9.48 11.85
CA THR A 4 15.49 10.15 11.68
C THR A 4 15.69 11.66 11.50
N SER A 5 15.01 12.22 10.51
CA SER A 5 15.09 13.66 10.25
C SER A 5 14.02 14.09 9.24
N ASN A 6 12.86 13.45 9.30
CA ASN A 6 11.76 13.76 8.38
C ASN A 6 10.53 14.23 9.15
N GLU A 7 9.70 15.02 8.47
CA GLU A 7 8.48 15.55 9.09
C GLU A 7 7.27 15.22 8.22
N THR A 8 6.13 15.85 8.51
CA THR A 8 4.90 15.65 7.72
C THR A 8 4.59 14.16 7.52
N PRO A 9 3.52 13.85 6.79
CA PRO A 9 3.25 12.45 6.32
C PRO A 9 4.49 11.73 5.76
N GLU A 10 5.48 12.50 5.30
CA GLU A 10 6.76 11.92 4.89
C GLU A 10 7.38 11.12 6.04
N GLU A 11 7.11 11.56 7.28
CA GLU A 11 7.53 10.82 8.46
C GLU A 11 6.80 9.48 8.53
N THR A 12 5.54 9.47 8.09
CA THR A 12 4.74 8.23 8.09
C THR A 12 5.41 7.17 7.23
N TYR A 13 5.88 7.58 6.05
CA TYR A 13 6.54 6.64 5.12
C TYR A 13 7.76 6.01 5.77
N GLN A 14 8.60 6.82 6.41
CA GLN A 14 9.82 6.31 7.05
C GLN A 14 9.48 5.26 8.13
N ARG A 15 8.44 5.54 8.92
CA ARG A 15 8.03 4.61 9.98
C ARG A 15 7.69 3.25 9.38
N ALA A 16 6.88 3.26 8.32
CA ALA A 16 6.49 2.02 7.64
C ALA A 16 7.72 1.32 7.05
N MET A 17 8.68 2.10 6.59
CA MET A 17 9.88 1.55 5.95
C MET A 17 10.72 0.74 6.94
N LYS A 18 10.59 1.04 8.23
CA LYS A 18 11.22 0.20 9.25
C LYS A 18 10.52 -1.15 9.36
N ASP A 19 9.27 -1.22 8.89
CA ASP A 19 8.55 -2.48 8.83
C ASP A 19 8.93 -3.25 7.55
N PRO A 20 9.59 -4.38 7.67
CA PRO A 20 10.18 -5.08 6.48
C PRO A 20 9.15 -5.36 5.39
N GLU A 21 7.89 -5.58 5.80
CA GLU A 21 6.84 -5.92 4.84
C GLU A 21 6.54 -4.72 3.93
N VAL A 22 6.62 -3.52 4.50
CA VAL A 22 6.35 -2.30 3.74
C VAL A 22 7.42 -2.10 2.66
N ALA A 23 8.68 -2.33 3.04
CA ALA A 23 9.79 -2.21 2.10
C ALA A 23 9.59 -3.13 0.91
N ALA A 24 9.16 -4.36 1.19
CA ALA A 24 8.98 -5.38 0.15
C ALA A 24 7.97 -4.93 -0.91
N ILE A 25 6.87 -4.35 -0.46
CA ILE A 25 5.81 -3.91 -1.38
C ILE A 25 6.27 -2.72 -2.22
N MET A 26 6.78 -1.69 -1.55
CA MET A 26 7.21 -0.46 -2.24
C MET A 26 8.36 -0.72 -3.22
N GLN A 27 9.01 -1.89 -3.09
CA GLN A 27 10.04 -2.29 -4.06
C GLN A 27 9.44 -2.70 -5.40
N ASP A 28 8.12 -2.49 -5.58
CA ASP A 28 7.47 -2.41 -6.91
C ASP A 28 6.57 -3.63 -7.16
N PRO A 29 7.15 -4.78 -7.42
CA PRO A 29 6.54 -5.79 -8.35
C PRO A 29 5.08 -6.12 -8.03
N VAL A 30 4.78 -6.37 -6.75
CA VAL A 30 3.46 -6.88 -6.37
C VAL A 30 2.38 -5.84 -6.67
N MET A 31 2.57 -4.61 -6.19
CA MET A 31 1.54 -3.59 -6.32
C MET A 31 1.36 -3.17 -7.77
N GLN A 32 2.44 -3.20 -8.57
CA GLN A 32 2.33 -2.87 -9.99
C GLN A 32 1.36 -3.82 -10.69
N SER A 33 1.48 -5.12 -10.38
CA SER A 33 0.59 -6.13 -10.96
C SER A 33 -0.87 -5.87 -10.60
N ILE A 34 -1.15 -5.60 -9.32
CA ILE A 34 -2.54 -5.41 -8.87
C ILE A 34 -3.16 -4.18 -9.56
N LEU A 35 -2.42 -3.08 -9.58
CA LEU A 35 -2.92 -1.83 -10.15
C LEU A 35 -3.29 -2.01 -11.62
N GLN A 36 -2.36 -2.54 -12.41
CA GLN A 36 -2.60 -2.73 -13.85
C GLN A 36 -3.85 -3.58 -14.07
N GLN A 37 -3.92 -4.72 -13.38
CA GLN A 37 -5.03 -5.66 -13.56
C GLN A 37 -6.37 -5.00 -13.25
N ALA A 38 -6.40 -4.19 -12.19
CA ALA A 38 -7.63 -3.52 -11.78
C ALA A 38 -8.13 -2.55 -12.84
N GLN A 39 -7.20 -1.91 -13.57
CA GLN A 39 -7.59 -0.96 -14.60
C GLN A 39 -8.30 -1.68 -15.74
N GLN A 40 -7.73 -2.81 -16.16
CA GLN A 40 -8.35 -3.65 -17.17
C GLN A 40 -9.56 -4.40 -16.60
N ASN A 41 -9.55 -4.62 -15.28
CA ASN A 41 -10.61 -5.39 -14.63
C ASN A 41 -10.62 -5.13 -13.13
N PRO A 42 -11.40 -4.17 -12.67
CA PRO A 42 -11.29 -3.67 -11.24
C PRO A 42 -11.49 -4.78 -10.21
N ALA A 43 -12.15 -5.86 -10.62
CA ALA A 43 -12.41 -6.98 -9.71
C ALA A 43 -11.10 -7.65 -9.28
N ALA A 44 -10.09 -7.60 -10.14
CA ALA A 44 -8.78 -8.20 -9.83
C ALA A 44 -8.21 -7.63 -8.52
N LEU A 45 -8.46 -6.35 -8.26
CA LEU A 45 -7.90 -5.71 -7.07
C LEU A 45 -8.56 -6.30 -5.81
N GLN A 46 -9.86 -6.58 -5.91
CA GLN A 46 -10.61 -7.16 -4.80
C GLN A 46 -10.04 -8.52 -4.41
N GLU A 47 -9.91 -9.42 -5.39
CA GLU A 47 -9.41 -10.77 -5.12
C GLU A 47 -7.99 -10.73 -4.53
N HIS A 48 -7.23 -9.69 -4.88
CA HIS A 48 -5.90 -9.50 -4.31
C HIS A 48 -5.99 -9.28 -2.80
N MET A 49 -6.94 -8.46 -2.36
CA MET A 49 -7.14 -8.24 -0.92
C MET A 49 -7.54 -9.54 -0.23
N LYS A 50 -8.33 -10.36 -0.93
CA LYS A 50 -8.74 -11.65 -0.38
C LYS A 50 -7.59 -12.66 -0.42
N ASN A 51 -6.76 -12.56 -1.47
CA ASN A 51 -5.61 -13.47 -1.62
C ASN A 51 -4.65 -13.33 -0.43
N PRO A 52 -4.18 -14.44 0.11
CA PRO A 52 -3.45 -14.42 1.42
C PRO A 52 -2.16 -13.60 1.37
N GLU A 53 -1.35 -13.83 0.34
CA GLU A 53 -0.04 -13.18 0.25
C GLU A 53 -0.20 -11.68 0.00
N VAL A 54 -1.12 -11.34 -0.90
CA VAL A 54 -1.38 -9.94 -1.22
C VAL A 54 -2.16 -9.29 -0.07
N PHE A 55 -3.01 -10.07 0.59
CA PHE A 55 -3.78 -9.59 1.75
C PHE A 55 -2.83 -8.99 2.81
N LYS A 56 -1.73 -9.68 3.09
CA LYS A 56 -0.73 -9.17 4.04
C LYS A 56 -0.15 -7.85 3.55
N LYS A 57 0.22 -7.79 2.28
CA LYS A 57 0.88 -6.61 1.72
C LYS A 57 -0.06 -5.39 1.70
N ILE A 58 -1.26 -5.58 1.14
CA ILE A 58 -2.24 -4.50 1.04
C ILE A 58 -2.56 -3.92 2.44
N GLN A 59 -2.77 -4.82 3.40
CA GLN A 59 -3.08 -4.39 4.77
C GLN A 59 -1.95 -3.56 5.37
N THR A 60 -0.71 -4.00 5.16
CA THR A 60 0.45 -3.36 5.77
C THR A 60 0.51 -1.87 5.43
N LEU A 61 0.41 -1.53 4.14
CA LEU A 61 0.55 -0.14 3.72
C LEU A 61 -0.58 0.72 4.25
N ILE A 62 -1.79 0.18 4.28
CA ILE A 62 -2.96 0.93 4.75
C ILE A 62 -2.85 1.21 6.25
N ALA A 63 -2.60 0.17 7.03
CA ALA A 63 -2.48 0.29 8.49
C ALA A 63 -1.33 1.22 8.88
N ALA A 64 -0.30 1.27 8.03
CA ALA A 64 0.87 2.11 8.30
C ALA A 64 0.60 3.59 8.00
N GLY A 65 -0.61 3.93 7.54
CA GLY A 65 -0.94 5.31 7.19
C GLY A 65 -0.23 5.75 5.92
N ILE A 66 0.07 4.79 5.04
CA ILE A 66 0.76 5.10 3.79
C ILE A 66 -0.24 5.37 2.67
N ILE A 67 -1.40 4.72 2.74
CA ILE A 67 -2.42 4.85 1.70
C ILE A 67 -3.75 5.29 2.33
N ARG A 68 -4.44 6.22 1.67
CA ARG A 68 -5.71 6.72 2.18
C ARG A 68 -6.88 6.06 1.46
N THR A 69 -7.81 5.51 2.24
CA THR A 69 -9.01 4.87 1.66
C THR A 69 -10.20 5.81 1.72
N GLY A 70 -11.21 5.53 0.89
CA GLY A 70 -12.40 6.36 0.85
C GLY A 70 -13.32 6.06 2.04
N ARG A 71 -12.94 6.59 3.21
CA ARG A 71 -13.74 6.39 4.42
C ARG A 71 -13.58 7.58 5.36
N GLN A 1 0.57 37.07 5.47
CA GLN A 1 1.42 35.90 5.33
C GLN A 1 0.57 34.64 5.17
N PRO A 2 1.08 33.63 4.50
CA PRO A 2 0.33 32.35 4.30
C PRO A 2 0.31 31.48 5.56
N GLY A 3 -0.73 30.67 5.70
CA GLY A 3 -0.87 29.79 6.85
C GLY A 3 -0.10 28.49 6.65
N THR A 4 -0.11 27.64 7.67
CA THR A 4 0.60 26.36 7.60
C THR A 4 -0.33 25.26 7.09
N SER A 5 0.25 24.12 6.72
CA SER A 5 -0.53 22.99 6.23
C SER A 5 -0.59 21.89 7.27
N ASN A 6 -1.74 21.20 7.34
CA ASN A 6 -1.93 20.13 8.32
C ASN A 6 -1.99 18.75 7.63
N GLU A 7 -1.29 18.63 6.50
CA GLU A 7 -1.26 17.37 5.76
C GLU A 7 0.12 17.13 5.16
N THR A 8 0.64 15.91 5.32
CA THR A 8 1.96 15.57 4.79
C THR A 8 2.01 14.08 4.44
N PRO A 9 1.61 13.71 3.25
CA PRO A 9 1.72 12.29 2.78
C PRO A 9 3.15 11.76 2.85
N GLU A 10 4.12 12.67 2.70
CA GLU A 10 5.53 12.29 2.78
C GLU A 10 5.86 11.69 4.15
N GLU A 11 5.20 12.19 5.19
CA GLU A 11 5.45 11.71 6.55
C GLU A 11 4.98 10.25 6.69
N THR A 12 3.83 9.96 6.08
CA THR A 12 3.27 8.60 6.14
C THR A 12 4.24 7.58 5.53
N TYR A 13 4.80 7.91 4.37
CA TYR A 13 5.74 7.01 3.69
C TYR A 13 6.96 6.73 4.57
N GLN A 14 7.54 7.78 5.16
CA GLN A 14 8.71 7.62 6.02
C GLN A 14 8.44 6.66 7.18
N ARG A 15 7.27 6.81 7.80
CA ARG A 15 6.89 5.95 8.92
C ARG A 15 6.89 4.49 8.48
N ALA A 16 6.22 4.22 7.35
CA ALA A 16 6.15 2.86 6.81
C ALA A 16 7.54 2.33 6.48
N MET A 17 8.42 3.23 6.01
CA MET A 17 9.77 2.83 5.61
C MET A 17 10.56 2.25 6.78
N LYS A 18 10.27 2.73 7.99
CA LYS A 18 10.91 2.20 9.19
C LYS A 18 10.39 0.80 9.51
N ASP A 19 9.18 0.50 9.06
CA ASP A 19 8.60 -0.83 9.25
C ASP A 19 9.16 -1.80 8.20
N PRO A 20 9.94 -2.78 8.59
CA PRO A 20 10.64 -3.68 7.61
C PRO A 20 9.67 -4.42 6.69
N GLU A 21 8.43 -4.64 7.17
CA GLU A 21 7.44 -5.35 6.38
C GLU A 21 7.05 -4.51 5.16
N VAL A 22 7.03 -3.19 5.34
CA VAL A 22 6.69 -2.29 4.24
C VAL A 22 7.75 -2.38 3.14
N ALA A 23 9.01 -2.27 3.54
CA ALA A 23 10.11 -2.22 2.57
C ALA A 23 10.12 -3.49 1.71
N ALA A 24 10.03 -4.63 2.37
CA ALA A 24 10.14 -5.92 1.67
C ALA A 24 9.00 -6.12 0.69
N ILE A 25 7.78 -5.78 1.12
CA ILE A 25 6.59 -6.00 0.30
C ILE A 25 6.57 -5.02 -0.89
N MET A 26 7.08 -3.82 -0.69
CA MET A 26 7.13 -2.82 -1.77
C MET A 26 7.97 -3.33 -2.94
N GLN A 27 9.01 -4.10 -2.64
CA GLN A 27 9.74 -4.82 -3.66
C GLN A 27 8.91 -6.02 -4.12
N ASP A 28 9.42 -6.75 -5.11
CA ASP A 28 8.68 -7.88 -5.70
C ASP A 28 7.51 -7.34 -6.52
N PRO A 29 7.39 -7.74 -7.77
CA PRO A 29 6.61 -6.96 -8.79
C PRO A 29 5.09 -7.04 -8.58
N VAL A 30 4.63 -7.96 -7.74
CA VAL A 30 3.21 -8.30 -7.67
C VAL A 30 2.36 -7.06 -7.41
N MET A 31 2.71 -6.31 -6.37
CA MET A 31 1.84 -5.23 -5.91
C MET A 31 1.71 -4.14 -6.96
N GLN A 32 2.78 -3.87 -7.70
CA GLN A 32 2.73 -2.89 -8.78
C GLN A 32 1.66 -3.27 -9.82
N SER A 33 1.67 -4.54 -10.21
CA SER A 33 0.69 -5.04 -11.18
C SER A 33 -0.74 -4.90 -10.68
N ILE A 34 -0.97 -5.21 -9.40
CA ILE A 34 -2.32 -5.19 -8.84
C ILE A 34 -2.90 -3.77 -8.87
N LEU A 35 -2.10 -2.80 -8.42
CA LEU A 35 -2.53 -1.40 -8.39
C LEU A 35 -2.93 -0.91 -9.79
N GLN A 36 -2.07 -1.21 -10.77
CA GLN A 36 -2.35 -0.81 -12.15
C GLN A 36 -3.69 -1.39 -12.62
N GLN A 37 -3.86 -2.69 -12.41
CA GLN A 37 -5.07 -3.38 -12.86
C GLN A 37 -6.33 -2.79 -12.22
N ALA A 38 -6.23 -2.41 -10.94
CA ALA A 38 -7.36 -1.84 -10.23
C ALA A 38 -7.82 -0.53 -10.87
N GLN A 39 -6.87 0.23 -11.42
CA GLN A 39 -7.21 1.47 -12.12
C GLN A 39 -7.99 1.15 -13.39
N GLN A 40 -7.54 0.12 -14.10
CA GLN A 40 -8.23 -0.34 -15.31
C GLN A 40 -9.59 -0.96 -14.95
N ASN A 41 -9.66 -1.63 -13.80
CA ASN A 41 -10.88 -2.32 -13.40
C ASN A 41 -10.85 -2.62 -11.90
N PRO A 42 -11.82 -2.16 -11.14
CA PRO A 42 -11.74 -2.18 -9.64
C PRO A 42 -11.75 -3.61 -9.07
N ALA A 43 -12.22 -4.57 -9.87
CA ALA A 43 -12.33 -5.96 -9.41
C ALA A 43 -10.94 -6.60 -9.21
N ALA A 44 -9.92 -6.05 -9.85
CA ALA A 44 -8.62 -6.72 -9.92
C ALA A 44 -8.00 -6.84 -8.52
N LEU A 45 -7.92 -5.73 -7.81
CA LEU A 45 -7.26 -5.74 -6.50
C LEU A 45 -8.06 -6.55 -5.49
N GLN A 46 -9.39 -6.60 -5.66
CA GLN A 46 -10.25 -7.34 -4.72
C GLN A 46 -9.88 -8.82 -4.70
N GLU A 47 -9.86 -9.44 -5.88
CA GLU A 47 -9.55 -10.87 -5.98
C GLU A 47 -8.13 -11.14 -5.46
N HIS A 48 -7.26 -10.14 -5.57
CA HIS A 48 -5.91 -10.25 -5.03
C HIS A 48 -5.92 -10.33 -3.51
N MET A 49 -6.70 -9.46 -2.87
CA MET A 49 -6.73 -9.38 -1.42
C MET A 49 -7.23 -10.69 -0.80
N LYS A 50 -8.13 -11.37 -1.51
CA LYS A 50 -8.69 -12.64 -1.02
C LYS A 50 -7.60 -13.72 -1.00
N ASN A 51 -6.68 -13.66 -1.95
CA ASN A 51 -5.55 -14.59 -2.00
C ASN A 51 -4.64 -14.39 -0.78
N PRO A 52 -4.20 -15.46 -0.15
CA PRO A 52 -3.50 -15.36 1.17
C PRO A 52 -2.15 -14.64 1.08
N GLU A 53 -1.38 -14.94 0.03
CA GLU A 53 -0.04 -14.38 -0.10
C GLU A 53 -0.14 -12.87 -0.37
N VAL A 54 -1.06 -12.50 -1.26
CA VAL A 54 -1.29 -11.10 -1.55
C VAL A 54 -1.98 -10.43 -0.38
N PHE A 55 -2.84 -11.18 0.33
CA PHE A 55 -3.57 -10.63 1.48
C PHE A 55 -2.61 -10.01 2.49
N LYS A 56 -1.52 -10.71 2.80
CA LYS A 56 -0.49 -10.17 3.70
C LYS A 56 0.13 -8.90 3.12
N LYS A 57 0.46 -8.94 1.82
CA LYS A 57 1.15 -7.81 1.18
C LYS A 57 0.26 -6.57 1.14
N ILE A 58 -0.95 -6.72 0.59
CA ILE A 58 -1.88 -5.61 0.43
C ILE A 58 -2.18 -4.96 1.79
N GLN A 59 -2.41 -5.79 2.81
CA GLN A 59 -2.74 -5.30 4.15
C GLN A 59 -1.62 -4.41 4.70
N THR A 60 -0.37 -4.85 4.57
CA THR A 60 0.75 -4.15 5.18
C THR A 60 0.81 -2.68 4.75
N LEU A 61 0.76 -2.45 3.43
CA LEU A 61 0.94 -1.07 2.94
C LEU A 61 -0.24 -0.18 3.31
N ILE A 62 -1.46 -0.76 3.34
CA ILE A 62 -2.65 0.01 3.70
C ILE A 62 -2.59 0.47 5.15
N ALA A 63 -2.27 -0.47 6.06
CA ALA A 63 -2.11 -0.14 7.48
C ALA A 63 -1.01 0.90 7.69
N ALA A 64 -0.01 0.89 6.81
CA ALA A 64 1.07 1.87 6.85
C ALA A 64 0.60 3.24 6.33
N GLY A 65 -0.62 3.33 5.80
CA GLY A 65 -1.15 4.59 5.28
C GLY A 65 -0.45 5.00 3.98
N ILE A 66 0.08 4.02 3.24
CA ILE A 66 0.81 4.31 2.01
C ILE A 66 -0.13 4.29 0.81
N ILE A 67 -1.17 3.44 0.87
CA ILE A 67 -2.08 3.25 -0.26
C ILE A 67 -3.52 3.43 0.19
N ARG A 68 -4.31 4.13 -0.61
CA ARG A 68 -5.72 4.37 -0.29
C ARG A 68 -6.61 3.42 -1.07
N THR A 69 -7.40 2.62 -0.35
CA THR A 69 -8.33 1.68 -0.98
C THR A 69 -9.67 1.71 -0.29
N GLY A 70 -10.74 1.41 -1.05
CA GLY A 70 -12.08 1.37 -0.50
C GLY A 70 -12.45 -0.04 -0.04
N ARG A 71 -13.69 -0.21 0.41
CA ARG A 71 -14.16 -1.52 0.86
C ARG A 71 -14.73 -2.31 -0.32
N GLN A 1 -6.44 34.11 2.72
CA GLN A 1 -7.05 32.88 3.25
C GLN A 1 -6.41 31.65 2.60
N PRO A 2 -5.60 30.91 3.33
CA PRO A 2 -4.86 29.75 2.75
C PRO A 2 -5.78 28.59 2.38
N GLY A 3 -6.82 28.38 3.19
CA GLY A 3 -7.76 27.29 2.96
C GLY A 3 -7.20 25.97 3.47
N THR A 4 -7.81 24.87 3.03
CA THR A 4 -7.35 23.54 3.45
C THR A 4 -6.31 23.00 2.47
N SER A 5 -5.41 22.16 2.99
CA SER A 5 -4.36 21.58 2.16
C SER A 5 -3.81 20.32 2.81
N ASN A 6 -3.03 19.54 2.04
CA ASN A 6 -2.42 18.33 2.56
C ASN A 6 -1.01 18.62 3.10
N GLU A 7 -0.55 17.78 4.03
CA GLU A 7 0.77 17.97 4.62
C GLU A 7 1.39 16.62 4.99
N THR A 8 2.70 16.50 4.78
CA THR A 8 3.44 15.29 5.15
C THR A 8 2.77 14.01 4.62
N PRO A 9 2.70 13.87 3.33
CA PRO A 9 2.79 12.51 2.70
C PRO A 9 4.15 11.87 2.95
N GLU A 10 5.18 12.71 3.06
CA GLU A 10 6.54 12.23 3.29
C GLU A 10 6.64 11.50 4.63
N GLU A 11 5.91 11.99 5.63
CA GLU A 11 5.95 11.38 6.96
C GLU A 11 5.35 9.97 6.91
N THR A 12 4.27 9.81 6.14
CA THR A 12 3.62 8.50 6.01
C THR A 12 4.60 7.45 5.48
N TYR A 13 5.30 7.78 4.40
CA TYR A 13 6.25 6.85 3.79
C TYR A 13 7.35 6.46 4.78
N GLN A 14 7.92 7.45 5.47
CA GLN A 14 9.01 7.18 6.41
C GLN A 14 8.58 6.19 7.51
N ARG A 15 7.40 6.40 8.07
CA ARG A 15 6.91 5.53 9.13
C ARG A 15 6.80 4.09 8.63
N ALA A 16 6.21 3.92 7.44
CA ALA A 16 6.07 2.60 6.84
C ALA A 16 7.44 1.97 6.59
N MET A 17 8.40 2.80 6.20
CA MET A 17 9.75 2.32 5.87
C MET A 17 10.44 1.68 7.08
N LYS A 18 10.07 2.12 8.28
CA LYS A 18 10.60 1.51 9.50
C LYS A 18 10.02 0.12 9.69
N ASP A 19 8.83 -0.13 9.12
CA ASP A 19 8.23 -1.46 9.16
C ASP A 19 8.85 -2.36 8.07
N PRO A 20 9.55 -3.41 8.45
CA PRO A 20 10.29 -4.26 7.45
C PRO A 20 9.37 -4.84 6.37
N GLU A 21 8.10 -5.07 6.73
CA GLU A 21 7.16 -5.67 5.79
C GLU A 21 6.86 -4.70 4.63
N VAL A 22 6.83 -3.41 4.95
CA VAL A 22 6.58 -2.39 3.93
C VAL A 22 7.73 -2.36 2.92
N ALA A 23 8.96 -2.38 3.44
CA ALA A 23 10.14 -2.33 2.58
C ALA A 23 10.14 -3.48 1.58
N ALA A 24 9.77 -4.66 2.07
CA ALA A 24 9.76 -5.87 1.23
C ALA A 24 8.79 -5.73 0.06
N ILE A 25 7.59 -5.23 0.32
CA ILE A 25 6.57 -5.12 -0.73
C ILE A 25 6.99 -4.12 -1.81
N MET A 26 7.49 -2.95 -1.39
CA MET A 26 7.86 -1.91 -2.34
C MET A 26 8.97 -2.39 -3.28
N GLN A 27 9.84 -3.25 -2.77
CA GLN A 27 10.88 -3.86 -3.61
C GLN A 27 10.37 -5.11 -4.35
N ASP A 28 9.09 -5.43 -4.18
CA ASP A 28 8.50 -6.60 -4.81
C ASP A 28 7.38 -6.16 -5.76
N PRO A 29 7.41 -6.60 -7.00
CA PRO A 29 6.60 -5.97 -8.09
C PRO A 29 5.10 -6.25 -7.99
N VAL A 30 4.72 -7.22 -7.15
CA VAL A 30 3.35 -7.77 -7.19
C VAL A 30 2.31 -6.66 -6.97
N MET A 31 2.44 -5.92 -5.88
CA MET A 31 1.40 -4.99 -5.48
C MET A 31 1.27 -3.84 -6.48
N GLN A 32 2.38 -3.46 -7.10
CA GLN A 32 2.35 -2.43 -8.14
C GLN A 32 1.44 -2.87 -9.30
N SER A 33 1.60 -4.13 -9.72
CA SER A 33 0.78 -4.68 -10.80
C SER A 33 -0.70 -4.70 -10.42
N ILE A 34 -1.01 -5.07 -9.18
CA ILE A 34 -2.41 -5.18 -8.75
C ILE A 34 -3.11 -3.82 -8.81
N LEU A 35 -2.42 -2.78 -8.34
CA LEU A 35 -2.97 -1.42 -8.38
C LEU A 35 -3.29 -1.00 -9.81
N GLN A 36 -2.35 -1.29 -10.73
CA GLN A 36 -2.56 -1.00 -12.15
C GLN A 36 -3.84 -1.67 -12.65
N GLN A 37 -3.98 -2.97 -12.36
CA GLN A 37 -5.13 -3.75 -12.83
C GLN A 37 -6.44 -3.17 -12.29
N ALA A 38 -6.42 -2.71 -11.05
CA ALA A 38 -7.61 -2.13 -10.42
C ALA A 38 -8.10 -0.91 -11.16
N GLN A 39 -7.16 -0.14 -11.72
CA GLN A 39 -7.52 1.03 -12.53
C GLN A 39 -8.23 0.59 -13.81
N GLN A 40 -7.70 -0.47 -14.41
CA GLN A 40 -8.33 -1.05 -15.60
C GLN A 40 -9.67 -1.69 -15.28
N ASN A 41 -9.77 -2.29 -14.08
CA ASN A 41 -10.99 -2.97 -13.67
C ASN A 41 -11.00 -3.21 -12.16
N PRO A 42 -12.04 -2.79 -11.47
CA PRO A 42 -12.03 -2.76 -9.97
C PRO A 42 -11.98 -4.15 -9.34
N ALA A 43 -12.38 -5.17 -10.10
CA ALA A 43 -12.41 -6.54 -9.59
C ALA A 43 -11.01 -7.09 -9.34
N ALA A 44 -10.01 -6.50 -10.00
CA ALA A 44 -8.67 -7.09 -10.03
C ALA A 44 -8.06 -7.15 -8.62
N LEU A 45 -8.06 -6.02 -7.92
CA LEU A 45 -7.44 -5.97 -6.61
C LEU A 45 -8.24 -6.78 -5.59
N GLN A 46 -9.56 -6.91 -5.80
CA GLN A 46 -10.41 -7.65 -4.88
C GLN A 46 -9.97 -9.12 -4.80
N GLU A 47 -9.85 -9.77 -5.96
CA GLU A 47 -9.45 -11.18 -5.98
C GLU A 47 -8.03 -11.36 -5.41
N HIS A 48 -7.22 -10.31 -5.52
CA HIS A 48 -5.88 -10.33 -4.92
C HIS A 48 -5.96 -10.36 -3.39
N MET A 49 -6.82 -9.51 -2.82
CA MET A 49 -6.91 -9.37 -1.37
C MET A 49 -7.37 -10.68 -0.73
N LYS A 50 -8.23 -11.41 -1.43
CA LYS A 50 -8.74 -12.69 -0.91
C LYS A 50 -7.62 -13.73 -0.86
N ASN A 51 -6.69 -13.63 -1.81
CA ASN A 51 -5.53 -14.53 -1.84
C ASN A 51 -4.63 -14.31 -0.61
N PRO A 52 -4.18 -15.37 0.04
CA PRO A 52 -3.51 -15.23 1.38
C PRO A 52 -2.18 -14.48 1.29
N GLU A 53 -1.37 -14.80 0.28
CA GLU A 53 -0.05 -14.20 0.17
C GLU A 53 -0.17 -12.72 -0.16
N VAL A 54 -1.09 -12.39 -1.06
CA VAL A 54 -1.33 -11.00 -1.42
C VAL A 54 -2.06 -10.30 -0.28
N PHE A 55 -2.91 -11.04 0.44
CA PHE A 55 -3.67 -10.46 1.57
C PHE A 55 -2.72 -9.79 2.56
N LYS A 56 -1.63 -10.48 2.91
CA LYS A 56 -0.63 -9.91 3.81
C LYS A 56 -0.03 -8.62 3.22
N LYS A 57 0.37 -8.69 1.95
CA LYS A 57 1.06 -7.57 1.31
C LYS A 57 0.15 -6.35 1.20
N ILE A 58 -1.04 -6.55 0.63
CA ILE A 58 -1.99 -5.45 0.40
C ILE A 58 -2.29 -4.72 1.72
N GLN A 59 -2.64 -5.49 2.75
CA GLN A 59 -2.99 -4.90 4.05
C GLN A 59 -1.85 -4.06 4.61
N THR A 60 -0.61 -4.55 4.46
CA THR A 60 0.54 -3.88 5.06
C THR A 60 0.65 -2.42 4.61
N LEU A 61 0.61 -2.19 3.30
CA LEU A 61 0.83 -0.83 2.79
C LEU A 61 -0.37 0.08 3.09
N ILE A 62 -1.57 -0.49 3.14
CA ILE A 62 -2.77 0.30 3.44
C ILE A 62 -2.71 0.82 4.88
N ALA A 63 -2.38 -0.07 5.82
CA ALA A 63 -2.22 0.33 7.22
C ALA A 63 -1.12 1.38 7.38
N ALA A 64 -0.09 1.28 6.52
CA ALA A 64 0.99 2.25 6.53
C ALA A 64 0.55 3.60 5.94
N GLY A 65 -0.65 3.66 5.35
CA GLY A 65 -1.14 4.90 4.76
C GLY A 65 -0.40 5.27 3.48
N ILE A 66 0.14 4.26 2.80
CA ILE A 66 0.88 4.49 1.56
C ILE A 66 -0.04 4.44 0.35
N ILE A 67 -1.10 3.61 0.44
CA ILE A 67 -1.99 3.40 -0.68
C ILE A 67 -3.43 3.65 -0.25
N ARG A 68 -4.21 4.30 -1.12
CA ARG A 68 -5.60 4.61 -0.80
C ARG A 68 -6.54 3.57 -1.43
N THR A 69 -7.33 2.90 -0.58
CA THR A 69 -8.29 1.92 -1.06
C THR A 69 -9.64 2.10 -0.37
N GLY A 70 -10.71 1.69 -1.05
CA GLY A 70 -12.05 1.81 -0.48
C GLY A 70 -13.02 0.90 -1.22
N ARG A 71 -12.64 -0.36 -1.40
CA ARG A 71 -13.48 -1.34 -2.11
C ARG A 71 -13.76 -0.88 -3.54
N GLN A 1 8.64 17.39 22.46
CA GLN A 1 7.55 18.10 23.13
C GLN A 1 6.64 17.11 23.87
N PRO A 2 5.95 17.56 24.89
CA PRO A 2 5.04 16.67 25.67
C PRO A 2 3.82 16.23 24.86
N GLY A 3 3.47 14.95 24.97
CA GLY A 3 2.33 14.41 24.25
C GLY A 3 2.75 13.93 22.86
N THR A 4 1.85 13.21 22.19
CA THR A 4 2.13 12.70 20.86
C THR A 4 1.65 13.69 19.80
N SER A 5 2.24 13.60 18.61
CA SER A 5 1.86 14.50 17.51
C SER A 5 2.23 13.87 16.16
N ASN A 6 1.37 14.11 15.16
CA ASN A 6 1.63 13.60 13.82
C ASN A 6 2.08 14.73 12.89
N GLU A 7 3.21 14.52 12.22
CA GLU A 7 3.77 15.54 11.35
C GLU A 7 4.39 14.91 10.10
N THR A 8 4.39 15.67 8.99
CA THR A 8 4.97 15.24 7.72
C THR A 8 4.47 13.86 7.29
N PRO A 9 3.77 13.79 6.17
CA PRO A 9 3.59 12.49 5.44
C PRO A 9 4.91 11.77 5.22
N GLU A 10 6.01 12.54 5.17
CA GLU A 10 7.35 11.96 5.13
C GLU A 10 7.62 11.12 6.37
N GLU A 11 7.05 11.54 7.51
CA GLU A 11 7.19 10.79 8.75
C GLU A 11 6.48 9.44 8.63
N THR A 12 5.32 9.44 7.95
CA THR A 12 4.55 8.21 7.75
C THR A 12 5.37 7.16 7.01
N TYR A 13 6.01 7.58 5.91
CA TYR A 13 6.83 6.66 5.12
C TYR A 13 7.95 6.05 5.95
N GLN A 14 8.65 6.88 6.73
CA GLN A 14 9.76 6.40 7.55
C GLN A 14 9.30 5.31 8.52
N ARG A 15 8.17 5.54 9.18
CA ARG A 15 7.64 4.56 10.15
C ARG A 15 7.40 3.22 9.46
N ALA A 16 6.74 3.26 8.30
CA ALA A 16 6.46 2.05 7.53
C ALA A 16 7.76 1.38 7.08
N MET A 17 8.79 2.19 6.80
CA MET A 17 10.07 1.68 6.32
C MET A 17 10.72 0.77 7.36
N LYS A 18 10.45 1.02 8.64
CA LYS A 18 10.96 0.14 9.70
C LYS A 18 10.25 -1.21 9.66
N ASP A 19 9.05 -1.25 9.08
CA ASP A 19 8.33 -2.51 8.90
C ASP A 19 8.81 -3.21 7.61
N PRO A 20 9.46 -4.36 7.73
CA PRO A 20 10.09 -5.03 6.54
C PRO A 20 9.08 -5.33 5.43
N GLU A 21 7.82 -5.54 5.80
CA GLU A 21 6.79 -5.88 4.82
C GLU A 21 6.53 -4.68 3.89
N VAL A 22 6.64 -3.47 4.45
CA VAL A 22 6.43 -2.25 3.66
C VAL A 22 7.53 -2.12 2.60
N ALA A 23 8.77 -2.38 3.01
CA ALA A 23 9.90 -2.28 2.08
C ALA A 23 9.68 -3.20 0.88
N ALA A 24 9.24 -4.42 1.16
CA ALA A 24 9.05 -5.42 0.11
C ALA A 24 8.04 -4.96 -0.95
N ILE A 25 6.94 -4.37 -0.50
CA ILE A 25 5.88 -3.93 -1.41
C ILE A 25 6.35 -2.73 -2.24
N MET A 26 6.91 -1.72 -1.56
CA MET A 26 7.36 -0.50 -2.25
C MET A 26 8.49 -0.78 -3.25
N GLN A 27 9.10 -1.97 -3.14
CA GLN A 27 10.10 -2.39 -4.11
C GLN A 27 9.47 -2.81 -5.46
N ASP A 28 8.16 -2.56 -5.62
CA ASP A 28 7.48 -2.49 -6.93
C ASP A 28 6.54 -3.68 -7.16
N PRO A 29 7.09 -4.84 -7.41
CA PRO A 29 6.45 -5.85 -8.31
C PRO A 29 4.99 -6.14 -7.99
N VAL A 30 4.68 -6.39 -6.72
CA VAL A 30 3.35 -6.85 -6.34
C VAL A 30 2.30 -5.78 -6.63
N MET A 31 2.54 -4.56 -6.15
CA MET A 31 1.54 -3.52 -6.28
C MET A 31 1.35 -3.10 -7.73
N GLN A 32 2.41 -3.16 -8.53
CA GLN A 32 2.30 -2.85 -9.96
C GLN A 32 1.30 -3.78 -10.64
N SER A 33 1.41 -5.08 -10.34
CA SER A 33 0.51 -6.08 -10.91
C SER A 33 -0.95 -5.80 -10.54
N ILE A 34 -1.22 -5.55 -9.27
CA ILE A 34 -2.61 -5.33 -8.80
C ILE A 34 -3.22 -4.11 -9.48
N LEU A 35 -2.48 -3.01 -9.49
CA LEU A 35 -2.99 -1.74 -10.04
C LEU A 35 -3.37 -1.89 -11.51
N GLN A 36 -2.43 -2.40 -12.31
CA GLN A 36 -2.67 -2.55 -13.75
C GLN A 36 -3.89 -3.43 -14.01
N GLN A 37 -3.93 -4.60 -13.36
CA GLN A 37 -5.01 -5.56 -13.59
C GLN A 37 -6.37 -4.96 -13.24
N ALA A 38 -6.42 -4.18 -12.16
CA ALA A 38 -7.67 -3.56 -11.72
C ALA A 38 -8.21 -2.58 -12.75
N GLN A 39 -7.31 -1.90 -13.46
CA GLN A 39 -7.72 -0.93 -14.48
C GLN A 39 -8.41 -1.66 -15.64
N GLN A 40 -7.81 -2.77 -16.05
CA GLN A 40 -8.40 -3.62 -17.08
C GLN A 40 -9.61 -4.38 -16.52
N ASN A 41 -9.62 -4.63 -15.21
CA ASN A 41 -10.67 -5.41 -14.57
C ASN A 41 -10.69 -5.16 -13.07
N PRO A 42 -11.49 -4.22 -12.59
CA PRO A 42 -11.40 -3.73 -11.19
C PRO A 42 -11.59 -4.85 -10.15
N ALA A 43 -12.25 -5.94 -10.57
CA ALA A 43 -12.49 -7.07 -9.67
C ALA A 43 -11.18 -7.73 -9.24
N ALA A 44 -10.17 -7.67 -10.12
CA ALA A 44 -8.86 -8.26 -9.80
C ALA A 44 -8.29 -7.70 -8.49
N LEU A 45 -8.54 -6.42 -8.22
CA LEU A 45 -7.98 -5.79 -7.03
C LEU A 45 -8.64 -6.40 -5.78
N GLN A 46 -9.94 -6.68 -5.88
CA GLN A 46 -10.68 -7.29 -4.77
C GLN A 46 -10.09 -8.64 -4.39
N GLU A 47 -9.95 -9.53 -5.38
CA GLU A 47 -9.45 -10.88 -5.12
C GLU A 47 -8.02 -10.83 -4.55
N HIS A 48 -7.28 -9.78 -4.89
CA HIS A 48 -5.94 -9.58 -4.33
C HIS A 48 -6.01 -9.38 -2.83
N MET A 49 -6.95 -8.57 -2.36
CA MET A 49 -7.13 -8.34 -0.92
C MET A 49 -7.53 -9.64 -0.23
N LYS A 50 -8.33 -10.46 -0.92
CA LYS A 50 -8.72 -11.77 -0.38
C LYS A 50 -7.55 -12.76 -0.44
N ASN A 51 -6.73 -12.64 -1.49
CA ASN A 51 -5.57 -13.51 -1.66
C ASN A 51 -4.60 -13.38 -0.48
N PRO A 52 -4.10 -14.47 0.06
CA PRO A 52 -3.36 -14.44 1.37
C PRO A 52 -2.08 -13.61 1.30
N GLU A 53 -1.28 -13.83 0.25
CA GLU A 53 0.02 -13.17 0.14
C GLU A 53 -0.17 -11.68 -0.09
N VAL A 54 -1.09 -11.35 -0.99
CA VAL A 54 -1.37 -9.95 -1.30
C VAL A 54 -2.14 -9.30 -0.14
N PHE A 55 -2.97 -10.09 0.54
CA PHE A 55 -3.72 -9.61 1.71
C PHE A 55 -2.77 -8.99 2.74
N LYS A 56 -1.68 -9.68 3.05
CA LYS A 56 -0.69 -9.17 3.99
C LYS A 56 -0.11 -7.84 3.51
N LYS A 57 0.27 -7.80 2.22
CA LYS A 57 0.92 -6.62 1.66
C LYS A 57 -0.02 -5.42 1.63
N ILE A 58 -1.21 -5.61 1.08
CA ILE A 58 -2.19 -4.53 0.95
C ILE A 58 -2.50 -3.92 2.33
N GLN A 59 -2.73 -4.79 3.32
CA GLN A 59 -3.05 -4.32 4.68
C GLN A 59 -1.92 -3.48 5.27
N THR A 60 -0.68 -3.95 5.08
CA THR A 60 0.48 -3.30 5.69
C THR A 60 0.56 -1.82 5.29
N LEU A 61 0.50 -1.53 4.00
CA LEU A 61 0.70 -0.16 3.53
C LEU A 61 -0.44 0.76 3.97
N ILE A 62 -1.67 0.22 4.02
CA ILE A 62 -2.82 1.01 4.45
C ILE A 62 -2.69 1.37 5.94
N ALA A 63 -2.41 0.36 6.77
CA ALA A 63 -2.25 0.57 8.20
C ALA A 63 -1.08 1.52 8.51
N ALA A 64 -0.07 1.50 7.63
CA ALA A 64 1.10 2.34 7.81
C ALA A 64 0.83 3.81 7.43
N GLY A 65 -0.38 4.12 6.97
CA GLY A 65 -0.72 5.48 6.59
C GLY A 65 -0.03 5.90 5.29
N ILE A 66 0.29 4.92 4.44
CA ILE A 66 0.94 5.21 3.16
C ILE A 66 -0.09 5.40 2.05
N ILE A 67 -1.21 4.68 2.16
CA ILE A 67 -2.22 4.68 1.09
C ILE A 67 -3.59 5.02 1.67
N ARG A 68 -4.35 5.84 0.93
CA ARG A 68 -5.68 6.24 1.39
C ARG A 68 -6.75 5.40 0.70
N THR A 69 -7.51 4.65 1.50
CA THR A 69 -8.59 3.81 0.97
C THR A 69 -9.83 3.93 1.84
N GLY A 70 -10.98 3.56 1.27
CA GLY A 70 -12.24 3.61 2.01
C GLY A 70 -13.34 2.85 1.27
N ARG A 71 -14.53 2.78 1.88
CA ARG A 71 -15.66 2.09 1.28
C ARG A 71 -15.33 0.61 1.04
N GLN A 1 7.44 26.16 9.61
CA GLN A 1 7.48 25.41 8.37
C GLN A 1 8.19 24.07 8.57
N PRO A 2 7.66 22.99 8.03
CA PRO A 2 8.26 21.63 8.24
C PRO A 2 9.56 21.46 7.43
N GLY A 3 10.32 20.41 7.76
CA GLY A 3 11.58 20.15 7.08
C GLY A 3 11.33 19.68 5.65
N THR A 4 12.42 19.44 4.91
CA THR A 4 12.31 19.01 3.51
C THR A 4 12.19 17.49 3.41
N SER A 5 12.84 16.78 4.33
CA SER A 5 12.84 15.31 4.30
C SER A 5 11.43 14.77 4.57
N ASN A 6 10.71 15.42 5.49
CA ASN A 6 9.35 15.01 5.83
C ASN A 6 8.34 16.02 5.32
N GLU A 7 7.43 15.57 4.45
CA GLU A 7 6.43 16.45 3.86
C GLU A 7 5.39 15.66 3.08
N THR A 8 4.20 16.25 2.89
CA THR A 8 3.13 15.64 2.11
C THR A 8 2.84 14.19 2.53
N PRO A 9 1.90 13.54 1.88
CA PRO A 9 1.72 12.06 1.99
C PRO A 9 3.03 11.28 1.79
N GLU A 10 4.00 11.92 1.10
CA GLU A 10 5.35 11.35 1.00
C GLU A 10 5.94 11.11 2.39
N GLU A 11 5.49 11.88 3.38
CA GLU A 11 5.92 11.69 4.76
C GLU A 11 5.41 10.36 5.29
N THR A 12 4.16 10.02 4.94
CA THR A 12 3.56 8.75 5.36
C THR A 12 4.37 7.57 4.83
N TYR A 13 4.76 7.65 3.56
CA TYR A 13 5.55 6.58 2.94
C TYR A 13 6.85 6.34 3.69
N GLN A 14 7.55 7.42 4.06
CA GLN A 14 8.81 7.30 4.79
C GLN A 14 8.61 6.57 6.12
N ARG A 15 7.58 6.96 6.87
CA ARG A 15 7.31 6.34 8.17
C ARG A 15 7.11 4.84 8.02
N ALA A 16 6.29 4.45 7.06
CA ALA A 16 6.03 3.03 6.79
C ALA A 16 7.32 2.32 6.36
N MET A 17 8.16 3.03 5.62
CA MET A 17 9.41 2.45 5.10
C MET A 17 10.33 2.01 6.24
N LYS A 18 10.20 2.65 7.40
CA LYS A 18 10.97 2.24 8.57
C LYS A 18 10.42 0.95 9.18
N ASP A 19 9.14 0.65 8.92
CA ASP A 19 8.53 -0.57 9.41
C ASP A 19 8.96 -1.76 8.54
N PRO A 20 9.61 -2.76 9.11
CA PRO A 20 10.33 -3.79 8.30
C PRO A 20 9.41 -4.52 7.30
N GLU A 21 8.15 -4.73 7.70
CA GLU A 21 7.22 -5.49 6.86
C GLU A 21 6.91 -4.71 5.59
N VAL A 22 6.72 -3.40 5.75
CA VAL A 22 6.42 -2.54 4.60
C VAL A 22 7.60 -2.52 3.62
N ALA A 23 8.80 -2.33 4.14
CA ALA A 23 9.99 -2.21 3.29
C ALA A 23 10.13 -3.45 2.40
N ALA A 24 10.04 -4.61 3.02
CA ALA A 24 10.27 -5.87 2.32
C ALA A 24 9.24 -6.09 1.21
N ILE A 25 7.98 -5.81 1.52
CA ILE A 25 6.89 -6.04 0.57
C ILE A 25 6.98 -5.05 -0.61
N MET A 26 7.11 -3.76 -0.31
CA MET A 26 7.13 -2.73 -1.35
C MET A 26 8.27 -2.94 -2.34
N GLN A 27 9.29 -3.69 -1.94
CA GLN A 27 10.38 -4.06 -2.85
C GLN A 27 10.00 -5.24 -3.76
N ASP A 28 8.76 -5.71 -3.66
CA ASP A 28 8.28 -6.82 -4.49
C ASP A 28 7.29 -6.29 -5.53
N PRO A 29 7.50 -6.56 -6.81
CA PRO A 29 6.79 -5.84 -7.91
C PRO A 29 5.31 -6.23 -8.05
N VAL A 30 4.92 -7.32 -7.39
CA VAL A 30 3.54 -7.84 -7.50
C VAL A 30 2.53 -6.72 -7.19
N MET A 31 2.80 -5.97 -6.14
CA MET A 31 1.82 -5.00 -5.66
C MET A 31 1.62 -3.87 -6.65
N GLN A 32 2.68 -3.50 -7.37
CA GLN A 32 2.59 -2.46 -8.39
C GLN A 32 1.57 -2.88 -9.47
N SER A 33 1.66 -4.14 -9.89
CA SER A 33 0.73 -4.67 -10.90
C SER A 33 -0.71 -4.63 -10.40
N ILE A 34 -0.92 -4.98 -9.13
CA ILE A 34 -2.28 -5.01 -8.56
C ILE A 34 -2.89 -3.60 -8.58
N LEU A 35 -2.11 -2.60 -8.18
CA LEU A 35 -2.59 -1.21 -8.14
C LEU A 35 -3.01 -0.74 -9.53
N GLN A 36 -2.13 -0.95 -10.52
CA GLN A 36 -2.42 -0.51 -11.89
C GLN A 36 -3.73 -1.14 -12.39
N GLN A 37 -3.86 -2.45 -12.23
CA GLN A 37 -5.06 -3.16 -12.69
C GLN A 37 -6.32 -2.61 -12.01
N ALA A 38 -6.18 -2.22 -10.75
CA ALA A 38 -7.30 -1.67 -9.98
C ALA A 38 -7.80 -0.37 -10.61
N GLN A 39 -6.88 0.44 -11.13
CA GLN A 39 -7.24 1.71 -11.75
C GLN A 39 -8.06 1.47 -13.02
N GLN A 40 -7.58 0.53 -13.84
CA GLN A 40 -8.29 0.15 -15.06
C GLN A 40 -9.61 -0.54 -14.73
N ASN A 41 -9.61 -1.33 -13.64
CA ASN A 41 -10.81 -2.04 -13.22
C ASN A 41 -10.73 -2.38 -11.72
N PRO A 42 -11.67 -1.90 -10.92
CA PRO A 42 -11.55 -1.98 -9.43
C PRO A 42 -11.62 -3.41 -8.90
N ALA A 43 -12.05 -4.35 -9.74
CA ALA A 43 -12.20 -5.75 -9.31
C ALA A 43 -10.84 -6.42 -9.10
N ALA A 44 -9.79 -5.91 -9.74
CA ALA A 44 -8.50 -6.58 -9.78
C ALA A 44 -7.92 -6.75 -8.37
N LEU A 45 -7.84 -5.65 -7.62
CA LEU A 45 -7.26 -5.70 -6.28
C LEU A 45 -8.12 -6.55 -5.34
N GLN A 46 -9.44 -6.58 -5.59
CA GLN A 46 -10.35 -7.38 -4.76
C GLN A 46 -9.95 -8.86 -4.80
N GLU A 47 -9.84 -9.41 -5.99
CA GLU A 47 -9.50 -10.83 -6.14
C GLU A 47 -8.11 -11.13 -5.59
N HIS A 48 -7.24 -10.12 -5.62
CA HIS A 48 -5.91 -10.23 -5.03
C HIS A 48 -5.99 -10.41 -3.51
N MET A 49 -6.86 -9.64 -2.86
CA MET A 49 -7.06 -9.76 -1.41
C MET A 49 -7.60 -11.15 -1.04
N LYS A 50 -8.34 -11.76 -1.96
CA LYS A 50 -8.83 -13.13 -1.75
C LYS A 50 -7.67 -14.12 -1.78
N ASN A 51 -6.70 -13.87 -2.65
CA ASN A 51 -5.49 -14.68 -2.71
C ASN A 51 -4.67 -14.54 -1.42
N PRO A 52 -4.14 -15.64 -0.89
CA PRO A 52 -3.57 -15.65 0.49
C PRO A 52 -2.23 -14.92 0.58
N GLU A 53 -1.32 -15.20 -0.36
CA GLU A 53 0.01 -14.58 -0.33
C GLU A 53 -0.11 -13.08 -0.57
N VAL A 54 -1.03 -12.70 -1.46
CA VAL A 54 -1.25 -11.29 -1.72
C VAL A 54 -1.96 -10.65 -0.53
N PHE A 55 -2.86 -11.42 0.11
CA PHE A 55 -3.62 -10.91 1.25
C PHE A 55 -2.70 -10.35 2.33
N LYS A 56 -1.62 -11.07 2.63
CA LYS A 56 -0.62 -10.58 3.58
C LYS A 56 -0.01 -9.26 3.09
N LYS A 57 0.36 -9.22 1.81
CA LYS A 57 1.04 -8.05 1.25
C LYS A 57 0.12 -6.81 1.28
N ILE A 58 -1.07 -6.96 0.70
CA ILE A 58 -2.02 -5.85 0.59
C ILE A 58 -2.30 -5.26 1.99
N GLN A 59 -2.59 -6.13 2.95
CA GLN A 59 -2.92 -5.68 4.31
C GLN A 59 -1.80 -4.84 4.92
N THR A 60 -0.55 -5.27 4.75
CA THR A 60 0.59 -4.61 5.38
C THR A 60 0.64 -3.13 5.02
N LEU A 61 0.58 -2.82 3.72
CA LEU A 61 0.71 -1.43 3.28
C LEU A 61 -0.48 -0.58 3.73
N ILE A 62 -1.68 -1.16 3.74
CA ILE A 62 -2.87 -0.43 4.16
C ILE A 62 -2.77 -0.01 5.63
N ALA A 63 -2.34 -0.95 6.49
CA ALA A 63 -2.12 -0.65 7.90
C ALA A 63 -1.09 0.47 8.08
N ALA A 64 -0.11 0.52 7.18
CA ALA A 64 0.89 1.59 7.19
C ALA A 64 0.32 2.91 6.67
N GLY A 65 -0.90 2.89 6.13
CA GLY A 65 -1.52 4.09 5.59
C GLY A 65 -0.89 4.51 4.26
N ILE A 66 -0.28 3.55 3.56
CA ILE A 66 0.36 3.83 2.27
C ILE A 66 -0.66 3.71 1.14
N ILE A 67 -1.62 2.79 1.30
CA ILE A 67 -2.61 2.54 0.25
C ILE A 67 -4.02 2.64 0.82
N ARG A 68 -4.93 3.27 0.08
CA ARG A 68 -6.31 3.43 0.52
C ARG A 68 -7.21 2.40 -0.15
N THR A 69 -8.06 1.76 0.65
CA THR A 69 -8.97 0.74 0.13
C THR A 69 -10.35 0.86 0.79
N GLY A 70 -11.36 0.32 0.13
CA GLY A 70 -12.72 0.33 0.68
C GLY A 70 -13.01 -0.96 1.44
N ARG A 71 -14.02 -0.92 2.32
CA ARG A 71 -14.40 -2.09 3.11
C ARG A 71 -13.23 -2.58 3.97
N GLN A 1 9.07 23.24 9.49
CA GLN A 1 8.18 23.70 8.43
C GLN A 1 6.76 23.15 8.62
N PRO A 2 5.88 23.91 9.25
CA PRO A 2 4.48 23.43 9.50
C PRO A 2 3.63 23.43 8.24
N GLY A 3 2.68 22.50 8.17
CA GLY A 3 1.80 22.39 7.01
C GLY A 3 0.51 21.68 7.37
N THR A 4 -0.45 22.43 7.92
CA THR A 4 -1.73 21.86 8.31
C THR A 4 -2.71 21.85 7.13
N SER A 5 -2.64 22.88 6.29
CA SER A 5 -3.51 22.98 5.13
C SER A 5 -3.21 21.86 4.13
N ASN A 6 -1.92 21.53 3.99
CA ASN A 6 -1.51 20.46 3.08
C ASN A 6 -0.90 19.30 3.86
N GLU A 7 -1.41 18.09 3.62
CA GLU A 7 -0.91 16.91 4.30
C GLU A 7 0.38 16.42 3.66
N THR A 8 1.28 15.89 4.48
CA THR A 8 2.52 15.28 3.98
C THR A 8 2.35 13.78 3.75
N PRO A 9 2.10 13.36 2.54
CA PRO A 9 2.33 11.94 2.13
C PRO A 9 3.74 11.46 2.44
N GLU A 10 4.70 12.38 2.37
CA GLU A 10 6.11 12.05 2.62
C GLU A 10 6.30 11.47 4.01
N GLU A 11 5.54 11.99 4.98
CA GLU A 11 5.66 11.54 6.36
C GLU A 11 5.19 10.09 6.50
N THR A 12 4.08 9.77 5.83
CA THR A 12 3.52 8.42 5.89
C THR A 12 4.53 7.39 5.36
N TYR A 13 5.17 7.73 4.24
CA TYR A 13 6.16 6.83 3.63
C TYR A 13 7.30 6.51 4.60
N GLN A 14 7.86 7.54 5.22
CA GLN A 14 8.98 7.35 6.16
C GLN A 14 8.60 6.40 7.29
N ARG A 15 7.44 6.61 7.89
CA ARG A 15 6.98 5.77 9.00
C ARG A 15 6.91 4.31 8.56
N ALA A 16 6.27 4.09 7.40
CA ALA A 16 6.15 2.73 6.86
C ALA A 16 7.52 2.14 6.54
N MET A 17 8.46 3.00 6.15
CA MET A 17 9.81 2.55 5.77
C MET A 17 10.52 1.87 6.95
N LYS A 18 10.20 2.30 8.16
CA LYS A 18 10.76 1.67 9.36
C LYS A 18 10.17 0.27 9.58
N ASP A 19 8.99 0.03 9.00
CA ASP A 19 8.37 -1.29 9.09
C ASP A 19 8.99 -2.24 8.04
N PRO A 20 9.59 -3.34 8.46
CA PRO A 20 10.30 -4.26 7.51
C PRO A 20 9.37 -4.82 6.43
N GLU A 21 8.10 -5.02 6.80
CA GLU A 21 7.14 -5.62 5.85
C GLU A 21 6.87 -4.67 4.69
N VAL A 22 6.86 -3.37 4.98
CA VAL A 22 6.65 -2.37 3.94
C VAL A 22 7.80 -2.39 2.94
N ALA A 23 9.03 -2.46 3.47
CA ALA A 23 10.22 -2.45 2.61
C ALA A 23 10.18 -3.61 1.62
N ALA A 24 9.78 -4.78 2.11
CA ALA A 24 9.75 -5.99 1.29
C ALA A 24 8.79 -5.83 0.10
N ILE A 25 7.59 -5.31 0.36
CA ILE A 25 6.58 -5.21 -0.69
C ILE A 25 7.00 -4.21 -1.76
N MET A 26 7.53 -3.06 -1.35
CA MET A 26 7.92 -2.02 -2.31
C MET A 26 9.02 -2.53 -3.25
N GLN A 27 9.89 -3.38 -2.73
CA GLN A 27 10.92 -4.01 -3.56
C GLN A 27 10.40 -5.24 -4.31
N ASP A 28 9.12 -5.56 -4.11
CA ASP A 28 8.51 -6.73 -4.75
C ASP A 28 7.39 -6.27 -5.68
N PRO A 29 7.40 -6.70 -6.92
CA PRO A 29 6.60 -6.05 -8.01
C PRO A 29 5.10 -6.32 -7.89
N VAL A 30 4.71 -7.29 -7.06
CA VAL A 30 3.35 -7.82 -7.08
C VAL A 30 2.31 -6.71 -6.85
N MET A 31 2.46 -6.00 -5.74
CA MET A 31 1.41 -5.05 -5.34
C MET A 31 1.32 -3.89 -6.31
N GLN A 32 2.44 -3.52 -6.93
CA GLN A 32 2.43 -2.48 -7.96
C GLN A 32 1.49 -2.85 -9.11
N SER A 33 1.61 -4.10 -9.58
CA SER A 33 0.78 -4.57 -10.68
C SER A 33 -0.70 -4.60 -10.31
N ILE A 34 -1.00 -4.98 -9.06
CA ILE A 34 -2.40 -5.09 -8.61
C ILE A 34 -3.07 -3.71 -8.65
N LEU A 35 -2.40 -2.70 -8.13
CA LEU A 35 -2.94 -1.34 -8.11
C LEU A 35 -3.24 -0.85 -9.52
N GLN A 36 -2.29 -1.08 -10.44
CA GLN A 36 -2.47 -0.70 -11.84
C GLN A 36 -3.74 -1.35 -12.40
N GLN A 37 -3.88 -2.66 -12.21
CA GLN A 37 -5.01 -3.41 -12.75
C GLN A 37 -6.33 -2.87 -12.18
N ALA A 38 -6.32 -2.48 -10.90
CA ALA A 38 -7.53 -1.96 -10.25
C ALA A 38 -8.01 -0.69 -10.94
N GLN A 39 -7.08 0.12 -11.44
CA GLN A 39 -7.43 1.34 -12.17
C GLN A 39 -8.13 0.97 -13.48
N GLN A 40 -7.59 -0.05 -14.15
CA GLN A 40 -8.19 -0.54 -15.39
C GLN A 40 -9.54 -1.21 -15.12
N ASN A 41 -9.64 -1.90 -13.97
CA ASN A 41 -10.86 -2.61 -13.62
C ASN A 41 -10.88 -2.96 -12.13
N PRO A 42 -11.96 -2.63 -11.43
CA PRO A 42 -11.97 -2.69 -9.94
C PRO A 42 -11.90 -4.13 -9.40
N ALA A 43 -12.22 -5.11 -10.25
CA ALA A 43 -12.26 -6.51 -9.82
C ALA A 43 -10.85 -7.04 -9.52
N ALA A 44 -9.83 -6.41 -10.09
CA ALA A 44 -8.48 -6.97 -10.07
C ALA A 44 -7.94 -7.08 -8.64
N LEU A 45 -7.99 -5.97 -7.90
CA LEU A 45 -7.42 -5.96 -6.56
C LEU A 45 -8.26 -6.82 -5.61
N GLN A 46 -9.56 -6.93 -5.89
CA GLN A 46 -10.46 -7.73 -5.03
C GLN A 46 -9.99 -9.18 -4.96
N GLU A 47 -9.80 -9.80 -6.12
CA GLU A 47 -9.38 -11.21 -6.17
C GLU A 47 -8.00 -11.39 -5.53
N HIS A 48 -7.20 -10.32 -5.57
CA HIS A 48 -5.88 -10.34 -4.93
C HIS A 48 -6.02 -10.40 -3.40
N MET A 49 -6.93 -9.59 -2.86
CA MET A 49 -7.10 -9.51 -1.40
C MET A 49 -7.56 -10.86 -0.84
N LYS A 50 -8.36 -11.59 -1.61
CA LYS A 50 -8.86 -12.89 -1.16
C LYS A 50 -7.71 -13.91 -1.06
N ASN A 51 -6.74 -13.78 -1.97
CA ASN A 51 -5.57 -14.66 -1.96
C ASN A 51 -4.73 -14.41 -0.70
N PRO A 52 -4.26 -15.46 -0.04
CA PRO A 52 -3.62 -15.32 1.31
C PRO A 52 -2.28 -14.59 1.26
N GLU A 53 -1.47 -14.91 0.25
CA GLU A 53 -0.13 -14.33 0.15
C GLU A 53 -0.23 -12.84 -0.15
N VAL A 54 -1.14 -12.49 -1.05
CA VAL A 54 -1.36 -11.09 -1.38
C VAL A 54 -2.08 -10.40 -0.23
N PHE A 55 -2.96 -11.15 0.48
CA PHE A 55 -3.72 -10.58 1.59
C PHE A 55 -2.79 -9.91 2.60
N LYS A 56 -1.71 -10.61 2.97
CA LYS A 56 -0.72 -10.05 3.89
C LYS A 56 -0.09 -8.77 3.33
N LYS A 57 0.33 -8.84 2.06
CA LYS A 57 1.03 -7.72 1.43
C LYS A 57 0.12 -6.49 1.31
N ILE A 58 -1.08 -6.69 0.75
CA ILE A 58 -2.02 -5.59 0.52
C ILE A 58 -2.31 -4.86 1.84
N GLN A 59 -2.65 -5.63 2.88
CA GLN A 59 -2.98 -5.05 4.18
C GLN A 59 -1.83 -4.21 4.74
N THR A 60 -0.60 -4.70 4.57
CA THR A 60 0.57 -4.04 5.14
C THR A 60 0.67 -2.57 4.71
N LEU A 61 0.59 -2.32 3.40
CA LEU A 61 0.80 -0.95 2.91
C LEU A 61 -0.40 -0.06 3.23
N ILE A 62 -1.59 -0.63 3.28
CA ILE A 62 -2.80 0.15 3.61
C ILE A 62 -2.72 0.67 5.04
N ALA A 63 -2.38 -0.21 5.98
CA ALA A 63 -2.19 0.18 7.38
C ALA A 63 -1.07 1.21 7.52
N ALA A 64 -0.06 1.08 6.68
CA ALA A 64 1.06 2.04 6.67
C ALA A 64 0.65 3.38 6.06
N GLY A 65 -0.54 3.46 5.45
CA GLY A 65 -1.01 4.71 4.87
C GLY A 65 -0.25 5.06 3.59
N ILE A 66 0.29 4.05 2.91
CA ILE A 66 1.03 4.28 1.66
C ILE A 66 0.08 4.23 0.46
N ILE A 67 -0.99 3.45 0.57
CA ILE A 67 -1.92 3.28 -0.54
C ILE A 67 -3.35 3.56 -0.07
N ARG A 68 -4.12 4.26 -0.91
CA ARG A 68 -5.49 4.62 -0.56
C ARG A 68 -6.48 3.59 -1.12
N THR A 69 -6.34 2.35 -0.69
CA THR A 69 -7.23 1.27 -1.14
C THR A 69 -8.65 1.50 -0.63
N GLY A 70 -8.77 2.01 0.59
CA GLY A 70 -10.07 2.26 1.20
C GLY A 70 -10.64 3.59 0.73
N ARG A 71 -9.87 4.66 0.91
CA ARG A 71 -10.31 5.99 0.52
C ARG A 71 -9.11 6.85 0.12
N GLN A 1 -8.56 19.58 -4.72
CA GLN A 1 -8.88 20.70 -3.81
C GLN A 1 -10.39 20.77 -3.55
N PRO A 2 -10.88 20.06 -2.55
CA PRO A 2 -12.29 20.20 -2.10
C PRO A 2 -12.53 21.53 -1.37
N GLY A 3 -11.50 22.02 -0.69
CA GLY A 3 -11.59 23.28 0.03
C GLY A 3 -10.21 23.77 0.45
N THR A 4 -9.58 23.05 1.37
CA THR A 4 -8.24 23.39 1.82
C THR A 4 -7.45 22.12 2.14
N SER A 5 -6.14 22.17 1.88
CA SER A 5 -5.28 21.01 2.13
C SER A 5 -4.04 21.43 2.91
N ASN A 6 -3.57 20.54 3.79
CA ASN A 6 -2.37 20.82 4.58
C ASN A 6 -1.93 19.56 5.35
N GLU A 7 -1.29 18.64 4.63
CA GLU A 7 -0.82 17.40 5.25
C GLU A 7 0.46 16.90 4.57
N THR A 8 1.30 16.23 5.34
CA THR A 8 2.52 15.63 4.79
C THR A 8 2.30 14.16 4.43
N PRO A 9 2.01 13.86 3.18
CA PRO A 9 2.17 12.46 2.65
C PRO A 9 3.59 11.93 2.87
N GLU A 10 4.57 12.83 2.86
CA GLU A 10 5.97 12.44 3.04
C GLU A 10 6.17 11.74 4.38
N GLU A 11 5.44 12.18 5.40
CA GLU A 11 5.59 11.61 6.74
C GLU A 11 5.10 10.16 6.76
N THR A 12 3.98 9.91 6.09
CA THR A 12 3.40 8.56 6.05
C THR A 12 4.39 7.55 5.44
N TYR A 13 4.98 7.92 4.30
CA TYR A 13 5.91 7.03 3.62
C TYR A 13 7.12 6.69 4.50
N GLN A 14 7.72 7.72 5.12
CA GLN A 14 8.90 7.50 5.97
C GLN A 14 8.60 6.53 7.11
N ARG A 15 7.45 6.71 7.77
CA ARG A 15 7.08 5.84 8.88
C ARG A 15 7.00 4.39 8.41
N ALA A 16 6.29 4.17 7.30
CA ALA A 16 6.14 2.83 6.75
C ALA A 16 7.50 2.23 6.37
N MET A 17 8.40 3.09 5.88
CA MET A 17 9.72 2.64 5.42
C MET A 17 10.52 2.02 6.56
N LYS A 18 10.30 2.50 7.78
CA LYS A 18 11.01 1.98 8.95
C LYS A 18 10.48 0.60 9.35
N ASP A 19 9.23 0.31 8.96
CA ASP A 19 8.63 -0.99 9.25
C ASP A 19 9.16 -2.05 8.27
N PRO A 20 9.86 -3.07 8.76
CA PRO A 20 10.53 -4.05 7.85
C PRO A 20 9.55 -4.75 6.89
N GLU A 21 8.32 -4.95 7.34
CA GLU A 21 7.33 -5.65 6.52
C GLU A 21 6.96 -4.81 5.30
N VAL A 22 6.87 -3.50 5.50
CA VAL A 22 6.54 -2.58 4.41
C VAL A 22 7.64 -2.60 3.36
N ALA A 23 8.89 -2.49 3.81
CA ALA A 23 10.03 -2.40 2.90
C ALA A 23 10.07 -3.61 1.97
N ALA A 24 9.91 -4.80 2.56
CA ALA A 24 10.03 -6.04 1.81
C ALA A 24 8.96 -6.15 0.71
N ILE A 25 7.73 -5.80 1.06
CA ILE A 25 6.62 -5.93 0.11
C ILE A 25 6.75 -4.91 -1.03
N MET A 26 7.05 -3.66 -0.68
CA MET A 26 7.15 -2.59 -1.68
C MET A 26 8.23 -2.89 -2.72
N GLN A 27 9.24 -3.68 -2.32
CA GLN A 27 10.27 -4.12 -3.26
C GLN A 27 9.80 -5.32 -4.09
N ASP A 28 8.55 -5.74 -3.91
CA ASP A 28 7.98 -6.82 -4.72
C ASP A 28 7.12 -6.24 -5.85
N PRO A 29 7.41 -6.57 -7.10
CA PRO A 29 6.68 -6.00 -8.28
C PRO A 29 5.21 -6.43 -8.36
N VAL A 30 4.82 -7.45 -7.58
CA VAL A 30 3.46 -7.98 -7.63
C VAL A 30 2.44 -6.86 -7.41
N MET A 31 2.71 -5.99 -6.44
CA MET A 31 1.75 -4.97 -6.05
C MET A 31 1.53 -3.95 -7.17
N GLN A 32 2.59 -3.65 -7.92
CA GLN A 32 2.48 -2.73 -9.06
C GLN A 32 1.46 -3.26 -10.06
N SER A 33 1.53 -4.57 -10.34
CA SER A 33 0.58 -5.21 -11.26
C SER A 33 -0.86 -5.10 -10.74
N ILE A 34 -1.06 -5.32 -9.44
CA ILE A 34 -2.41 -5.29 -8.86
C ILE A 34 -3.02 -3.89 -9.02
N LEU A 35 -2.25 -2.87 -8.65
CA LEU A 35 -2.75 -1.49 -8.70
C LEU A 35 -3.15 -1.10 -10.12
N GLN A 36 -2.29 -1.41 -11.09
CA GLN A 36 -2.59 -1.11 -12.50
C GLN A 36 -3.91 -1.75 -12.92
N GLN A 37 -4.05 -3.04 -12.62
CA GLN A 37 -5.26 -3.78 -13.00
C GLN A 37 -6.52 -3.16 -12.41
N ALA A 38 -6.41 -2.69 -11.16
CA ALA A 38 -7.54 -2.07 -10.47
C ALA A 38 -8.01 -0.80 -11.19
N GLN A 39 -7.06 -0.06 -11.77
CA GLN A 39 -7.40 1.16 -12.50
C GLN A 39 -8.20 0.81 -13.74
N GLN A 40 -7.76 -0.22 -14.45
CA GLN A 40 -8.48 -0.73 -15.61
C GLN A 40 -9.80 -1.40 -15.18
N ASN A 41 -9.80 -1.99 -13.99
CA ASN A 41 -10.97 -2.71 -13.49
C ASN A 41 -10.90 -2.87 -11.96
N PRO A 42 -11.65 -2.09 -11.22
CA PRO A 42 -11.46 -1.98 -9.73
C PRO A 42 -11.59 -3.33 -9.02
N ALA A 43 -12.26 -4.29 -9.66
CA ALA A 43 -12.44 -5.62 -9.07
C ALA A 43 -11.12 -6.37 -8.95
N ALA A 44 -10.12 -5.98 -9.76
CA ALA A 44 -8.89 -6.75 -9.87
C ALA A 44 -8.17 -6.83 -8.52
N LEU A 45 -8.04 -5.69 -7.85
CA LEU A 45 -7.30 -5.66 -6.58
C LEU A 45 -8.04 -6.46 -5.49
N GLN A 46 -9.37 -6.53 -5.60
CA GLN A 46 -10.17 -7.26 -4.61
C GLN A 46 -9.81 -8.74 -4.62
N GLU A 47 -9.86 -9.36 -5.80
CA GLU A 47 -9.56 -10.79 -5.93
C GLU A 47 -8.13 -11.09 -5.49
N HIS A 48 -7.26 -10.08 -5.63
CA HIS A 48 -5.88 -10.22 -5.15
C HIS A 48 -5.84 -10.32 -3.63
N MET A 49 -6.55 -9.43 -2.94
CA MET A 49 -6.50 -9.36 -1.48
C MET A 49 -7.02 -10.65 -0.85
N LYS A 50 -7.97 -11.30 -1.53
CA LYS A 50 -8.55 -12.54 -1.01
C LYS A 50 -7.51 -13.66 -0.98
N ASN A 51 -6.63 -13.65 -1.98
CA ASN A 51 -5.52 -14.62 -2.03
C ASN A 51 -4.56 -14.39 -0.86
N PRO A 52 -4.11 -15.44 -0.20
CA PRO A 52 -3.43 -15.30 1.13
C PRO A 52 -2.08 -14.59 1.05
N GLU A 53 -1.30 -14.89 0.00
CA GLU A 53 0.04 -14.31 -0.13
C GLU A 53 -0.07 -12.82 -0.41
N VAL A 54 -1.02 -12.46 -1.28
CA VAL A 54 -1.27 -11.05 -1.56
C VAL A 54 -1.99 -10.41 -0.37
N PHE A 55 -2.82 -11.20 0.33
CA PHE A 55 -3.59 -10.68 1.47
C PHE A 55 -2.67 -9.98 2.49
N LYS A 56 -1.62 -10.68 2.91
CA LYS A 56 -0.67 -10.11 3.88
C LYS A 56 0.02 -8.87 3.30
N LYS A 57 0.39 -8.94 2.02
CA LYS A 57 1.13 -7.84 1.38
C LYS A 57 0.27 -6.58 1.27
N ILE A 58 -0.91 -6.73 0.67
CA ILE A 58 -1.82 -5.60 0.45
C ILE A 58 -2.17 -4.93 1.79
N GLN A 59 -2.53 -5.75 2.78
CA GLN A 59 -2.93 -5.24 4.09
C GLN A 59 -1.82 -4.40 4.75
N THR A 60 -0.57 -4.87 4.65
CA THR A 60 0.54 -4.20 5.33
C THR A 60 0.65 -2.74 4.91
N LEU A 61 0.66 -2.47 3.60
CA LEU A 61 0.85 -1.10 3.14
C LEU A 61 -0.35 -0.22 3.47
N ILE A 62 -1.55 -0.80 3.48
CA ILE A 62 -2.76 -0.04 3.80
C ILE A 62 -2.72 0.45 5.25
N ALA A 63 -2.38 -0.46 6.17
CA ALA A 63 -2.23 -0.11 7.59
C ALA A 63 -1.15 0.98 7.77
N ALA A 64 -0.14 0.95 6.91
CA ALA A 64 0.91 1.96 6.94
C ALA A 64 0.43 3.30 6.36
N GLY A 65 -0.77 3.32 5.78
CA GLY A 65 -1.33 4.55 5.21
C GLY A 65 -0.61 4.95 3.92
N ILE A 66 -0.04 3.96 3.22
CA ILE A 66 0.69 4.23 1.99
C ILE A 66 -0.23 4.15 0.78
N ILE A 67 -1.20 3.25 0.83
CA ILE A 67 -2.07 2.99 -0.31
C ILE A 67 -3.54 3.03 0.12
N ARG A 68 -4.40 3.57 -0.75
CA ARG A 68 -5.84 3.65 -0.48
C ARG A 68 -6.12 4.51 0.75
N THR A 69 -5.97 3.94 1.94
CA THR A 69 -6.26 4.66 3.19
C THR A 69 -5.21 5.74 3.44
N GLY A 70 -5.52 6.97 3.04
CA GLY A 70 -4.61 8.09 3.25
C GLY A 70 -3.45 8.04 2.25
N ARG A 71 -2.75 9.16 2.11
CA ARG A 71 -1.62 9.25 1.19
C ARG A 71 -0.33 8.85 1.91
N GLN A 1 16.20 15.78 12.15
CA GLN A 1 15.89 16.79 13.16
C GLN A 1 14.37 16.90 13.38
N PRO A 2 13.63 17.39 12.40
CA PRO A 2 12.21 17.81 12.63
C PRO A 2 11.26 16.61 12.70
N GLY A 3 10.13 16.81 13.36
CA GLY A 3 9.12 15.75 13.49
C GLY A 3 8.38 15.87 14.82
N THR A 4 7.92 17.09 15.13
CA THR A 4 7.19 17.33 16.37
C THR A 4 5.70 17.11 16.19
N SER A 5 5.19 17.39 14.98
CA SER A 5 3.76 17.25 14.69
C SER A 5 3.56 16.51 13.37
N ASN A 6 2.30 16.44 12.92
CA ASN A 6 1.97 15.76 11.68
C ASN A 6 2.64 16.44 10.48
N GLU A 7 2.65 15.77 9.34
CA GLU A 7 3.32 16.29 8.15
C GLU A 7 2.72 15.70 6.88
N THR A 8 3.19 16.17 5.73
CA THR A 8 2.65 15.74 4.44
C THR A 8 3.00 14.28 4.15
N PRO A 9 2.36 13.68 3.15
CA PRO A 9 2.42 12.20 2.93
C PRO A 9 3.84 11.62 2.94
N GLU A 10 4.84 12.47 2.69
CA GLU A 10 6.24 12.05 2.80
C GLU A 10 6.52 11.48 4.20
N GLU A 11 5.79 12.01 5.19
CA GLU A 11 5.90 11.51 6.56
C GLU A 11 5.42 10.06 6.65
N THR A 12 4.27 9.79 6.01
CA THR A 12 3.67 8.45 6.08
C THR A 12 4.61 7.39 5.51
N TYR A 13 5.22 7.69 4.36
CA TYR A 13 6.14 6.75 3.71
C TYR A 13 7.31 6.40 4.62
N GLN A 14 7.93 7.42 5.22
CA GLN A 14 9.09 7.20 6.11
C GLN A 14 8.72 6.26 7.27
N ARG A 15 7.56 6.50 7.88
CA ARG A 15 7.11 5.67 9.00
C ARG A 15 7.00 4.22 8.57
N ALA A 16 6.34 3.99 7.44
CA ALA A 16 6.18 2.63 6.91
C ALA A 16 7.54 1.99 6.59
N MET A 17 8.48 2.82 6.13
CA MET A 17 9.81 2.32 5.75
C MET A 17 10.54 1.71 6.94
N LYS A 18 10.23 2.18 8.15
CA LYS A 18 10.79 1.57 9.36
C LYS A 18 10.17 0.19 9.59
N ASP A 19 8.97 -0.04 9.04
CA ASP A 19 8.34 -1.35 9.11
C ASP A 19 8.91 -2.26 8.00
N PRO A 20 9.68 -3.28 8.36
CA PRO A 20 10.41 -4.10 7.35
C PRO A 20 9.49 -4.71 6.30
N GLU A 21 8.24 -4.99 6.70
CA GLU A 21 7.28 -5.61 5.78
C GLU A 21 6.93 -4.65 4.64
N VAL A 22 6.86 -3.36 4.96
CA VAL A 22 6.54 -2.34 3.96
C VAL A 22 7.66 -2.26 2.93
N ALA A 23 8.90 -2.21 3.40
CA ALA A 23 10.05 -2.09 2.51
C ALA A 23 10.10 -3.25 1.52
N ALA A 24 9.83 -4.45 2.02
CA ALA A 24 9.87 -5.65 1.19
C ALA A 24 8.87 -5.58 0.03
N ILE A 25 7.65 -5.14 0.34
CA ILE A 25 6.59 -5.09 -0.68
C ILE A 25 6.94 -4.06 -1.78
N MET A 26 7.50 -2.92 -1.38
CA MET A 26 7.89 -1.90 -2.36
C MET A 26 8.94 -2.42 -3.33
N GLN A 27 9.83 -3.26 -2.82
CA GLN A 27 10.84 -3.91 -3.66
C GLN A 27 10.29 -5.16 -4.36
N ASP A 28 9.03 -5.49 -4.10
CA ASP A 28 8.41 -6.68 -4.66
C ASP A 28 7.31 -6.26 -5.66
N PRO A 29 7.37 -6.72 -6.89
CA PRO A 29 6.58 -6.10 -8.01
C PRO A 29 5.09 -6.38 -7.92
N VAL A 30 4.68 -7.33 -7.09
CA VAL A 30 3.31 -7.85 -7.12
C VAL A 30 2.30 -6.73 -6.91
N MET A 31 2.43 -6.01 -5.80
CA MET A 31 1.40 -5.05 -5.41
C MET A 31 1.31 -3.89 -6.39
N GLN A 32 2.44 -3.53 -7.00
CA GLN A 32 2.44 -2.50 -8.04
C GLN A 32 1.52 -2.89 -9.18
N SER A 33 1.65 -4.14 -9.63
CA SER A 33 0.81 -4.65 -10.73
C SER A 33 -0.67 -4.65 -10.34
N ILE A 34 -0.97 -5.03 -9.10
CA ILE A 34 -2.37 -5.13 -8.66
C ILE A 34 -3.05 -3.75 -8.70
N LEU A 35 -2.36 -2.73 -8.20
CA LEU A 35 -2.91 -1.37 -8.20
C LEU A 35 -3.21 -0.91 -9.62
N GLN A 36 -2.27 -1.14 -10.54
CA GLN A 36 -2.46 -0.78 -11.94
C GLN A 36 -3.71 -1.45 -12.51
N GLN A 37 -3.82 -2.77 -12.31
CA GLN A 37 -4.93 -3.53 -12.86
C GLN A 37 -6.27 -3.03 -12.31
N ALA A 38 -6.28 -2.63 -11.03
CA ALA A 38 -7.50 -2.14 -10.39
C ALA A 38 -8.01 -0.87 -11.08
N GLN A 39 -7.08 -0.05 -11.56
CA GLN A 39 -7.46 1.16 -12.30
C GLN A 39 -8.13 0.79 -13.61
N GLN A 40 -7.59 -0.23 -14.27
CA GLN A 40 -8.18 -0.76 -15.50
C GLN A 40 -9.52 -1.43 -15.22
N ASN A 41 -9.62 -2.09 -14.07
CA ASN A 41 -10.84 -2.82 -13.73
C ASN A 41 -10.88 -3.13 -12.22
N PRO A 42 -11.94 -2.76 -11.53
CA PRO A 42 -11.95 -2.79 -10.03
C PRO A 42 -11.91 -4.20 -9.46
N ALA A 43 -12.30 -5.19 -10.27
CA ALA A 43 -12.35 -6.59 -9.81
C ALA A 43 -10.94 -7.13 -9.53
N ALA A 44 -9.92 -6.52 -10.14
CA ALA A 44 -8.58 -7.10 -10.13
C ALA A 44 -8.03 -7.19 -8.71
N LEU A 45 -8.05 -6.06 -7.99
CA LEU A 45 -7.47 -6.04 -6.65
C LEU A 45 -8.30 -6.87 -5.67
N GLN A 46 -9.61 -7.00 -5.94
CA GLN A 46 -10.49 -7.76 -5.06
C GLN A 46 -10.03 -9.21 -4.95
N GLU A 47 -9.86 -9.86 -6.10
CA GLU A 47 -9.43 -11.27 -6.12
C GLU A 47 -8.04 -11.42 -5.51
N HIS A 48 -7.23 -10.36 -5.60
CA HIS A 48 -5.92 -10.35 -4.96
C HIS A 48 -6.03 -10.39 -3.43
N MET A 49 -6.92 -9.56 -2.89
CA MET A 49 -7.06 -9.44 -1.44
C MET A 49 -7.51 -10.76 -0.82
N LYS A 50 -8.33 -11.51 -1.55
CA LYS A 50 -8.83 -12.79 -1.06
C LYS A 50 -7.70 -13.82 -0.96
N ASN A 51 -6.75 -13.73 -1.91
CA ASN A 51 -5.58 -14.60 -1.88
C ASN A 51 -4.73 -14.36 -0.62
N PRO A 52 -4.29 -15.40 0.04
CA PRO A 52 -3.64 -15.26 1.39
C PRO A 52 -2.31 -14.52 1.34
N GLU A 53 -1.49 -14.84 0.33
CA GLU A 53 -0.15 -14.25 0.23
C GLU A 53 -0.26 -12.76 -0.08
N VAL A 54 -1.17 -12.43 -0.99
CA VAL A 54 -1.41 -11.04 -1.35
C VAL A 54 -2.14 -10.34 -0.21
N PHE A 55 -3.01 -11.08 0.50
CA PHE A 55 -3.78 -10.50 1.61
C PHE A 55 -2.85 -9.82 2.62
N LYS A 56 -1.76 -10.51 2.99
CA LYS A 56 -0.77 -9.95 3.90
C LYS A 56 -0.16 -8.67 3.30
N LYS A 57 0.26 -8.75 2.04
CA LYS A 57 0.96 -7.63 1.40
C LYS A 57 0.06 -6.41 1.26
N ILE A 58 -1.13 -6.61 0.69
CA ILE A 58 -2.07 -5.50 0.46
C ILE A 58 -2.38 -4.77 1.78
N GLN A 59 -2.69 -5.55 2.82
CA GLN A 59 -3.02 -4.97 4.13
C GLN A 59 -1.87 -4.13 4.68
N THR A 60 -0.64 -4.60 4.47
CA THR A 60 0.54 -3.93 5.04
C THR A 60 0.61 -2.46 4.61
N LEU A 61 0.50 -2.20 3.31
CA LEU A 61 0.64 -0.82 2.82
C LEU A 61 -0.53 0.04 3.29
N ILE A 62 -1.71 -0.55 3.41
CA ILE A 62 -2.89 0.20 3.85
C ILE A 62 -2.73 0.67 5.30
N ALA A 63 -2.36 -0.26 6.18
CA ALA A 63 -2.14 0.06 7.59
C ALA A 63 -1.02 1.10 7.76
N ALA A 64 -0.07 1.10 6.83
CA ALA A 64 1.04 2.05 6.87
C ALA A 64 0.63 3.45 6.40
N GLY A 65 -0.64 3.63 6.00
CA GLY A 65 -1.10 4.93 5.53
C GLY A 65 -0.55 5.26 4.14
N ILE A 66 -0.15 4.24 3.39
CA ILE A 66 0.42 4.43 2.06
C ILE A 66 -0.67 4.38 0.99
N ILE A 67 -1.79 3.70 1.30
CA ILE A 67 -2.88 3.53 0.35
C ILE A 67 -4.19 4.02 0.97
N ARG A 68 -5.16 4.36 0.13
CA ARG A 68 -6.44 4.86 0.62
C ARG A 68 -7.60 4.18 -0.11
N THR A 69 -8.60 3.74 0.67
CA THR A 69 -9.78 3.09 0.11
C THR A 69 -10.97 4.05 0.08
N GLY A 70 -10.95 5.08 0.92
CA GLY A 70 -12.04 6.05 0.98
C GLY A 70 -13.32 5.41 1.51
N ARG A 71 -13.19 4.67 2.61
CA ARG A 71 -14.36 4.04 3.24
C ARG A 71 -15.01 5.00 4.23
N GLN A 1 2.60 30.01 1.65
CA GLN A 1 2.32 28.97 2.64
C GLN A 1 3.45 27.93 2.65
N PRO A 2 3.70 27.30 3.78
CA PRO A 2 4.82 26.30 3.90
C PRO A 2 4.55 25.04 3.08
N GLY A 3 3.28 24.67 2.96
CA GLY A 3 2.90 23.47 2.20
C GLY A 3 1.50 23.61 1.63
N THR A 4 1.14 22.69 0.72
CA THR A 4 -0.18 22.72 0.10
C THR A 4 -1.18 21.91 0.93
N SER A 5 -0.71 20.83 1.55
CA SER A 5 -1.56 19.98 2.37
C SER A 5 -1.21 20.10 3.84
N ASN A 6 -2.23 20.02 4.71
CA ASN A 6 -2.02 20.14 6.15
C ASN A 6 -1.23 18.95 6.68
N GLU A 7 -1.55 17.76 6.18
CA GLU A 7 -0.89 16.54 6.64
C GLU A 7 0.28 16.18 5.72
N THR A 8 1.43 15.89 6.34
CA THR A 8 2.62 15.48 5.58
C THR A 8 2.51 14.02 5.15
N PRO A 9 2.50 13.74 3.85
CA PRO A 9 2.66 12.34 3.34
C PRO A 9 4.04 11.77 3.64
N GLU A 10 5.04 12.67 3.67
CA GLU A 10 6.42 12.26 3.90
C GLU A 10 6.58 11.57 5.25
N GLU A 11 5.79 12.00 6.24
CA GLU A 11 5.90 11.46 7.59
C GLU A 11 5.47 9.99 7.61
N THR A 12 4.33 9.71 6.98
CA THR A 12 3.78 8.35 6.97
C THR A 12 4.76 7.37 6.31
N TYR A 13 5.34 7.78 5.18
CA TYR A 13 6.26 6.92 4.45
C TYR A 13 7.47 6.54 5.31
N GLN A 14 8.07 7.53 5.98
CA GLN A 14 9.25 7.28 6.83
C GLN A 14 8.93 6.27 7.92
N ARG A 15 7.78 6.42 8.57
CA ARG A 15 7.38 5.50 9.64
C ARG A 15 7.29 4.07 9.10
N ALA A 16 6.61 3.91 7.98
CA ALA A 16 6.48 2.60 7.34
C ALA A 16 7.84 2.03 6.93
N MET A 17 8.74 2.94 6.53
CA MET A 17 10.06 2.54 6.04
C MET A 17 10.86 1.82 7.14
N LYS A 18 10.62 2.19 8.39
CA LYS A 18 11.28 1.53 9.52
C LYS A 18 10.70 0.13 9.74
N ASP A 19 9.48 -0.10 9.27
CA ASP A 19 8.85 -1.41 9.37
C ASP A 19 9.37 -2.33 8.24
N PRO A 20 10.09 -3.38 8.57
CA PRO A 20 10.75 -4.24 7.53
C PRO A 20 9.74 -4.82 6.53
N GLU A 21 8.51 -5.04 6.99
CA GLU A 21 7.49 -5.63 6.12
C GLU A 21 7.13 -4.67 4.99
N VAL A 22 7.13 -3.38 5.31
CA VAL A 22 6.81 -2.35 4.31
C VAL A 22 7.88 -2.34 3.21
N ALA A 23 9.15 -2.37 3.62
CA ALA A 23 10.26 -2.27 2.67
C ALA A 23 10.19 -3.42 1.66
N ALA A 24 9.98 -4.62 2.16
CA ALA A 24 10.00 -5.81 1.32
C ALA A 24 8.89 -5.78 0.27
N ILE A 25 7.68 -5.41 0.69
CA ILE A 25 6.52 -5.41 -0.22
C ILE A 25 6.68 -4.35 -1.29
N MET A 26 7.22 -3.18 -0.92
CA MET A 26 7.40 -2.07 -1.87
C MET A 26 8.34 -2.47 -3.00
N GLN A 27 9.36 -3.27 -2.67
CA GLN A 27 10.29 -3.78 -3.67
C GLN A 27 9.74 -5.03 -4.39
N ASP A 28 8.52 -5.42 -4.07
CA ASP A 28 7.90 -6.60 -4.68
C ASP A 28 6.91 -6.15 -5.78
N PRO A 29 7.04 -6.66 -6.99
CA PRO A 29 6.33 -6.08 -8.18
C PRO A 29 4.81 -6.34 -8.17
N VAL A 30 4.37 -7.26 -7.30
CA VAL A 30 2.98 -7.73 -7.34
C VAL A 30 2.01 -6.54 -7.21
N MET A 31 2.28 -5.64 -6.28
CA MET A 31 1.33 -4.56 -5.98
C MET A 31 1.14 -3.65 -7.18
N GLN A 32 2.21 -3.41 -7.93
CA GLN A 32 2.11 -2.59 -9.14
C GLN A 32 1.12 -3.22 -10.14
N SER A 33 1.22 -4.53 -10.31
CA SER A 33 0.33 -5.25 -11.22
C SER A 33 -1.14 -5.14 -10.78
N ILE A 34 -1.39 -5.18 -9.47
CA ILE A 34 -2.76 -5.10 -8.95
C ILE A 34 -3.38 -3.75 -9.32
N LEU A 35 -2.63 -2.67 -9.08
CA LEU A 35 -3.14 -1.31 -9.37
C LEU A 35 -3.50 -1.16 -10.84
N GLN A 36 -2.59 -1.55 -11.74
CA GLN A 36 -2.85 -1.45 -13.18
C GLN A 36 -4.10 -2.24 -13.56
N GLN A 37 -4.17 -3.49 -13.12
CA GLN A 37 -5.27 -4.38 -13.50
C GLN A 37 -6.61 -3.81 -13.04
N ALA A 38 -6.63 -3.20 -11.85
CA ALA A 38 -7.86 -2.64 -11.30
C ALA A 38 -8.38 -1.48 -12.16
N GLN A 39 -7.47 -0.72 -12.75
CA GLN A 39 -7.86 0.40 -13.61
C GLN A 39 -8.57 -0.12 -14.85
N GLN A 40 -8.01 -1.17 -15.45
CA GLN A 40 -8.63 -1.82 -16.60
C GLN A 40 -9.84 -2.64 -16.17
N ASN A 41 -9.82 -3.14 -14.92
CA ASN A 41 -10.88 -4.02 -14.43
C ASN A 41 -10.85 -4.08 -12.90
N PRO A 42 -11.65 -3.29 -12.22
CA PRO A 42 -11.47 -3.04 -10.75
C PRO A 42 -11.65 -4.30 -9.91
N ALA A 43 -12.29 -5.33 -10.47
CA ALA A 43 -12.58 -6.55 -9.71
C ALA A 43 -11.30 -7.28 -9.32
N ALA A 44 -10.28 -7.20 -10.18
CA ALA A 44 -9.00 -7.88 -9.92
C ALA A 44 -8.40 -7.46 -8.58
N LEU A 45 -8.61 -6.19 -8.20
CA LEU A 45 -8.00 -5.67 -6.97
C LEU A 45 -8.63 -6.36 -5.76
N GLN A 46 -9.94 -6.60 -5.82
CA GLN A 46 -10.66 -7.26 -4.73
C GLN A 46 -10.11 -8.66 -4.49
N GLU A 47 -10.06 -9.47 -5.55
CA GLU A 47 -9.58 -10.86 -5.42
C GLU A 47 -8.13 -10.90 -4.91
N HIS A 48 -7.37 -9.85 -5.20
CA HIS A 48 -6.00 -9.75 -4.71
C HIS A 48 -5.98 -9.66 -3.18
N MET A 49 -6.85 -8.83 -2.62
CA MET A 49 -6.91 -8.68 -1.16
C MET A 49 -7.31 -10.01 -0.50
N LYS A 50 -8.20 -10.75 -1.16
CA LYS A 50 -8.62 -12.06 -0.64
C LYS A 50 -7.50 -13.08 -0.79
N ASN A 51 -6.71 -12.95 -1.87
CA ASN A 51 -5.57 -13.85 -2.10
C ASN A 51 -4.58 -13.80 -0.94
N PRO A 52 -4.09 -14.93 -0.47
CA PRO A 52 -3.32 -14.99 0.81
C PRO A 52 -2.02 -14.20 0.77
N GLU A 53 -1.23 -14.41 -0.29
CA GLU A 53 0.08 -13.78 -0.40
C GLU A 53 -0.08 -12.28 -0.58
N VAL A 54 -1.03 -11.89 -1.42
CA VAL A 54 -1.29 -10.48 -1.65
C VAL A 54 -1.99 -9.87 -0.43
N PHE A 55 -2.81 -10.67 0.25
CA PHE A 55 -3.52 -10.20 1.44
C PHE A 55 -2.54 -9.61 2.47
N LYS A 56 -1.43 -10.30 2.70
CA LYS A 56 -0.38 -9.80 3.59
C LYS A 56 0.18 -8.47 3.06
N LYS A 57 0.46 -8.43 1.76
CA LYS A 57 1.09 -7.26 1.15
C LYS A 57 0.18 -6.03 1.22
N ILE A 58 -1.03 -6.18 0.70
CA ILE A 58 -1.99 -5.08 0.63
C ILE A 58 -2.25 -4.51 2.04
N GLN A 59 -2.47 -5.40 3.00
CA GLN A 59 -2.76 -4.98 4.39
C GLN A 59 -1.62 -4.14 4.96
N THR A 60 -0.38 -4.58 4.75
CA THR A 60 0.78 -3.94 5.37
C THR A 60 0.84 -2.45 5.05
N LEU A 61 0.74 -2.10 3.76
CA LEU A 61 0.92 -0.70 3.36
C LEU A 61 -0.24 0.16 3.85
N ILE A 62 -1.46 -0.40 3.86
CA ILE A 62 -2.64 0.37 4.29
C ILE A 62 -2.52 0.73 5.78
N ALA A 63 -2.13 -0.24 6.60
CA ALA A 63 -1.90 -0.01 8.02
C ALA A 63 -0.78 1.01 8.23
N ALA A 64 0.21 0.99 7.33
CA ALA A 64 1.33 1.92 7.38
C ALA A 64 0.94 3.34 6.92
N GLY A 65 -0.29 3.51 6.44
CA GLY A 65 -0.76 4.82 5.99
C GLY A 65 -0.09 5.25 4.67
N ILE A 66 0.38 4.27 3.90
CA ILE A 66 1.05 4.57 2.63
C ILE A 66 0.05 4.63 1.48
N ILE A 67 -1.03 3.85 1.60
CA ILE A 67 -2.04 3.77 0.55
C ILE A 67 -3.42 4.03 1.14
N ARG A 68 -4.29 4.68 0.36
CA ARG A 68 -5.63 5.03 0.83
C ARG A 68 -6.65 3.95 0.45
N THR A 69 -6.68 2.88 1.24
CA THR A 69 -7.68 1.81 1.08
C THR A 69 -7.68 1.23 -0.33
N GLY A 70 -8.41 1.86 -1.25
CA GLY A 70 -8.55 1.34 -2.61
C GLY A 70 -9.72 2.02 -3.33
N ARG A 71 -10.14 1.43 -4.45
CA ARG A 71 -11.24 1.97 -5.23
C ARG A 71 -12.00 0.86 -5.94
N GLN A 1 1.55 30.87 15.44
CA GLN A 1 2.39 29.67 15.43
C GLN A 1 1.56 28.44 15.05
N PRO A 2 1.75 27.88 13.88
CA PRO A 2 1.01 26.65 13.46
C PRO A 2 1.38 25.45 14.31
N GLY A 3 0.39 24.58 14.56
CA GLY A 3 0.61 23.39 15.37
C GLY A 3 1.12 22.22 14.52
N THR A 4 0.20 21.34 14.14
CA THR A 4 0.54 20.18 13.33
C THR A 4 0.43 20.50 11.84
N SER A 5 1.04 19.67 11.00
CA SER A 5 1.00 19.87 9.56
C SER A 5 -0.33 19.39 8.99
N ASN A 6 -0.78 20.05 7.92
CA ASN A 6 -2.05 19.69 7.29
C ASN A 6 -1.95 18.34 6.61
N GLU A 7 -1.10 18.25 5.58
CA GLU A 7 -0.91 17.01 4.84
C GLU A 7 0.54 16.86 4.40
N THR A 8 1.10 15.66 4.58
CA THR A 8 2.47 15.38 4.17
C THR A 8 2.62 13.90 3.80
N PRO A 9 2.28 13.54 2.58
CA PRO A 9 2.42 12.12 2.11
C PRO A 9 3.83 11.58 2.30
N GLU A 10 4.82 12.48 2.22
CA GLU A 10 6.22 12.09 2.38
C GLU A 10 6.46 11.51 3.78
N GLU A 11 5.78 12.07 4.77
CA GLU A 11 5.97 11.62 6.16
C GLU A 11 5.44 10.21 6.35
N THR A 12 4.27 9.94 5.76
CA THR A 12 3.65 8.61 5.87
C THR A 12 4.57 7.53 5.30
N TYR A 13 5.12 7.78 4.11
CA TYR A 13 5.99 6.81 3.46
C TYR A 13 7.21 6.47 4.33
N GLN A 14 7.89 7.49 4.85
CA GLN A 14 9.08 7.27 5.66
C GLN A 14 8.79 6.39 6.88
N ARG A 15 7.71 6.72 7.60
CA ARG A 15 7.35 5.98 8.81
C ARG A 15 7.13 4.51 8.48
N ALA A 16 6.33 4.26 7.45
CA ALA A 16 6.04 2.89 7.02
C ALA A 16 7.31 2.17 6.56
N MET A 17 8.22 2.94 5.96
CA MET A 17 9.46 2.36 5.41
C MET A 17 10.33 1.76 6.51
N LYS A 18 10.21 2.28 7.74
CA LYS A 18 10.92 1.70 8.87
C LYS A 18 10.31 0.36 9.27
N ASP A 19 9.08 0.09 8.84
CA ASP A 19 8.45 -1.21 9.08
C ASP A 19 8.96 -2.23 8.06
N PRO A 20 9.60 -3.30 8.50
CA PRO A 20 10.32 -4.24 7.58
C PRO A 20 9.40 -4.81 6.49
N GLU A 21 8.13 -5.03 6.85
CA GLU A 21 7.19 -5.66 5.93
C GLU A 21 6.90 -4.73 4.76
N VAL A 22 6.77 -3.44 5.05
CA VAL A 22 6.48 -2.45 4.02
C VAL A 22 7.65 -2.35 3.05
N ALA A 23 8.88 -2.33 3.59
CA ALA A 23 10.08 -2.21 2.76
C ALA A 23 10.13 -3.34 1.73
N ALA A 24 9.82 -4.55 2.21
CA ALA A 24 9.88 -5.74 1.35
C ALA A 24 8.91 -5.63 0.17
N ILE A 25 7.70 -5.13 0.45
CA ILE A 25 6.67 -5.04 -0.59
C ILE A 25 7.08 -4.05 -1.69
N MET A 26 7.54 -2.86 -1.29
CA MET A 26 7.89 -1.82 -2.26
C MET A 26 9.02 -2.28 -3.18
N GLN A 27 9.90 -3.13 -2.65
CA GLN A 27 10.96 -3.74 -3.47
C GLN A 27 10.47 -4.99 -4.21
N ASP A 28 9.19 -5.33 -4.06
CA ASP A 28 8.62 -6.51 -4.70
C ASP A 28 7.49 -6.10 -5.65
N PRO A 29 7.53 -6.54 -6.89
CA PRO A 29 6.70 -5.92 -7.97
C PRO A 29 5.21 -6.23 -7.87
N VAL A 30 4.86 -7.22 -7.05
CA VAL A 30 3.51 -7.78 -7.06
C VAL A 30 2.45 -6.70 -6.83
N MET A 31 2.58 -5.99 -5.72
CA MET A 31 1.51 -5.09 -5.29
C MET A 31 1.38 -3.90 -6.24
N GLN A 32 2.50 -3.49 -6.86
CA GLN A 32 2.46 -2.43 -7.87
C GLN A 32 1.54 -2.83 -9.02
N SER A 33 1.68 -4.08 -9.48
CA SER A 33 0.85 -4.59 -10.57
C SER A 33 -0.63 -4.62 -10.18
N ILE A 34 -0.92 -5.00 -8.93
CA ILE A 34 -2.31 -5.11 -8.47
C ILE A 34 -2.99 -3.75 -8.52
N LEU A 35 -2.32 -2.72 -8.01
CA LEU A 35 -2.87 -1.36 -8.00
C LEU A 35 -3.18 -0.88 -9.42
N GLN A 36 -2.23 -1.10 -10.34
CA GLN A 36 -2.42 -0.70 -11.74
C GLN A 36 -3.67 -1.37 -12.31
N GLN A 37 -3.78 -2.68 -12.12
CA GLN A 37 -4.92 -3.44 -12.65
C GLN A 37 -6.24 -2.92 -12.09
N ALA A 38 -6.23 -2.53 -10.82
CA ALA A 38 -7.44 -2.01 -10.16
C ALA A 38 -7.93 -0.74 -10.83
N GLN A 39 -6.99 0.08 -11.32
CA GLN A 39 -7.34 1.32 -12.01
C GLN A 39 -8.05 1.00 -13.33
N GLN A 40 -7.51 0.00 -14.04
CA GLN A 40 -8.12 -0.45 -15.29
C GLN A 40 -9.47 -1.12 -15.02
N ASN A 41 -9.57 -1.82 -13.88
CA ASN A 41 -10.80 -2.52 -13.53
C ASN A 41 -10.82 -2.85 -12.04
N PRO A 42 -11.86 -2.44 -11.32
CA PRO A 42 -11.85 -2.52 -9.82
C PRO A 42 -11.80 -3.96 -9.29
N ALA A 43 -12.14 -4.92 -10.15
CA ALA A 43 -12.19 -6.33 -9.72
C ALA A 43 -10.78 -6.89 -9.45
N ALA A 44 -9.76 -6.26 -10.02
CA ALA A 44 -8.42 -6.85 -10.02
C ALA A 44 -7.88 -6.99 -8.61
N LEU A 45 -7.90 -5.91 -7.84
CA LEU A 45 -7.35 -5.95 -6.49
C LEU A 45 -8.21 -6.81 -5.57
N GLN A 46 -9.51 -6.91 -5.87
CA GLN A 46 -10.41 -7.72 -5.04
C GLN A 46 -9.97 -9.18 -5.03
N GLU A 47 -9.80 -9.75 -6.22
CA GLU A 47 -9.40 -11.17 -6.33
C GLU A 47 -8.03 -11.39 -5.69
N HIS A 48 -7.20 -10.34 -5.68
CA HIS A 48 -5.90 -10.41 -5.02
C HIS A 48 -6.07 -10.52 -3.50
N MET A 49 -6.97 -9.74 -2.93
CA MET A 49 -7.17 -9.72 -1.48
C MET A 49 -7.67 -11.08 -0.98
N LYS A 50 -8.42 -11.78 -1.83
CA LYS A 50 -8.96 -13.09 -1.44
C LYS A 50 -7.82 -14.11 -1.30
N ASN A 51 -6.80 -13.97 -2.15
CA ASN A 51 -5.63 -14.84 -2.08
C ASN A 51 -4.84 -14.58 -0.79
N PRO A 52 -4.38 -15.61 -0.11
CA PRO A 52 -3.79 -15.46 1.26
C PRO A 52 -2.45 -14.73 1.24
N GLU A 53 -1.61 -15.04 0.26
CA GLU A 53 -0.27 -14.48 0.20
C GLU A 53 -0.36 -12.98 -0.09
N VAL A 54 -1.23 -12.63 -1.02
CA VAL A 54 -1.45 -11.22 -1.35
C VAL A 54 -2.20 -10.54 -0.22
N PHE A 55 -3.08 -11.28 0.47
CA PHE A 55 -3.87 -10.70 1.56
C PHE A 55 -2.97 -10.03 2.60
N LYS A 56 -1.90 -10.73 2.99
CA LYS A 56 -0.91 -10.15 3.90
C LYS A 56 -0.28 -8.89 3.32
N LYS A 57 0.14 -8.98 2.05
CA LYS A 57 0.85 -7.86 1.41
C LYS A 57 -0.04 -6.62 1.28
N ILE A 58 -1.23 -6.80 0.72
CA ILE A 58 -2.16 -5.69 0.50
C ILE A 58 -2.45 -4.97 1.83
N GLN A 59 -2.80 -5.75 2.86
CA GLN A 59 -3.13 -5.17 4.17
C GLN A 59 -1.96 -4.35 4.73
N THR A 60 -0.73 -4.83 4.50
CA THR A 60 0.46 -4.18 5.07
C THR A 60 0.52 -2.70 4.68
N LEU A 61 0.40 -2.41 3.39
CA LEU A 61 0.52 -1.02 2.93
C LEU A 61 -0.65 -0.17 3.41
N ILE A 62 -1.84 -0.78 3.51
CA ILE A 62 -3.03 -0.04 3.94
C ILE A 62 -2.88 0.45 5.37
N ALA A 63 -2.47 -0.46 6.27
CA ALA A 63 -2.21 -0.11 7.66
C ALA A 63 -1.10 0.94 7.77
N ALA A 64 -0.12 0.86 6.87
CA ALA A 64 0.97 1.82 6.83
C ALA A 64 0.51 3.18 6.31
N GLY A 65 -0.71 3.25 5.75
CA GLY A 65 -1.23 4.51 5.23
C GLY A 65 -0.52 4.94 3.95
N ILE A 66 -0.01 3.96 3.19
CA ILE A 66 0.67 4.27 1.93
C ILE A 66 -0.31 4.30 0.76
N ILE A 67 -1.42 3.56 0.88
CA ILE A 67 -2.41 3.49 -0.19
C ILE A 67 -3.79 3.88 0.37
N ARG A 68 -4.51 4.68 -0.41
CA ARG A 68 -5.84 5.13 0.00
C ARG A 68 -6.93 4.33 -0.71
N THR A 69 -7.91 3.87 0.06
CA THR A 69 -9.02 3.09 -0.50
C THR A 69 -10.02 4.01 -1.20
N GLY A 70 -10.66 3.49 -2.25
CA GLY A 70 -11.65 4.28 -2.98
C GLY A 70 -12.53 3.37 -3.84
N ARG A 71 -12.34 3.42 -5.16
CA ARG A 71 -13.13 2.60 -6.07
C ARG A 71 -12.47 1.24 -6.28
N GLN A 1 9.26 28.28 8.00
CA GLN A 1 10.26 27.64 7.15
C GLN A 1 10.05 26.12 7.11
N PRO A 2 10.14 25.44 8.25
CA PRO A 2 9.80 23.98 8.31
C PRO A 2 8.34 23.71 7.98
N GLY A 3 7.47 24.67 8.29
CA GLY A 3 6.05 24.53 8.02
C GLY A 3 5.32 23.91 9.21
N THR A 4 3.98 23.90 9.14
CA THR A 4 3.18 23.35 10.22
C THR A 4 1.89 22.73 9.67
N SER A 5 1.98 22.15 8.47
CA SER A 5 0.81 21.56 7.84
C SER A 5 0.70 20.07 8.20
N ASN A 6 -0.51 19.63 8.51
CA ASN A 6 -0.74 18.23 8.88
C ASN A 6 -0.50 17.31 7.69
N GLU A 7 -0.84 17.78 6.48
CA GLU A 7 -0.68 16.97 5.28
C GLU A 7 0.79 16.80 4.94
N THR A 8 1.29 15.57 5.09
CA THR A 8 2.69 15.26 4.78
C THR A 8 2.81 13.80 4.34
N PRO A 9 2.52 13.50 3.08
CA PRO A 9 2.66 12.11 2.55
C PRO A 9 4.06 11.55 2.76
N GLU A 10 5.06 12.43 2.77
CA GLU A 10 6.45 12.02 3.00
C GLU A 10 6.61 11.37 4.37
N GLU A 11 5.87 11.88 5.36
CA GLU A 11 5.99 11.36 6.72
C GLU A 11 5.44 9.94 6.78
N THR A 12 4.32 9.71 6.11
CA THR A 12 3.67 8.39 6.11
C THR A 12 4.62 7.32 5.56
N TYR A 13 5.25 7.61 4.43
CA TYR A 13 6.17 6.67 3.80
C TYR A 13 7.32 6.31 4.73
N GLN A 14 7.93 7.32 5.35
CA GLN A 14 9.08 7.10 6.25
C GLN A 14 8.71 6.15 7.39
N ARG A 15 7.54 6.38 8.00
CA ARG A 15 7.08 5.54 9.11
C ARG A 15 6.98 4.09 8.66
N ALA A 16 6.32 3.88 7.52
CA ALA A 16 6.16 2.53 6.97
C ALA A 16 7.52 1.89 6.66
N MET A 17 8.46 2.71 6.21
CA MET A 17 9.78 2.22 5.81
C MET A 17 10.53 1.60 6.99
N LYS A 18 10.24 2.08 8.20
CA LYS A 18 10.82 1.49 9.41
C LYS A 18 10.23 0.09 9.67
N ASP A 19 9.03 -0.15 9.13
CA ASP A 19 8.41 -1.47 9.22
C ASP A 19 9.00 -2.41 8.14
N PRO A 20 9.70 -3.46 8.52
CA PRO A 20 10.42 -4.33 7.53
C PRO A 20 9.49 -4.91 6.46
N GLU A 21 8.23 -5.15 6.84
CA GLU A 21 7.28 -5.77 5.92
C GLU A 21 6.96 -4.81 4.78
N VAL A 22 6.89 -3.51 5.09
CA VAL A 22 6.59 -2.49 4.08
C VAL A 22 7.73 -2.42 3.08
N ALA A 23 8.97 -2.43 3.57
CA ALA A 23 10.14 -2.33 2.71
C ALA A 23 10.15 -3.45 1.67
N ALA A 24 9.83 -4.66 2.13
CA ALA A 24 9.85 -5.82 1.25
C ALA A 24 8.81 -5.69 0.14
N ILE A 25 7.63 -5.17 0.48
CA ILE A 25 6.54 -5.05 -0.48
C ILE A 25 6.88 -4.05 -1.59
N MET A 26 7.42 -2.89 -1.22
CA MET A 26 7.76 -1.87 -2.21
C MET A 26 8.83 -2.37 -3.19
N GLN A 27 9.72 -3.24 -2.69
CA GLN A 27 10.71 -3.87 -3.56
C GLN A 27 10.15 -5.12 -4.27
N ASP A 28 8.87 -5.41 -4.04
CA ASP A 28 8.23 -6.57 -4.66
C ASP A 28 7.19 -6.10 -5.70
N PRO A 29 7.30 -6.53 -6.94
CA PRO A 29 6.55 -5.90 -8.07
C PRO A 29 5.05 -6.20 -8.05
N VAL A 30 4.64 -7.19 -7.24
CA VAL A 30 3.28 -7.71 -7.31
C VAL A 30 2.25 -6.60 -7.07
N MET A 31 2.39 -5.89 -5.96
CA MET A 31 1.36 -4.94 -5.54
C MET A 31 1.25 -3.77 -6.52
N GLN A 32 2.36 -3.41 -7.15
CA GLN A 32 2.33 -2.37 -8.18
C GLN A 32 1.42 -2.79 -9.34
N SER A 33 1.56 -4.04 -9.75
CA SER A 33 0.72 -4.58 -10.84
C SER A 33 -0.76 -4.60 -10.46
N ILE A 34 -1.06 -4.99 -9.21
CA ILE A 34 -2.45 -5.12 -8.78
C ILE A 34 -3.16 -3.77 -8.81
N LEU A 35 -2.50 -2.74 -8.29
CA LEU A 35 -3.07 -1.38 -8.30
C LEU A 35 -3.37 -0.91 -9.73
N GLN A 36 -2.41 -1.15 -10.63
CA GLN A 36 -2.61 -0.81 -12.05
C GLN A 36 -3.86 -1.48 -12.60
N GLN A 37 -3.98 -2.79 -12.36
CA GLN A 37 -5.11 -3.57 -12.88
C GLN A 37 -6.44 -3.03 -12.33
N ALA A 38 -6.43 -2.60 -11.07
CA ALA A 38 -7.63 -2.07 -10.43
C ALA A 38 -8.15 -0.84 -11.16
N GLN A 39 -7.23 -0.03 -11.70
CA GLN A 39 -7.62 1.13 -12.49
C GLN A 39 -8.30 0.68 -13.78
N GLN A 40 -7.73 -0.36 -14.39
CA GLN A 40 -8.31 -0.93 -15.61
C GLN A 40 -9.65 -1.62 -15.30
N ASN A 41 -9.74 -2.24 -14.12
CA ASN A 41 -10.94 -2.98 -13.74
C ASN A 41 -10.94 -3.27 -12.24
N PRO A 42 -12.02 -2.94 -11.54
CA PRO A 42 -12.02 -2.97 -10.05
C PRO A 42 -11.95 -4.39 -9.48
N ALA A 43 -12.30 -5.39 -10.28
CA ALA A 43 -12.33 -6.78 -9.82
C ALA A 43 -10.92 -7.30 -9.54
N ALA A 44 -9.90 -6.66 -10.14
CA ALA A 44 -8.55 -7.23 -10.13
C ALA A 44 -7.99 -7.27 -8.70
N LEU A 45 -8.04 -6.14 -8.00
CA LEU A 45 -7.46 -6.07 -6.67
C LEU A 45 -8.26 -6.91 -5.67
N GLN A 46 -9.57 -7.06 -5.93
CA GLN A 46 -10.43 -7.82 -5.02
C GLN A 46 -9.95 -9.27 -4.91
N GLU A 47 -9.80 -9.94 -6.05
CA GLU A 47 -9.35 -11.34 -6.06
C GLU A 47 -7.95 -11.46 -5.45
N HIS A 48 -7.16 -10.39 -5.55
CA HIS A 48 -5.84 -10.36 -4.93
C HIS A 48 -5.94 -10.38 -3.41
N MET A 49 -6.81 -9.55 -2.86
CA MET A 49 -6.94 -9.41 -1.41
C MET A 49 -7.37 -10.72 -0.77
N LYS A 50 -8.21 -11.48 -1.48
CA LYS A 50 -8.69 -12.77 -0.98
C LYS A 50 -7.54 -13.77 -0.90
N ASN A 51 -6.61 -13.68 -1.84
CA ASN A 51 -5.42 -14.55 -1.84
C ASN A 51 -4.57 -14.28 -0.59
N PRO A 52 -4.09 -15.31 0.08
CA PRO A 52 -3.46 -15.15 1.43
C PRO A 52 -2.14 -14.38 1.36
N GLU A 53 -1.32 -14.69 0.36
CA GLU A 53 0.01 -14.07 0.25
C GLU A 53 -0.14 -12.59 -0.09
N VAL A 54 -1.05 -12.30 -1.01
CA VAL A 54 -1.32 -10.91 -1.38
C VAL A 54 -2.07 -10.21 -0.26
N PHE A 55 -2.92 -10.95 0.46
CA PHE A 55 -3.70 -10.37 1.56
C PHE A 55 -2.77 -9.66 2.56
N LYS A 56 -1.70 -10.34 2.96
CA LYS A 56 -0.72 -9.75 3.88
C LYS A 56 -0.10 -8.49 3.29
N LYS A 57 0.33 -8.58 2.03
CA LYS A 57 1.04 -7.46 1.38
C LYS A 57 0.13 -6.24 1.23
N ILE A 58 -1.04 -6.44 0.63
CA ILE A 58 -1.98 -5.35 0.38
C ILE A 58 -2.32 -4.61 1.69
N GLN A 59 -2.68 -5.38 2.72
CA GLN A 59 -3.06 -4.79 4.01
C GLN A 59 -1.93 -3.95 4.61
N THR A 60 -0.70 -4.43 4.50
CA THR A 60 0.45 -3.76 5.11
C THR A 60 0.56 -2.30 4.64
N LEU A 61 0.53 -2.09 3.32
CA LEU A 61 0.72 -0.73 2.79
C LEU A 61 -0.45 0.18 3.16
N ILE A 62 -1.66 -0.39 3.24
CA ILE A 62 -2.84 0.41 3.60
C ILE A 62 -2.73 0.92 5.04
N ALA A 63 -2.42 0.01 5.96
CA ALA A 63 -2.24 0.37 7.36
C ALA A 63 -1.10 1.37 7.54
N ALA A 64 -0.09 1.26 6.67
CA ALA A 64 1.05 2.18 6.69
C ALA A 64 0.68 3.56 6.14
N GLY A 65 -0.52 3.70 5.58
CA GLY A 65 -0.95 5.00 5.04
C GLY A 65 -0.23 5.33 3.73
N ILE A 66 0.24 4.30 3.03
CA ILE A 66 0.96 4.51 1.77
C ILE A 66 0.00 4.54 0.58
N ILE A 67 -1.13 3.82 0.71
CA ILE A 67 -2.10 3.73 -0.38
C ILE A 67 -3.48 4.11 0.14
N ARG A 68 -4.26 4.80 -0.69
CA ARG A 68 -5.59 5.26 -0.27
C ARG A 68 -6.66 4.28 -0.74
N THR A 69 -7.42 3.74 0.22
CA THR A 69 -8.50 2.81 -0.09
C THR A 69 -9.85 3.48 0.01
N GLY A 70 -9.96 4.48 0.89
CA GLY A 70 -11.24 5.18 1.09
C GLY A 70 -11.08 6.32 2.10
N ARG A 71 -12.21 6.82 2.59
CA ARG A 71 -12.18 7.92 3.56
C ARG A 71 -12.08 7.37 4.98
N GLN A 1 -10.92 25.52 -1.14
CA GLN A 1 -10.39 24.48 -0.25
C GLN A 1 -9.66 25.10 0.94
N PRO A 2 -10.21 25.03 2.13
CA PRO A 2 -9.57 25.64 3.34
C PRO A 2 -8.37 24.84 3.82
N GLY A 3 -7.21 25.50 3.89
CA GLY A 3 -5.99 24.85 4.35
C GLY A 3 -5.56 23.75 3.38
N THR A 4 -4.24 23.62 3.19
CA THR A 4 -3.70 22.60 2.29
C THR A 4 -2.37 22.08 2.83
N SER A 5 -2.04 20.83 2.49
CA SER A 5 -0.78 20.22 2.89
C SER A 5 -0.54 20.34 4.40
N ASN A 6 -1.63 20.35 5.17
CA ASN A 6 -1.54 20.49 6.62
C ASN A 6 -0.82 19.30 7.24
N GLU A 7 -1.16 18.10 6.76
CA GLU A 7 -0.53 16.88 7.26
C GLU A 7 0.64 16.48 6.36
N THR A 8 1.75 16.09 6.98
CA THR A 8 2.94 15.67 6.25
C THR A 8 2.78 14.23 5.73
N PRO A 9 2.80 14.04 4.41
CA PRO A 9 2.90 12.67 3.83
C PRO A 9 4.26 12.03 4.14
N GLU A 10 5.29 12.87 4.25
CA GLU A 10 6.65 12.38 4.49
C GLU A 10 6.74 11.62 5.81
N GLU A 11 5.93 12.02 6.79
CA GLU A 11 5.98 11.40 8.11
C GLU A 11 5.52 9.94 8.04
N THR A 12 4.38 9.72 7.38
CA THR A 12 3.82 8.38 7.26
C THR A 12 4.79 7.43 6.56
N TYR A 13 5.36 7.90 5.44
CA TYR A 13 6.28 7.08 4.65
C TYR A 13 7.47 6.59 5.48
N GLN A 14 8.20 7.52 6.11
CA GLN A 14 9.43 7.16 6.82
C GLN A 14 9.14 6.16 7.95
N ARG A 15 8.03 6.37 8.67
CA ARG A 15 7.64 5.46 9.74
C ARG A 15 7.46 4.04 9.19
N ALA A 16 6.70 3.94 8.09
CA ALA A 16 6.47 2.65 7.45
C ALA A 16 7.78 2.02 6.96
N MET A 17 8.71 2.88 6.53
CA MET A 17 9.98 2.42 5.99
C MET A 17 10.80 1.67 7.04
N LYS A 18 10.63 2.05 8.31
CA LYS A 18 11.31 1.36 9.40
C LYS A 18 10.69 -0.02 9.63
N ASP A 19 9.45 -0.21 9.18
CA ASP A 19 8.81 -1.51 9.26
C ASP A 19 9.28 -2.41 8.11
N PRO A 20 10.10 -3.41 8.38
CA PRO A 20 10.78 -4.19 7.30
C PRO A 20 9.79 -4.80 6.30
N GLU A 21 8.58 -5.07 6.76
CA GLU A 21 7.56 -5.67 5.89
C GLU A 21 7.16 -4.68 4.80
N VAL A 22 7.11 -3.40 5.14
CA VAL A 22 6.73 -2.36 4.20
C VAL A 22 7.79 -2.26 3.09
N ALA A 23 9.05 -2.21 3.48
CA ALA A 23 10.15 -2.03 2.54
C ALA A 23 10.15 -3.14 1.49
N ALA A 24 10.00 -4.38 1.97
CA ALA A 24 10.10 -5.55 1.09
C ALA A 24 8.98 -5.55 0.04
N ILE A 25 7.76 -5.24 0.47
CA ILE A 25 6.60 -5.28 -0.42
C ILE A 25 6.70 -4.18 -1.48
N MET A 26 7.21 -3.02 -1.11
CA MET A 26 7.37 -1.90 -2.05
C MET A 26 8.31 -2.28 -3.19
N GLN A 27 9.36 -3.04 -2.87
CA GLN A 27 10.29 -3.54 -3.88
C GLN A 27 9.80 -4.82 -4.56
N ASP A 28 8.58 -5.26 -4.23
CA ASP A 28 8.01 -6.48 -4.80
C ASP A 28 6.98 -6.10 -5.88
N PRO A 29 7.08 -6.65 -7.07
CA PRO A 29 6.35 -6.11 -8.26
C PRO A 29 4.85 -6.38 -8.22
N VAL A 30 4.41 -7.26 -7.31
CA VAL A 30 3.01 -7.73 -7.32
C VAL A 30 2.04 -6.54 -7.22
N MET A 31 2.32 -5.61 -6.32
CA MET A 31 1.37 -4.53 -6.03
C MET A 31 1.16 -3.65 -7.26
N GLN A 32 2.23 -3.43 -8.03
CA GLN A 32 2.12 -2.66 -9.27
C GLN A 32 1.13 -3.31 -10.23
N SER A 33 1.24 -4.64 -10.38
CA SER A 33 0.35 -5.38 -11.26
C SER A 33 -1.11 -5.27 -10.83
N ILE A 34 -1.36 -5.28 -9.52
CA ILE A 34 -2.74 -5.18 -9.00
C ILE A 34 -3.35 -3.85 -9.40
N LEU A 35 -2.61 -2.76 -9.20
CA LEU A 35 -3.11 -1.41 -9.52
C LEU A 35 -3.50 -1.31 -11.00
N GLN A 36 -2.58 -1.72 -11.88
CA GLN A 36 -2.84 -1.66 -13.32
C GLN A 36 -4.09 -2.46 -13.69
N GLN A 37 -4.16 -3.71 -13.20
CA GLN A 37 -5.26 -4.60 -13.55
C GLN A 37 -6.60 -4.01 -13.11
N ALA A 38 -6.62 -3.37 -11.94
CA ALA A 38 -7.84 -2.77 -11.41
C ALA A 38 -8.36 -1.66 -12.32
N GLN A 39 -7.45 -0.92 -12.94
CA GLN A 39 -7.85 0.17 -13.85
C GLN A 39 -8.56 -0.41 -15.07
N GLN A 40 -7.99 -1.47 -15.62
CA GLN A 40 -8.60 -2.18 -16.74
C GLN A 40 -9.83 -2.98 -16.28
N ASN A 41 -9.82 -3.41 -15.02
CA ASN A 41 -10.88 -4.27 -14.50
C ASN A 41 -10.86 -4.28 -12.96
N PRO A 42 -11.67 -3.46 -12.32
CA PRO A 42 -11.50 -3.18 -10.86
C PRO A 42 -11.67 -4.42 -9.98
N ALA A 43 -12.31 -5.46 -10.53
CA ALA A 43 -12.58 -6.67 -9.75
C ALA A 43 -11.29 -7.38 -9.35
N ALA A 44 -10.27 -7.30 -10.21
CA ALA A 44 -8.99 -7.96 -9.94
C ALA A 44 -8.39 -7.51 -8.61
N LEU A 45 -8.60 -6.24 -8.26
CA LEU A 45 -7.99 -5.69 -7.04
C LEU A 45 -8.62 -6.35 -5.81
N GLN A 46 -9.94 -6.59 -5.89
CA GLN A 46 -10.66 -7.21 -4.79
C GLN A 46 -10.11 -8.61 -4.49
N GLU A 47 -10.05 -9.45 -5.53
CA GLU A 47 -9.58 -10.83 -5.36
C GLU A 47 -8.13 -10.87 -4.84
N HIS A 48 -7.36 -9.82 -5.15
CA HIS A 48 -6.01 -9.70 -4.65
C HIS A 48 -5.99 -9.56 -3.12
N MET A 49 -6.89 -8.72 -2.59
CA MET A 49 -6.99 -8.55 -1.15
C MET A 49 -7.39 -9.86 -0.47
N LYS A 50 -8.27 -10.62 -1.13
CA LYS A 50 -8.71 -11.91 -0.61
C LYS A 50 -7.59 -12.95 -0.73
N ASN A 51 -6.80 -12.85 -1.81
CA ASN A 51 -5.68 -13.77 -2.03
C ASN A 51 -4.70 -13.73 -0.85
N PRO A 52 -4.24 -14.87 -0.38
CA PRO A 52 -3.48 -14.94 0.92
C PRO A 52 -2.16 -14.16 0.87
N GLU A 53 -1.37 -14.38 -0.18
CA GLU A 53 -0.05 -13.77 -0.27
C GLU A 53 -0.19 -12.25 -0.46
N VAL A 54 -1.12 -11.87 -1.32
CA VAL A 54 -1.36 -10.44 -1.58
C VAL A 54 -2.07 -9.82 -0.38
N PHE A 55 -2.92 -10.61 0.30
CA PHE A 55 -3.64 -10.13 1.48
C PHE A 55 -2.66 -9.54 2.51
N LYS A 56 -1.58 -10.26 2.78
CA LYS A 56 -0.55 -9.77 3.70
C LYS A 56 0.05 -8.45 3.19
N LYS A 57 0.38 -8.41 1.91
CA LYS A 57 1.05 -7.25 1.33
C LYS A 57 0.14 -6.01 1.34
N ILE A 58 -1.05 -6.15 0.78
CA ILE A 58 -1.99 -5.03 0.68
C ILE A 58 -2.28 -4.46 2.08
N GLN A 59 -2.51 -5.34 3.06
CA GLN A 59 -2.81 -4.91 4.43
C GLN A 59 -1.66 -4.09 5.01
N THR A 60 -0.42 -4.54 4.79
CA THR A 60 0.75 -3.92 5.41
C THR A 60 0.82 -2.42 5.10
N LEU A 61 0.72 -2.06 3.83
CA LEU A 61 0.89 -0.66 3.45
C LEU A 61 -0.27 0.21 3.92
N ILE A 62 -1.49 -0.35 3.93
CA ILE A 62 -2.66 0.40 4.36
C ILE A 62 -2.54 0.78 5.85
N ALA A 63 -2.15 -0.19 6.67
CA ALA A 63 -1.90 0.05 8.09
C ALA A 63 -0.78 1.07 8.27
N ALA A 64 0.19 1.04 7.36
CA ALA A 64 1.31 1.97 7.40
C ALA A 64 0.89 3.38 6.94
N GLY A 65 -0.34 3.53 6.44
CA GLY A 65 -0.84 4.84 6.01
C GLY A 65 -0.14 5.31 4.73
N ILE A 66 0.25 4.35 3.88
CA ILE A 66 0.96 4.69 2.65
C ILE A 66 -0.01 4.73 1.45
N ILE A 67 -1.05 3.89 1.50
CA ILE A 67 -1.97 3.77 0.37
C ILE A 67 -3.41 3.92 0.83
N ARG A 68 -4.23 4.57 -0.01
CA ARG A 68 -5.67 4.71 0.25
C ARG A 68 -5.94 5.51 1.53
N THR A 69 -5.80 4.86 2.69
CA THR A 69 -6.12 5.51 3.97
C THR A 69 -5.24 6.75 4.19
N GLY A 70 -3.95 6.60 3.89
CA GLY A 70 -3.02 7.73 4.01
C GLY A 70 -3.02 8.57 2.74
N ARG A 71 -3.22 9.87 2.90
CA ARG A 71 -3.23 10.79 1.76
C ARG A 71 -2.73 12.17 2.18
N GLN A 1 -13.12 22.34 1.28
CA GLN A 1 -11.68 22.37 1.05
C GLN A 1 -10.92 21.84 2.26
N PRO A 2 -9.72 21.34 2.08
CA PRO A 2 -8.91 20.80 3.22
C PRO A 2 -8.55 21.90 4.22
N GLY A 3 -8.64 21.57 5.51
CA GLY A 3 -8.33 22.53 6.56
C GLY A 3 -8.53 21.91 7.94
N THR A 4 -7.63 20.99 8.30
CA THR A 4 -7.70 20.33 9.61
C THR A 4 -6.31 19.96 10.09
N SER A 5 -5.64 19.07 9.36
CA SER A 5 -4.29 18.63 9.71
C SER A 5 -3.34 18.89 8.56
N ASN A 6 -2.06 19.13 8.89
CA ASN A 6 -1.05 19.39 7.86
C ASN A 6 -0.72 18.10 7.11
N GLU A 7 -1.26 17.98 5.89
CA GLU A 7 -1.05 16.79 5.08
C GLU A 7 0.43 16.66 4.69
N THR A 8 0.96 15.45 4.85
CA THR A 8 2.36 15.17 4.49
C THR A 8 2.51 13.70 4.08
N PRO A 9 2.23 13.38 2.83
CA PRO A 9 2.39 11.98 2.32
C PRO A 9 3.80 11.44 2.56
N GLU A 10 4.79 12.34 2.55
CA GLU A 10 6.18 11.94 2.77
C GLU A 10 6.36 11.32 4.15
N GLU A 11 5.63 11.84 5.14
CA GLU A 11 5.75 11.36 6.51
C GLU A 11 5.22 9.93 6.62
N THR A 12 4.10 9.67 5.96
CA THR A 12 3.49 8.34 5.99
C THR A 12 4.45 7.28 5.44
N TYR A 13 5.05 7.57 4.28
CA TYR A 13 5.97 6.63 3.64
C TYR A 13 7.14 6.27 4.55
N GLN A 14 7.87 7.28 5.05
CA GLN A 14 9.09 7.03 5.82
C GLN A 14 8.78 6.18 7.07
N ARG A 15 7.65 6.48 7.73
CA ARG A 15 7.24 5.71 8.91
C ARG A 15 7.09 4.23 8.54
N ALA A 16 6.37 3.98 7.44
CA ALA A 16 6.17 2.61 6.96
C ALA A 16 7.50 1.95 6.61
N MET A 17 8.44 2.75 6.09
CA MET A 17 9.73 2.23 5.65
C MET A 17 10.53 1.64 6.82
N LYS A 18 10.28 2.17 8.02
CA LYS A 18 10.90 1.60 9.23
C LYS A 18 10.30 0.22 9.53
N ASP A 19 9.09 -0.04 9.03
CA ASP A 19 8.47 -1.36 9.17
C ASP A 19 9.03 -2.31 8.10
N PRO A 20 9.72 -3.36 8.50
CA PRO A 20 10.45 -4.24 7.52
C PRO A 20 9.53 -4.81 6.45
N GLU A 21 8.28 -5.07 6.81
CA GLU A 21 7.34 -5.69 5.88
C GLU A 21 7.01 -4.73 4.74
N VAL A 22 6.90 -3.45 5.06
CA VAL A 22 6.58 -2.44 4.04
C VAL A 22 7.73 -2.32 3.05
N ALA A 23 8.96 -2.29 3.58
CA ALA A 23 10.14 -2.15 2.72
C ALA A 23 10.19 -3.27 1.68
N ALA A 24 9.91 -4.49 2.13
CA ALA A 24 9.96 -5.65 1.26
C ALA A 24 8.93 -5.55 0.13
N ILE A 25 7.73 -5.05 0.47
CA ILE A 25 6.64 -4.96 -0.50
C ILE A 25 6.97 -3.97 -1.62
N MET A 26 7.49 -2.81 -1.25
CA MET A 26 7.83 -1.78 -2.25
C MET A 26 8.91 -2.28 -3.21
N GLN A 27 9.80 -3.13 -2.70
CA GLN A 27 10.81 -3.77 -3.56
C GLN A 27 10.27 -5.03 -4.24
N ASP A 28 8.98 -5.33 -4.03
CA ASP A 28 8.37 -6.52 -4.63
C ASP A 28 7.31 -6.08 -5.66
N PRO A 29 7.42 -6.51 -6.90
CA PRO A 29 6.63 -5.90 -8.03
C PRO A 29 5.14 -6.26 -7.99
N VAL A 30 4.77 -7.25 -7.17
CA VAL A 30 3.41 -7.80 -7.21
C VAL A 30 2.37 -6.71 -6.97
N MET A 31 2.51 -5.99 -5.87
CA MET A 31 1.46 -5.06 -5.44
C MET A 31 1.33 -3.90 -6.42
N GLN A 32 2.45 -3.51 -7.04
CA GLN A 32 2.41 -2.47 -8.06
C GLN A 32 1.48 -2.87 -9.21
N SER A 33 1.62 -4.12 -9.65
CA SER A 33 0.78 -4.65 -10.73
C SER A 33 -0.70 -4.67 -10.33
N ILE A 34 -0.99 -5.06 -9.09
CA ILE A 34 -2.38 -5.16 -8.64
C ILE A 34 -3.08 -3.80 -8.67
N LEU A 35 -2.40 -2.78 -8.15
CA LEU A 35 -2.95 -1.42 -8.14
C LEU A 35 -3.25 -0.93 -9.56
N GLN A 36 -2.30 -1.15 -10.47
CA GLN A 36 -2.50 -0.77 -11.87
C GLN A 36 -3.76 -1.43 -12.43
N GLN A 37 -3.88 -2.73 -12.23
CA GLN A 37 -5.02 -3.49 -12.76
C GLN A 37 -6.35 -2.96 -12.20
N ALA A 38 -6.33 -2.56 -10.92
CA ALA A 38 -7.54 -2.04 -10.27
C ALA A 38 -8.03 -0.77 -10.96
N GLN A 39 -7.09 0.04 -11.46
CA GLN A 39 -7.46 1.25 -12.19
C GLN A 39 -8.15 0.90 -13.50
N GLN A 40 -7.58 -0.11 -14.18
CA GLN A 40 -8.17 -0.60 -15.43
C GLN A 40 -9.50 -1.30 -15.17
N ASN A 41 -9.60 -1.99 -14.02
CA ASN A 41 -10.81 -2.73 -13.68
C ASN A 41 -10.84 -3.04 -12.18
N PRO A 42 -11.91 -2.69 -11.49
CA PRO A 42 -11.92 -2.72 -9.99
C PRO A 42 -11.87 -4.14 -9.41
N ALA A 43 -12.21 -5.13 -10.24
CA ALA A 43 -12.25 -6.52 -9.79
C ALA A 43 -10.84 -7.06 -9.50
N ALA A 44 -9.83 -6.43 -10.09
CA ALA A 44 -8.48 -7.02 -10.09
C ALA A 44 -7.93 -7.12 -8.67
N LEU A 45 -7.96 -6.02 -7.93
CA LEU A 45 -7.39 -6.01 -6.59
C LEU A 45 -8.23 -6.86 -5.63
N GLN A 46 -9.54 -6.96 -5.91
CA GLN A 46 -10.43 -7.75 -5.04
C GLN A 46 -9.97 -9.20 -4.97
N GLU A 47 -9.80 -9.83 -6.14
CA GLU A 47 -9.39 -11.24 -6.19
C GLU A 47 -8.01 -11.42 -5.56
N HIS A 48 -7.19 -10.38 -5.60
CA HIS A 48 -5.88 -10.40 -4.96
C HIS A 48 -6.02 -10.46 -3.44
N MET A 49 -6.91 -9.62 -2.89
CA MET A 49 -7.06 -9.52 -1.44
C MET A 49 -7.54 -10.84 -0.84
N LYS A 50 -8.36 -11.58 -1.60
CA LYS A 50 -8.89 -12.86 -1.12
C LYS A 50 -7.77 -13.89 -1.00
N ASN A 51 -6.77 -13.80 -1.89
CA ASN A 51 -5.61 -14.70 -1.84
C ASN A 51 -4.77 -14.41 -0.58
N PRO A 52 -4.33 -15.44 0.13
CA PRO A 52 -3.71 -15.25 1.48
C PRO A 52 -2.37 -14.52 1.41
N GLU A 53 -1.56 -14.87 0.41
CA GLU A 53 -0.21 -14.31 0.31
C GLU A 53 -0.30 -12.81 -0.03
N VAL A 54 -1.19 -12.49 -0.95
CA VAL A 54 -1.41 -11.09 -1.32
C VAL A 54 -2.14 -10.37 -0.19
N PHE A 55 -3.01 -11.09 0.52
CA PHE A 55 -3.79 -10.49 1.62
C PHE A 55 -2.86 -9.80 2.63
N LYS A 56 -1.80 -10.49 3.02
CA LYS A 56 -0.81 -9.91 3.94
C LYS A 56 -0.17 -8.66 3.33
N LYS A 57 0.25 -8.77 2.07
CA LYS A 57 0.97 -7.68 1.41
C LYS A 57 0.08 -6.44 1.24
N ILE A 58 -1.11 -6.64 0.68
CA ILE A 58 -2.05 -5.53 0.42
C ILE A 58 -2.35 -4.78 1.72
N GLN A 59 -2.70 -5.53 2.77
CA GLN A 59 -3.05 -4.93 4.06
C GLN A 59 -1.90 -4.07 4.62
N THR A 60 -0.67 -4.56 4.47
CA THR A 60 0.49 -3.89 5.05
C THR A 60 0.59 -2.43 4.58
N LEU A 61 0.52 -2.22 3.26
CA LEU A 61 0.70 -0.87 2.72
C LEU A 61 -0.47 0.04 3.12
N ILE A 62 -1.66 -0.54 3.23
CA ILE A 62 -2.85 0.25 3.61
C ILE A 62 -2.71 0.74 5.05
N ALA A 63 -2.40 -0.17 5.97
CA ALA A 63 -2.21 0.18 7.38
C ALA A 63 -1.08 1.19 7.55
N ALA A 64 -0.09 1.14 6.65
CA ALA A 64 1.04 2.06 6.69
C ALA A 64 0.64 3.45 6.17
N GLY A 65 -0.59 3.61 5.68
CA GLY A 65 -1.05 4.90 5.15
C GLY A 65 -0.40 5.22 3.80
N ILE A 66 0.06 4.19 3.10
CA ILE A 66 0.71 4.37 1.80
C ILE A 66 -0.34 4.34 0.67
N ILE A 67 -1.46 3.66 0.91
CA ILE A 67 -2.50 3.52 -0.09
C ILE A 67 -3.82 4.05 0.46
N ARG A 68 -4.56 4.78 -0.38
CA ARG A 68 -5.83 5.38 0.05
C ARG A 68 -7.00 4.52 -0.39
N THR A 69 -7.89 4.20 0.55
CA THR A 69 -9.07 3.40 0.25
C THR A 69 -10.34 4.13 0.70
N GLY A 70 -11.49 3.70 0.19
CA GLY A 70 -12.76 4.30 0.56
C GLY A 70 -13.12 5.43 -0.41
N ARG A 71 -14.41 5.79 -0.42
CA ARG A 71 -14.88 6.87 -1.29
C ARG A 71 -16.09 7.57 -0.67
N GLN A 1 2.71 31.10 15.34
CA GLN A 1 2.88 29.93 16.21
C GLN A 1 3.65 28.83 15.48
N PRO A 2 4.30 27.94 16.21
CA PRO A 2 5.03 26.79 15.59
C PRO A 2 4.07 25.79 14.94
N GLY A 3 4.52 25.16 13.86
CA GLY A 3 3.70 24.20 13.14
C GLY A 3 2.68 24.90 12.27
N THR A 4 3.17 25.65 11.28
CA THR A 4 2.28 26.39 10.38
C THR A 4 1.82 25.50 9.22
N SER A 5 2.66 24.55 8.82
CA SER A 5 2.31 23.63 7.74
C SER A 5 1.65 22.37 8.30
N ASN A 6 0.60 21.92 7.62
CA ASN A 6 -0.13 20.72 8.05
C ASN A 6 -0.13 19.66 6.96
N GLU A 7 -0.42 18.42 7.35
CA GLU A 7 -0.45 17.29 6.39
C GLU A 7 0.94 17.04 5.82
N THR A 8 1.40 15.79 5.96
CA THR A 8 2.73 15.42 5.50
C THR A 8 2.76 13.94 5.07
N PRO A 9 2.49 13.66 3.82
CA PRO A 9 2.65 12.27 3.27
C PRO A 9 4.05 11.73 3.47
N GLU A 10 5.04 12.62 3.49
CA GLU A 10 6.44 12.24 3.69
C GLU A 10 6.62 11.53 5.03
N GLU A 11 5.87 11.98 6.04
CA GLU A 11 5.98 11.40 7.38
C GLU A 11 5.48 9.96 7.39
N THR A 12 4.37 9.72 6.68
CA THR A 12 3.78 8.37 6.63
C THR A 12 4.76 7.37 6.03
N TYR A 13 5.41 7.75 4.93
CA TYR A 13 6.37 6.88 4.26
C TYR A 13 7.52 6.50 5.18
N GLN A 14 8.12 7.49 5.85
CA GLN A 14 9.27 7.25 6.72
C GLN A 14 8.91 6.24 7.82
N ARG A 15 7.75 6.42 8.45
CA ARG A 15 7.32 5.52 9.52
C ARG A 15 7.23 4.09 9.01
N ALA A 16 6.57 3.92 7.86
CA ALA A 16 6.40 2.60 7.25
C ALA A 16 7.76 1.99 6.91
N MET A 17 8.69 2.84 6.48
CA MET A 17 10.01 2.38 6.04
C MET A 17 10.78 1.70 7.18
N LYS A 18 10.52 2.14 8.42
CA LYS A 18 11.13 1.51 9.58
C LYS A 18 10.53 0.12 9.83
N ASP A 19 9.32 -0.10 9.33
CA ASP A 19 8.69 -1.41 9.42
C ASP A 19 9.20 -2.33 8.29
N PRO A 20 9.97 -3.35 8.63
CA PRO A 20 10.65 -4.18 7.59
C PRO A 20 9.68 -4.80 6.58
N GLU A 21 8.45 -5.05 7.02
CA GLU A 21 7.45 -5.67 6.15
C GLU A 21 7.07 -4.71 5.02
N VAL A 22 7.04 -3.42 5.33
CA VAL A 22 6.70 -2.40 4.33
C VAL A 22 7.78 -2.36 3.25
N ALA A 23 9.04 -2.32 3.67
CA ALA A 23 10.16 -2.18 2.74
C ALA A 23 10.17 -3.33 1.73
N ALA A 24 10.01 -4.55 2.25
CA ALA A 24 10.11 -5.75 1.41
C ALA A 24 9.03 -5.77 0.34
N ILE A 25 7.80 -5.43 0.71
CA ILE A 25 6.67 -5.48 -0.21
C ILE A 25 6.82 -4.42 -1.31
N MET A 26 7.29 -3.23 -0.94
CA MET A 26 7.45 -2.14 -1.91
C MET A 26 8.44 -2.53 -3.02
N GLN A 27 9.44 -3.32 -2.65
CA GLN A 27 10.40 -3.82 -3.63
C GLN A 27 9.88 -5.08 -4.36
N ASP A 28 8.64 -5.47 -4.08
CA ASP A 28 8.04 -6.64 -4.72
C ASP A 28 7.01 -6.18 -5.76
N PRO A 29 7.12 -6.66 -7.00
CA PRO A 29 6.42 -6.02 -8.16
C PRO A 29 4.90 -6.24 -8.16
N VAL A 30 4.43 -7.17 -7.33
CA VAL A 30 3.03 -7.62 -7.40
C VAL A 30 2.07 -6.44 -7.28
N MET A 31 2.30 -5.57 -6.31
CA MET A 31 1.33 -4.53 -5.97
C MET A 31 1.15 -3.55 -7.12
N GLN A 32 2.24 -3.24 -7.83
CA GLN A 32 2.16 -2.39 -9.02
C GLN A 32 1.22 -3.01 -10.06
N SER A 33 1.35 -4.33 -10.23
CA SER A 33 0.48 -5.07 -11.15
C SER A 33 -0.99 -4.96 -10.74
N ILE A 34 -1.27 -5.04 -9.43
CA ILE A 34 -2.66 -5.01 -8.96
C ILE A 34 -3.31 -3.66 -9.30
N LEU A 35 -2.60 -2.57 -9.02
CA LEU A 35 -3.12 -1.23 -9.30
C LEU A 35 -3.49 -1.07 -10.77
N GLN A 36 -2.57 -1.47 -11.66
CA GLN A 36 -2.82 -1.39 -13.10
C GLN A 36 -4.09 -2.17 -13.48
N GLN A 37 -4.17 -3.41 -13.02
CA GLN A 37 -5.28 -4.28 -13.37
C GLN A 37 -6.62 -3.70 -12.91
N ALA A 38 -6.63 -3.10 -11.73
CA ALA A 38 -7.85 -2.52 -11.17
C ALA A 38 -8.37 -1.37 -12.04
N GLN A 39 -7.45 -0.63 -12.66
CA GLN A 39 -7.85 0.47 -13.55
C GLN A 39 -8.56 -0.08 -14.77
N GLN A 40 -8.02 -1.18 -15.31
CA GLN A 40 -8.65 -1.86 -16.44
C GLN A 40 -9.90 -2.62 -15.99
N ASN A 41 -9.91 -3.08 -14.73
CA ASN A 41 -11.00 -3.91 -14.23
C ASN A 41 -10.98 -3.95 -12.70
N PRO A 42 -11.87 -3.25 -12.03
CA PRO A 42 -11.76 -3.01 -10.55
C PRO A 42 -11.84 -4.31 -9.74
N ALA A 43 -12.35 -5.38 -10.34
CA ALA A 43 -12.51 -6.66 -9.65
C ALA A 43 -11.14 -7.27 -9.31
N ALA A 44 -10.13 -6.98 -10.13
CA ALA A 44 -8.80 -7.56 -9.95
C ALA A 44 -8.26 -7.33 -8.53
N LEU A 45 -8.36 -6.09 -8.05
CA LEU A 45 -7.77 -5.77 -6.74
C LEU A 45 -8.53 -6.46 -5.62
N GLN A 46 -9.82 -6.72 -5.83
CA GLN A 46 -10.64 -7.39 -4.81
C GLN A 46 -10.13 -8.80 -4.54
N GLU A 47 -9.98 -9.60 -5.60
CA GLU A 47 -9.50 -10.97 -5.46
C GLU A 47 -8.07 -11.00 -4.89
N HIS A 48 -7.32 -9.93 -5.14
CA HIS A 48 -5.97 -9.80 -4.59
C HIS A 48 -6.02 -9.72 -3.07
N MET A 49 -6.94 -8.92 -2.53
CA MET A 49 -7.08 -8.78 -1.09
C MET A 49 -7.47 -10.11 -0.45
N LYS A 50 -8.29 -10.88 -1.15
CA LYS A 50 -8.68 -12.22 -0.68
C LYS A 50 -7.53 -13.21 -0.85
N ASN A 51 -6.74 -13.02 -1.91
CA ASN A 51 -5.58 -13.88 -2.18
C ASN A 51 -4.58 -13.83 -1.01
N PRO A 52 -4.08 -14.97 -0.56
CA PRO A 52 -3.32 -15.04 0.73
C PRO A 52 -2.00 -14.27 0.69
N GLU A 53 -1.23 -14.46 -0.37
CA GLU A 53 0.09 -13.83 -0.48
C GLU A 53 -0.07 -12.32 -0.65
N VAL A 54 -1.04 -11.94 -1.47
CA VAL A 54 -1.31 -10.53 -1.69
C VAL A 54 -1.98 -9.94 -0.44
N PHE A 55 -2.79 -10.74 0.25
CA PHE A 55 -3.50 -10.28 1.45
C PHE A 55 -2.51 -9.68 2.46
N LYS A 56 -1.39 -10.36 2.67
CA LYS A 56 -0.33 -9.83 3.53
C LYS A 56 0.18 -8.50 3.01
N LYS A 57 0.43 -8.43 1.70
CA LYS A 57 1.01 -7.23 1.09
C LYS A 57 0.08 -6.02 1.21
N ILE A 58 -1.16 -6.20 0.74
CA ILE A 58 -2.12 -5.09 0.70
C ILE A 58 -2.35 -4.53 2.11
N GLN A 59 -2.57 -5.42 3.08
CA GLN A 59 -2.85 -4.99 4.45
C GLN A 59 -1.70 -4.16 5.02
N THR A 60 -0.47 -4.63 4.83
CA THR A 60 0.70 -3.99 5.44
C THR A 60 0.78 -2.51 5.06
N LEU A 61 0.70 -2.20 3.78
CA LEU A 61 0.94 -0.83 3.33
C LEU A 61 -0.21 0.10 3.71
N ILE A 62 -1.45 -0.41 3.71
CA ILE A 62 -2.61 0.40 4.09
C ILE A 62 -2.52 0.78 5.57
N ALA A 63 -2.18 -0.18 6.42
CA ALA A 63 -1.95 0.08 7.84
C ALA A 63 -0.83 1.11 8.03
N ALA A 64 0.14 1.08 7.11
CA ALA A 64 1.23 2.05 7.13
C ALA A 64 0.79 3.43 6.60
N GLY A 65 -0.46 3.54 6.14
CA GLY A 65 -0.98 4.82 5.62
C GLY A 65 -0.32 5.19 4.29
N ILE A 66 0.10 4.19 3.53
CA ILE A 66 0.82 4.44 2.28
C ILE A 66 -0.13 4.40 1.08
N ILE A 67 -1.09 3.48 1.11
CA ILE A 67 -1.93 3.23 -0.06
C ILE A 67 -3.41 3.20 0.32
N ARG A 68 -4.25 3.81 -0.53
CA ARG A 68 -5.70 3.78 -0.36
C ARG A 68 -6.12 4.18 1.07
N THR A 69 -5.73 5.39 1.47
CA THR A 69 -6.02 5.87 2.83
C THR A 69 -6.03 7.39 2.86
N GLY A 70 -6.92 7.95 3.69
CA GLY A 70 -7.03 9.41 3.80
C GLY A 70 -7.61 10.01 2.53
N ARG A 71 -8.94 10.02 2.43
CA ARG A 71 -9.61 10.55 1.26
C ARG A 71 -10.96 11.17 1.65
N GLN A 1 12.75 18.37 18.57
CA GLN A 1 11.51 17.61 18.39
C GLN A 1 10.43 18.46 17.72
N PRO A 2 9.54 17.86 16.97
CA PRO A 2 8.45 18.61 16.27
C PRO A 2 7.32 18.99 17.23
N GLY A 3 7.11 18.17 18.26
CA GLY A 3 6.05 18.43 19.23
C GLY A 3 4.86 17.50 18.99
N THR A 4 4.60 17.18 17.72
CA THR A 4 3.50 16.29 17.37
C THR A 4 3.88 15.41 16.18
N SER A 5 3.11 14.35 15.95
CA SER A 5 3.38 13.43 14.84
C SER A 5 2.21 13.43 13.86
N ASN A 6 2.25 14.37 12.90
CA ASN A 6 1.22 14.46 11.88
C ASN A 6 1.60 15.48 10.81
N GLU A 7 2.30 15.00 9.77
CA GLU A 7 2.76 15.87 8.70
C GLU A 7 2.31 15.34 7.34
N THR A 8 2.79 15.96 6.26
CA THR A 8 2.35 15.60 4.91
C THR A 8 2.79 14.18 4.55
N PRO A 9 2.19 13.59 3.52
CA PRO A 9 2.28 12.11 3.26
C PRO A 9 3.72 11.59 3.26
N GLU A 10 4.69 12.47 3.01
CA GLU A 10 6.10 12.08 3.08
C GLU A 10 6.44 11.51 4.46
N GLU A 11 5.73 12.00 5.48
CA GLU A 11 5.92 11.51 6.84
C GLU A 11 5.50 10.05 6.96
N THR A 12 4.33 9.73 6.38
CA THR A 12 3.80 8.37 6.46
C THR A 12 4.74 7.36 5.82
N TYR A 13 5.27 7.71 4.65
CA TYR A 13 6.17 6.82 3.92
C TYR A 13 7.42 6.48 4.74
N GLN A 14 8.07 7.50 5.29
CA GLN A 14 9.30 7.29 6.08
C GLN A 14 9.04 6.36 7.26
N ARG A 15 7.95 6.63 8.01
CA ARG A 15 7.62 5.82 9.18
C ARG A 15 7.43 4.35 8.78
N ALA A 16 6.65 4.14 7.73
CA ALA A 16 6.38 2.77 7.26
C ALA A 16 7.66 2.10 6.78
N MET A 17 8.56 2.88 6.19
CA MET A 17 9.80 2.35 5.63
C MET A 17 10.68 1.72 6.72
N LYS A 18 10.56 2.22 7.94
CA LYS A 18 11.28 1.64 9.08
C LYS A 18 10.66 0.30 9.48
N ASP A 19 9.40 0.06 9.08
CA ASP A 19 8.75 -1.21 9.34
C ASP A 19 9.22 -2.26 8.32
N PRO A 20 9.91 -3.31 8.78
CA PRO A 20 10.57 -4.28 7.84
C PRO A 20 9.59 -4.90 6.84
N GLU A 21 8.36 -5.13 7.28
CA GLU A 21 7.36 -5.75 6.41
C GLU A 21 7.01 -4.83 5.25
N VAL A 22 6.95 -3.53 5.53
CA VAL A 22 6.62 -2.55 4.50
C VAL A 22 7.73 -2.51 3.44
N ALA A 23 8.97 -2.45 3.91
CA ALA A 23 10.12 -2.32 3.00
C ALA A 23 10.14 -3.47 1.99
N ALA A 24 9.95 -4.68 2.50
CA ALA A 24 10.06 -5.89 1.68
C ALA A 24 8.99 -5.91 0.58
N ILE A 25 7.76 -5.59 0.95
CA ILE A 25 6.64 -5.66 0.01
C ILE A 25 6.78 -4.59 -1.08
N MET A 26 7.09 -3.35 -0.68
CA MET A 26 7.16 -2.24 -1.63
C MET A 26 8.22 -2.49 -2.71
N GLN A 27 9.27 -3.22 -2.35
CA GLN A 27 10.28 -3.62 -3.33
C GLN A 27 9.86 -4.85 -4.15
N ASP A 28 8.63 -5.33 -3.92
CA ASP A 28 8.11 -6.49 -4.65
C ASP A 28 7.14 -6.01 -5.74
N PRO A 29 7.32 -6.41 -6.98
CA PRO A 29 6.62 -5.78 -8.15
C PRO A 29 5.12 -6.12 -8.21
N VAL A 30 4.70 -7.13 -7.44
CA VAL A 30 3.33 -7.64 -7.54
C VAL A 30 2.31 -6.50 -7.36
N MET A 31 2.54 -5.65 -6.37
CA MET A 31 1.55 -4.65 -5.99
C MET A 31 1.34 -3.64 -7.11
N GLN A 32 2.42 -3.30 -7.83
CA GLN A 32 2.31 -2.41 -8.99
C GLN A 32 1.35 -3.01 -10.02
N SER A 33 1.48 -4.32 -10.25
CA SER A 33 0.58 -5.02 -11.17
C SER A 33 -0.88 -4.93 -10.71
N ILE A 34 -1.13 -5.09 -9.41
CA ILE A 34 -2.48 -5.08 -8.88
C ILE A 34 -3.15 -3.72 -9.13
N LEU A 35 -2.44 -2.64 -8.80
CA LEU A 35 -2.98 -1.29 -8.96
C LEU A 35 -3.36 -1.01 -10.41
N GLN A 36 -2.46 -1.34 -11.34
CA GLN A 36 -2.73 -1.13 -12.76
C GLN A 36 -3.98 -1.88 -13.20
N GLN A 37 -4.05 -3.16 -12.86
CA GLN A 37 -5.15 -4.01 -13.27
C GLN A 37 -6.49 -3.48 -12.74
N ALA A 38 -6.46 -2.98 -11.50
CA ALA A 38 -7.67 -2.45 -10.86
C ALA A 38 -8.22 -1.25 -11.63
N GLN A 39 -7.32 -0.44 -12.19
CA GLN A 39 -7.73 0.72 -12.98
C GLN A 39 -8.47 0.27 -14.23
N GLN A 40 -7.98 -0.81 -14.83
CA GLN A 40 -8.64 -1.40 -16.00
C GLN A 40 -9.99 -2.01 -15.61
N ASN A 41 -10.07 -2.55 -14.38
CA ASN A 41 -11.31 -3.18 -13.92
C ASN A 41 -11.28 -3.36 -12.39
N PRO A 42 -12.31 -2.92 -11.69
CA PRO A 42 -12.26 -2.85 -10.19
C PRO A 42 -12.14 -4.23 -9.52
N ALA A 43 -12.50 -5.28 -10.26
CA ALA A 43 -12.47 -6.64 -9.72
C ALA A 43 -11.03 -7.10 -9.45
N ALA A 44 -10.06 -6.47 -10.12
CA ALA A 44 -8.68 -6.99 -10.12
C ALA A 44 -8.09 -6.99 -8.71
N LEU A 45 -8.14 -5.84 -8.05
CA LEU A 45 -7.52 -5.72 -6.73
C LEU A 45 -8.29 -6.54 -5.69
N GLN A 46 -9.60 -6.70 -5.90
CA GLN A 46 -10.43 -7.45 -4.95
C GLN A 46 -9.95 -8.90 -4.83
N GLU A 47 -9.82 -9.58 -5.97
CA GLU A 47 -9.39 -10.98 -5.97
C GLU A 47 -7.98 -11.12 -5.39
N HIS A 48 -7.18 -10.06 -5.52
CA HIS A 48 -5.84 -10.04 -4.94
C HIS A 48 -5.92 -10.08 -3.41
N MET A 49 -6.76 -9.22 -2.83
CA MET A 49 -6.85 -9.13 -1.37
C MET A 49 -7.33 -10.45 -0.76
N LYS A 50 -8.20 -11.15 -1.48
CA LYS A 50 -8.72 -12.44 -1.00
C LYS A 50 -7.61 -13.49 -1.01
N ASN A 51 -6.68 -13.38 -1.96
CA ASN A 51 -5.55 -14.29 -2.04
C ASN A 51 -4.64 -14.12 -0.81
N PRO A 52 -4.20 -15.20 -0.20
CA PRO A 52 -3.51 -15.14 1.13
C PRO A 52 -2.17 -14.39 1.06
N GLU A 53 -1.41 -14.66 0.01
CA GLU A 53 -0.07 -14.08 -0.11
C GLU A 53 -0.17 -12.58 -0.34
N VAL A 54 -1.09 -12.20 -1.23
CA VAL A 54 -1.31 -10.78 -1.51
C VAL A 54 -2.03 -10.14 -0.32
N PHE A 55 -2.89 -10.91 0.36
CA PHE A 55 -3.64 -10.40 1.51
C PHE A 55 -2.69 -9.77 2.54
N LYS A 56 -1.60 -10.48 2.86
CA LYS A 56 -0.58 -9.95 3.76
C LYS A 56 0.01 -8.65 3.21
N LYS A 57 0.36 -8.66 1.93
CA LYS A 57 1.03 -7.52 1.31
C LYS A 57 0.13 -6.28 1.29
N ILE A 58 -1.07 -6.43 0.74
CA ILE A 58 -2.00 -5.32 0.58
C ILE A 58 -2.30 -4.68 1.94
N GLN A 59 -2.60 -5.51 2.94
CA GLN A 59 -2.94 -5.02 4.28
C GLN A 59 -1.81 -4.20 4.89
N THR A 60 -0.57 -4.68 4.73
CA THR A 60 0.59 -4.04 5.36
C THR A 60 0.69 -2.57 4.98
N LEU A 61 0.65 -2.27 3.69
CA LEU A 61 0.85 -0.88 3.24
C LEU A 61 -0.31 0.01 3.66
N ILE A 62 -1.53 -0.53 3.68
CA ILE A 62 -2.71 0.26 4.06
C ILE A 62 -2.59 0.71 5.52
N ALA A 63 -2.25 -0.22 6.41
CA ALA A 63 -2.03 0.11 7.82
C ALA A 63 -0.89 1.10 7.97
N ALA A 64 0.11 0.99 7.10
CA ALA A 64 1.26 1.90 7.12
C ALA A 64 0.89 3.30 6.60
N GLY A 65 -0.31 3.45 6.03
CA GLY A 65 -0.76 4.75 5.52
C GLY A 65 -0.02 5.14 4.24
N ILE A 66 0.45 4.15 3.49
CA ILE A 66 1.15 4.41 2.23
C ILE A 66 0.16 4.44 1.06
N ILE A 67 -0.93 3.67 1.18
CA ILE A 67 -1.91 3.56 0.10
C ILE A 67 -3.31 3.87 0.63
N ARG A 68 -4.11 4.56 -0.19
CA ARG A 68 -5.46 4.95 0.22
C ARG A 68 -6.48 3.94 -0.28
N THR A 69 -7.21 3.32 0.66
CA THR A 69 -8.23 2.34 0.31
C THR A 69 -9.63 2.87 0.66
N GLY A 70 -9.71 3.65 1.74
CA GLY A 70 -10.99 4.19 2.18
C GLY A 70 -11.84 3.11 2.85
N ARG A 71 -11.32 2.51 3.91
CA ARG A 71 -12.03 1.45 4.62
C ARG A 71 -12.94 2.04 5.68
N GLN A 1 2.74 13.63 25.24
CA GLN A 1 3.46 13.39 24.00
C GLN A 1 2.82 12.22 23.24
N PRO A 2 1.88 12.49 22.36
CA PRO A 2 1.19 11.40 21.59
C PRO A 2 2.16 10.67 20.66
N GLY A 3 3.13 11.40 20.12
CA GLY A 3 4.13 10.82 19.24
C GLY A 3 3.51 10.39 17.91
N THR A 4 2.77 11.31 17.28
CA THR A 4 2.12 11.02 16.01
C THR A 4 2.13 12.26 15.11
N SER A 5 2.08 12.04 13.79
CA SER A 5 2.07 13.13 12.83
C SER A 5 1.01 12.91 11.77
N ASN A 6 0.50 14.00 11.20
CA ASN A 6 -0.55 13.91 10.17
C ASN A 6 -0.30 14.92 9.05
N GLU A 7 0.98 15.14 8.73
CA GLU A 7 1.36 16.10 7.70
C GLU A 7 2.30 15.46 6.69
N THR A 8 2.46 16.10 5.53
CA THR A 8 3.32 15.59 4.44
C THR A 8 3.02 14.12 4.12
N PRO A 9 2.38 13.85 2.99
CA PRO A 9 2.35 12.46 2.42
C PRO A 9 3.74 11.83 2.38
N GLU A 10 4.76 12.69 2.24
CA GLU A 10 6.15 12.23 2.33
C GLU A 10 6.44 11.63 3.71
N GLU A 11 5.83 12.21 4.75
CA GLU A 11 6.01 11.69 6.10
C GLU A 11 5.36 10.31 6.23
N THR A 12 4.23 10.12 5.56
CA THR A 12 3.54 8.83 5.58
C THR A 12 4.43 7.71 5.04
N TYR A 13 5.01 7.93 3.85
CA TYR A 13 5.87 6.94 3.22
C TYR A 13 7.05 6.55 4.12
N GLN A 14 7.82 7.53 4.57
CA GLN A 14 9.04 7.23 5.34
C GLN A 14 8.73 6.44 6.61
N ARG A 15 7.66 6.82 7.31
CA ARG A 15 7.29 6.14 8.54
C ARG A 15 7.01 4.66 8.27
N ALA A 16 6.19 4.40 7.24
CA ALA A 16 5.87 3.03 6.86
C ALA A 16 7.12 2.26 6.42
N MET A 17 8.05 2.99 5.79
CA MET A 17 9.27 2.37 5.27
C MET A 17 10.15 1.80 6.39
N LYS A 18 10.02 2.37 7.60
CA LYS A 18 10.74 1.84 8.76
C LYS A 18 10.15 0.49 9.19
N ASP A 19 8.92 0.21 8.77
CA ASP A 19 8.30 -1.08 9.03
C ASP A 19 8.81 -2.12 8.02
N PRO A 20 9.47 -3.17 8.48
CA PRO A 20 10.23 -4.08 7.56
C PRO A 20 9.34 -4.68 6.46
N GLU A 21 8.07 -4.91 6.78
CA GLU A 21 7.17 -5.56 5.83
C GLU A 21 6.88 -4.64 4.65
N VAL A 22 6.72 -3.35 4.93
CA VAL A 22 6.45 -2.37 3.88
C VAL A 22 7.65 -2.27 2.93
N ALA A 23 8.85 -2.23 3.50
CA ALA A 23 10.07 -2.14 2.70
C ALA A 23 10.14 -3.29 1.70
N ALA A 24 9.81 -4.49 2.18
CA ALA A 24 9.89 -5.70 1.36
C ALA A 24 8.97 -5.61 0.15
N ILE A 25 7.74 -5.12 0.36
CA ILE A 25 6.75 -5.06 -0.72
C ILE A 25 7.18 -4.08 -1.81
N MET A 26 7.59 -2.88 -1.41
CA MET A 26 7.96 -1.84 -2.39
C MET A 26 9.13 -2.31 -3.26
N GLN A 27 9.99 -3.16 -2.72
CA GLN A 27 11.06 -3.77 -3.50
C GLN A 27 10.60 -5.03 -4.24
N ASP A 28 9.31 -5.36 -4.13
CA ASP A 28 8.76 -6.56 -4.75
C ASP A 28 7.58 -6.20 -5.65
N PRO A 29 7.58 -6.66 -6.89
CA PRO A 29 6.73 -6.05 -7.96
C PRO A 29 5.23 -6.38 -7.81
N VAL A 30 4.91 -7.34 -6.95
CA VAL A 30 3.55 -7.92 -6.93
C VAL A 30 2.50 -6.84 -6.69
N MET A 31 2.65 -6.10 -5.60
CA MET A 31 1.58 -5.19 -5.19
C MET A 31 1.44 -4.02 -6.14
N GLN A 32 2.56 -3.62 -6.78
CA GLN A 32 2.52 -2.56 -7.79
C GLN A 32 1.59 -2.95 -8.94
N SER A 33 1.72 -4.19 -9.42
CA SER A 33 0.89 -4.69 -10.51
C SER A 33 -0.58 -4.72 -10.12
N ILE A 34 -0.87 -5.12 -8.88
CA ILE A 34 -2.26 -5.21 -8.42
C ILE A 34 -2.94 -3.83 -8.45
N LEU A 35 -2.23 -2.82 -7.95
CA LEU A 35 -2.77 -1.46 -7.92
C LEU A 35 -3.07 -0.95 -9.33
N GLN A 36 -2.12 -1.16 -10.25
CA GLN A 36 -2.32 -0.74 -11.64
C GLN A 36 -3.58 -1.37 -12.23
N GLN A 37 -3.72 -2.69 -12.05
CA GLN A 37 -4.87 -3.41 -12.57
C GLN A 37 -6.17 -2.87 -11.99
N ALA A 38 -6.14 -2.46 -10.72
CA ALA A 38 -7.32 -1.92 -10.06
C ALA A 38 -7.78 -0.63 -10.73
N GLN A 39 -6.83 0.18 -11.21
CA GLN A 39 -7.16 1.43 -11.87
C GLN A 39 -7.87 1.17 -13.20
N GLN A 40 -7.36 0.18 -13.94
CA GLN A 40 -8.00 -0.23 -15.20
C GLN A 40 -9.34 -0.89 -14.93
N ASN A 41 -9.44 -1.63 -13.83
CA ASN A 41 -10.68 -2.30 -13.47
C ASN A 41 -10.69 -2.65 -11.97
N PRO A 42 -11.70 -2.24 -11.24
CA PRO A 42 -11.67 -2.31 -9.74
C PRO A 42 -11.69 -3.74 -9.21
N ALA A 43 -12.02 -4.71 -10.07
CA ALA A 43 -12.14 -6.11 -9.64
C ALA A 43 -10.76 -6.72 -9.37
N ALA A 44 -9.71 -6.14 -9.95
CA ALA A 44 -8.39 -6.78 -9.94
C ALA A 44 -7.85 -6.95 -8.53
N LEU A 45 -7.82 -5.86 -7.76
CA LEU A 45 -7.28 -5.91 -6.42
C LEU A 45 -8.16 -6.76 -5.49
N GLN A 46 -9.47 -6.81 -5.78
CA GLN A 46 -10.40 -7.60 -4.97
C GLN A 46 -10.01 -9.08 -4.99
N GLU A 47 -9.85 -9.64 -6.18
CA GLU A 47 -9.51 -11.06 -6.30
C GLU A 47 -8.15 -11.35 -5.68
N HIS A 48 -7.28 -10.33 -5.67
CA HIS A 48 -5.97 -10.44 -5.01
C HIS A 48 -6.13 -10.56 -3.50
N MET A 49 -7.01 -9.75 -2.91
CA MET A 49 -7.22 -9.75 -1.46
C MET A 49 -7.76 -11.11 -0.98
N LYS A 50 -8.52 -11.79 -1.85
CA LYS A 50 -9.07 -13.10 -1.50
C LYS A 50 -7.95 -14.14 -1.37
N ASN A 51 -6.92 -13.99 -2.21
CA ASN A 51 -5.75 -14.87 -2.15
C ASN A 51 -4.97 -14.63 -0.85
N PRO A 52 -4.51 -15.68 -0.19
CA PRO A 52 -3.93 -15.56 1.18
C PRO A 52 -2.57 -14.84 1.19
N GLU A 53 -1.71 -15.18 0.23
CA GLU A 53 -0.37 -14.62 0.19
C GLU A 53 -0.44 -13.13 -0.12
N VAL A 54 -1.31 -12.76 -1.04
CA VAL A 54 -1.51 -11.37 -1.39
C VAL A 54 -2.25 -10.66 -0.26
N PHE A 55 -3.15 -11.38 0.43
CA PHE A 55 -3.93 -10.79 1.52
C PHE A 55 -3.00 -10.14 2.56
N LYS A 56 -1.93 -10.86 2.93
CA LYS A 56 -0.94 -10.31 3.86
C LYS A 56 -0.30 -9.04 3.29
N LYS A 57 0.14 -9.11 2.03
CA LYS A 57 0.87 -7.99 1.42
C LYS A 57 -0.02 -6.74 1.29
N ILE A 58 -1.21 -6.92 0.73
CA ILE A 58 -2.13 -5.79 0.52
C ILE A 58 -2.42 -5.08 1.85
N GLN A 59 -2.76 -5.88 2.88
CA GLN A 59 -3.07 -5.32 4.20
C GLN A 59 -1.87 -4.55 4.77
N THR A 60 -0.66 -5.01 4.46
CA THR A 60 0.55 -4.39 5.01
C THR A 60 0.62 -2.90 4.69
N LEU A 61 0.46 -2.55 3.41
CA LEU A 61 0.56 -1.14 3.02
C LEU A 61 -0.61 -0.32 3.55
N ILE A 62 -1.79 -0.95 3.67
CA ILE A 62 -2.97 -0.24 4.17
C ILE A 62 -2.77 0.16 5.64
N ALA A 63 -2.37 -0.82 6.46
CA ALA A 63 -2.14 -0.56 7.89
C ALA A 63 -1.03 0.48 8.09
N ALA A 64 -0.06 0.49 7.17
CA ALA A 64 1.01 1.48 7.21
C ALA A 64 0.52 2.86 6.75
N GLY A 65 -0.73 2.95 6.28
CA GLY A 65 -1.31 4.23 5.89
C GLY A 65 -0.72 4.75 4.57
N ILE A 66 -0.25 3.83 3.73
CA ILE A 66 0.28 4.23 2.42
C ILE A 66 -0.86 4.30 1.39
N ILE A 67 -1.47 3.16 1.12
CA ILE A 67 -2.54 3.09 0.12
C ILE A 67 -3.90 3.33 0.78
N ARG A 68 -4.70 4.18 0.12
CA ARG A 68 -6.04 4.49 0.62
C ARG A 68 -7.09 3.70 -0.13
N THR A 69 -8.14 3.28 0.58
CA THR A 69 -9.23 2.52 -0.03
C THR A 69 -10.51 3.34 -0.05
N GLY A 70 -11.50 2.88 -0.81
CA GLY A 70 -12.77 3.59 -0.93
C GLY A 70 -13.64 2.97 -2.02
N ARG A 71 -14.81 3.57 -2.24
CA ARG A 71 -15.74 3.08 -3.26
C ARG A 71 -16.55 4.23 -3.84
N GLN A 1 3.32 23.08 20.43
CA GLN A 1 4.13 22.04 21.05
C GLN A 1 4.06 20.74 20.24
N PRO A 2 4.94 20.56 19.27
CA PRO A 2 4.93 19.33 18.42
C PRO A 2 5.23 18.07 19.22
N GLY A 3 4.64 16.95 18.79
CA GLY A 3 4.83 15.68 19.47
C GLY A 3 3.57 14.82 19.39
N THR A 4 2.41 15.46 19.54
CA THR A 4 1.14 14.75 19.48
C THR A 4 0.61 14.74 18.05
N SER A 5 -0.38 13.86 17.80
CA SER A 5 -0.99 13.75 16.47
C SER A 5 0.06 13.35 15.42
N ASN A 6 -0.41 13.12 14.19
CA ASN A 6 0.48 12.72 13.11
C ASN A 6 0.90 13.94 12.29
N GLU A 7 2.20 14.02 11.98
CA GLU A 7 2.71 15.15 11.19
C GLU A 7 3.59 14.62 10.04
N THR A 8 3.72 15.45 8.99
CA THR A 8 4.51 15.09 7.80
C THR A 8 4.13 13.70 7.27
N PRO A 9 3.47 13.64 6.13
CA PRO A 9 3.38 12.37 5.33
C PRO A 9 4.76 11.71 5.15
N GLU A 10 5.80 12.53 5.17
CA GLU A 10 7.17 12.02 5.15
C GLU A 10 7.45 11.18 6.40
N GLU A 11 6.87 11.59 7.53
CA GLU A 11 7.05 10.84 8.77
C GLU A 11 6.39 9.46 8.65
N THR A 12 5.22 9.41 8.01
CA THR A 12 4.49 8.15 7.84
C THR A 12 5.33 7.14 7.06
N TYR A 13 5.93 7.61 5.95
CA TYR A 13 6.75 6.73 5.12
C TYR A 13 7.91 6.13 5.92
N GLN A 14 8.63 6.98 6.66
CA GLN A 14 9.80 6.51 7.43
C GLN A 14 9.40 5.42 8.42
N ARG A 15 8.27 5.60 9.10
CA ARG A 15 7.79 4.61 10.07
C ARG A 15 7.58 3.27 9.37
N ALA A 16 6.88 3.29 8.25
CA ALA A 16 6.59 2.08 7.49
C ALA A 16 7.90 1.43 7.00
N MET A 17 8.88 2.26 6.65
CA MET A 17 10.14 1.78 6.10
C MET A 17 10.89 0.92 7.11
N LYS A 18 10.69 1.18 8.41
CA LYS A 18 11.27 0.34 9.45
C LYS A 18 10.56 -1.01 9.50
N ASP A 19 9.34 -1.07 8.99
CA ASP A 19 8.60 -2.34 8.89
C ASP A 19 9.03 -3.10 7.64
N PRO A 20 9.64 -4.26 7.78
CA PRO A 20 10.23 -5.01 6.62
C PRO A 20 9.20 -5.30 5.53
N GLU A 21 7.96 -5.56 5.94
CA GLU A 21 6.92 -5.93 4.99
C GLU A 21 6.59 -4.75 4.06
N VAL A 22 6.68 -3.54 4.60
CA VAL A 22 6.44 -2.34 3.79
C VAL A 22 7.51 -2.21 2.71
N ALA A 23 8.76 -2.44 3.08
CA ALA A 23 9.87 -2.34 2.14
C ALA A 23 9.65 -3.28 0.95
N ALA A 24 9.24 -4.51 1.26
CA ALA A 24 9.07 -5.54 0.23
C ALA A 24 8.04 -5.11 -0.83
N ILE A 25 6.92 -4.57 -0.38
CA ILE A 25 5.85 -4.17 -1.30
C ILE A 25 6.28 -2.94 -2.12
N MET A 26 6.75 -1.91 -1.43
CA MET A 26 7.10 -0.64 -2.07
C MET A 26 8.28 -0.81 -3.04
N GLN A 27 8.97 -1.95 -2.99
CA GLN A 27 10.03 -2.26 -3.94
C GLN A 27 9.47 -2.62 -5.33
N ASP A 28 8.16 -2.41 -5.54
CA ASP A 28 7.54 -2.29 -6.88
C ASP A 28 6.66 -3.49 -7.21
N PRO A 29 7.24 -4.64 -7.49
CA PRO A 29 6.64 -5.62 -8.45
C PRO A 29 5.19 -5.97 -8.14
N VAL A 30 4.89 -6.26 -6.88
CA VAL A 30 3.57 -6.77 -6.51
C VAL A 30 2.48 -5.72 -6.80
N MET A 31 2.68 -4.51 -6.30
CA MET A 31 1.64 -3.49 -6.40
C MET A 31 1.44 -3.04 -7.85
N GLN A 32 2.51 -3.04 -8.65
CA GLN A 32 2.40 -2.68 -10.05
C GLN A 32 1.44 -3.62 -10.78
N SER A 33 1.59 -4.92 -10.54
CA SER A 33 0.73 -5.91 -11.16
C SER A 33 -0.75 -5.69 -10.80
N ILE A 34 -1.03 -5.49 -9.50
CA ILE A 34 -2.40 -5.33 -9.04
C ILE A 34 -3.05 -4.10 -9.69
N LEU A 35 -2.33 -2.98 -9.66
CA LEU A 35 -2.87 -1.72 -10.18
C LEU A 35 -3.27 -1.84 -11.65
N GLN A 36 -2.35 -2.33 -12.48
CA GLN A 36 -2.60 -2.48 -13.91
C GLN A 36 -3.85 -3.35 -14.14
N GLN A 37 -3.87 -4.52 -13.50
CA GLN A 37 -4.96 -5.48 -13.71
C GLN A 37 -6.31 -4.88 -13.32
N ALA A 38 -6.32 -4.11 -12.22
CA ALA A 38 -7.56 -3.51 -11.74
C ALA A 38 -8.14 -2.52 -12.75
N GLN A 39 -7.26 -1.83 -13.48
CA GLN A 39 -7.71 -0.87 -14.49
C GLN A 39 -8.42 -1.61 -15.63
N GLN A 40 -7.84 -2.73 -16.04
CA GLN A 40 -8.45 -3.59 -17.04
C GLN A 40 -9.65 -4.35 -16.46
N ASN A 41 -9.64 -4.58 -15.15
CA ASN A 41 -10.69 -5.36 -14.51
C ASN A 41 -10.71 -5.09 -12.99
N PRO A 42 -11.57 -4.18 -12.54
CA PRO A 42 -11.54 -3.72 -11.11
C PRO A 42 -11.71 -4.87 -10.10
N ALA A 43 -12.27 -5.99 -10.57
CA ALA A 43 -12.44 -7.16 -9.70
C ALA A 43 -11.08 -7.76 -9.30
N ALA A 44 -10.07 -7.58 -10.14
CA ALA A 44 -8.74 -8.13 -9.87
C ALA A 44 -8.21 -7.71 -8.49
N LEU A 45 -8.32 -6.43 -8.16
CA LEU A 45 -7.77 -5.94 -6.90
C LEU A 45 -8.54 -6.49 -5.70
N GLN A 46 -9.84 -6.75 -5.91
CA GLN A 46 -10.68 -7.30 -4.84
C GLN A 46 -10.17 -8.68 -4.41
N GLU A 47 -10.03 -9.58 -5.37
CA GLU A 47 -9.56 -10.94 -5.09
C GLU A 47 -8.16 -10.92 -4.48
N HIS A 48 -7.38 -9.91 -4.82
CA HIS A 48 -6.05 -9.73 -4.24
C HIS A 48 -6.13 -9.50 -2.73
N MET A 49 -7.06 -8.64 -2.30
CA MET A 49 -7.25 -8.39 -0.88
C MET A 49 -7.69 -9.67 -0.16
N LYS A 50 -8.49 -10.48 -0.84
CA LYS A 50 -8.90 -11.77 -0.30
C LYS A 50 -7.75 -12.77 -0.34
N ASN A 51 -6.93 -12.69 -1.38
CA ASN A 51 -5.78 -13.59 -1.54
C ASN A 51 -4.81 -13.44 -0.35
N PRO A 52 -4.33 -14.53 0.20
CA PRO A 52 -3.58 -14.48 1.50
C PRO A 52 -2.28 -13.67 1.40
N GLU A 53 -1.51 -13.92 0.35
CA GLU A 53 -0.19 -13.29 0.22
C GLU A 53 -0.35 -11.79 -0.03
N VAL A 54 -1.26 -11.44 -0.93
CA VAL A 54 -1.51 -10.04 -1.24
C VAL A 54 -2.27 -9.38 -0.08
N PHE A 55 -3.13 -10.15 0.59
CA PHE A 55 -3.87 -9.65 1.74
C PHE A 55 -2.92 -9.04 2.79
N LYS A 56 -1.83 -9.75 3.07
CA LYS A 56 -0.81 -9.24 4.00
C LYS A 56 -0.23 -7.93 3.49
N LYS A 57 0.12 -7.90 2.21
CA LYS A 57 0.78 -6.74 1.61
C LYS A 57 -0.14 -5.51 1.61
N ILE A 58 -1.33 -5.68 1.05
CA ILE A 58 -2.30 -4.58 0.94
C ILE A 58 -2.58 -3.96 2.32
N GLN A 59 -2.80 -4.84 3.31
CA GLN A 59 -3.07 -4.38 4.67
C GLN A 59 -1.91 -3.56 5.24
N THR A 60 -0.68 -4.04 4.99
CA THR A 60 0.51 -3.43 5.59
C THR A 60 0.61 -1.93 5.26
N LEU A 61 0.51 -1.59 3.98
CA LEU A 61 0.71 -0.19 3.58
C LEU A 61 -0.43 0.70 4.08
N ILE A 62 -1.65 0.17 4.08
CA ILE A 62 -2.81 0.95 4.53
C ILE A 62 -2.70 1.26 6.02
N ALA A 63 -2.40 0.23 6.83
CA ALA A 63 -2.22 0.41 8.27
C ALA A 63 -1.05 1.35 8.58
N ALA A 64 -0.04 1.32 7.71
CA ALA A 64 1.16 2.14 7.89
C ALA A 64 0.92 3.61 7.55
N GLY A 65 -0.30 3.95 7.09
CA GLY A 65 -0.62 5.34 6.76
C GLY A 65 0.06 5.80 5.47
N ILE A 66 0.40 4.85 4.60
CA ILE A 66 1.00 5.18 3.31
C ILE A 66 -0.08 5.39 2.25
N ILE A 67 -1.21 4.71 2.42
CA ILE A 67 -2.28 4.74 1.42
C ILE A 67 -3.60 5.17 2.07
N ARG A 68 -4.35 6.02 1.38
CA ARG A 68 -5.61 6.52 1.93
C ARG A 68 -6.79 5.72 1.37
N THR A 69 -7.58 5.13 2.27
CA THR A 69 -8.77 4.37 1.87
C THR A 69 -9.98 4.82 2.66
N GLY A 70 -11.17 4.49 2.15
CA GLY A 70 -12.41 4.86 2.82
C GLY A 70 -13.07 3.65 3.48
N ARG A 71 -12.37 3.08 4.47
CA ARG A 71 -12.89 1.90 5.19
C ARG A 71 -13.09 0.74 4.23
#